data_9OLQ
#
_entry.id   9OLQ
#
_cell.length_a   285.580
_cell.length_b   96.403
_cell.length_c   74.693
_cell.angle_alpha   90.000
_cell.angle_beta   90.391
_cell.angle_gamma   90.000
#
_symmetry.space_group_name_H-M   'C 1 2 1'
#
loop_
_entity.id
_entity.type
_entity.pdbx_description
1 polymer 'Designed allosteric facilitated dissociation switch AS1 H'
2 polymer 'Designed allosteric facilitated dissociation switch AS1 T'
3 polymer 'Designed allosteric facilitated dissociation switch AS1 E'
#
loop_
_entity_poly.entity_id
_entity_poly.type
_entity_poly.pdbx_seq_one_letter_code
_entity_poly.pdbx_strand_id
1 'polypeptide(L)'
;MSGSMKEEIKRLAEELKEKTKNEEIKRLAEEAAELAERSDDPEVLEVVLKALWEALKSKNEEKIELLLLVAVLVAEAGSV
DAVEEKLEIALLALKLAEESKDPRIIRGALRAAIAALRSDDPLALKTVKEALERARASKDERLIRAILAAAYAFALLAVA
GASAERLKEAEAIVWYLIAAAEKGASPQELVLLVIEMMVKGMGVTMETHRSGNEVKVVIKGLHESQQEVLLEAVLFAAEL
MGVRVRIRFKGDTVTIVVREGSGMSG
;
A,D,G,J,M
2 'polypeptide(L)'
;EEAVRRRFEELLREALAFRERTGGRRETLEHAVRLARELAEFAASHPEFNRQEAVLLAIELMVRAMGVTMETHRSGNEVK
VVIKGLNIDEQVALYRAVRETSKIMGVETEIEVEGDTQTIVVREGSG
;
B,E,H,K,N
3 'polypeptide(L)' EERKKELAKEVIETAKKLIEKLAKEE C,F,I,L,O
#
# COMPACT_ATOMS: atom_id res chain seq x y z
N SER A 4 0.19 -29.23 41.53
CA SER A 4 -0.13 -28.93 40.15
C SER A 4 1.11 -28.52 39.37
N MET A 5 1.02 -28.52 38.04
CA MET A 5 2.14 -28.06 37.22
C MET A 5 2.41 -26.57 37.43
N LYS A 6 1.38 -25.80 37.78
CA LYS A 6 1.59 -24.41 38.13
C LYS A 6 2.19 -24.25 39.52
N GLU A 7 1.96 -25.25 40.40
CA GLU A 7 2.52 -25.18 41.74
C GLU A 7 4.04 -25.24 41.73
N GLU A 8 4.60 -26.06 40.84
CA GLU A 8 6.05 -26.09 40.67
C GLU A 8 6.57 -24.76 40.13
N ILE A 9 5.83 -24.14 39.22
CA ILE A 9 6.27 -22.90 38.61
C ILE A 9 6.36 -21.80 39.67
N LYS A 10 5.38 -21.73 40.57
CA LYS A 10 5.42 -20.72 41.63
C LYS A 10 6.57 -20.98 42.59
N ARG A 11 6.84 -22.25 42.90
CA ARG A 11 7.92 -22.58 43.82
C ARG A 11 9.27 -22.23 43.22
N LEU A 12 9.51 -22.62 41.97
CA LEU A 12 10.80 -22.35 41.34
C LEU A 12 10.97 -20.86 41.02
N ALA A 13 9.88 -20.15 40.74
CA ALA A 13 9.99 -18.73 40.47
C ALA A 13 10.30 -17.95 41.74
N GLU A 14 9.59 -18.23 42.83
CA GLU A 14 9.88 -17.57 44.09
C GLU A 14 11.24 -18.00 44.64
N GLU A 15 11.67 -19.22 44.34
CA GLU A 15 12.99 -19.68 44.77
C GLU A 15 14.11 -19.06 43.94
N LEU A 16 13.80 -18.42 42.82
CA LEU A 16 14.80 -17.75 42.01
C LEU A 16 14.96 -16.28 42.39
N LYS A 17 13.92 -15.65 42.94
CA LYS A 17 14.04 -14.25 43.34
C LYS A 17 14.93 -14.09 44.58
N GLU A 18 14.99 -15.13 45.42
CA GLU A 18 15.87 -15.11 46.58
C GLU A 18 17.30 -15.52 46.24
N LYS A 19 17.61 -15.67 44.95
CA LYS A 19 18.94 -16.08 44.50
C LYS A 19 19.65 -14.91 43.82
N THR A 20 19.17 -14.48 42.65
CA THR A 20 19.80 -13.38 41.94
C THR A 20 19.42 -12.05 42.58
N LYS A 21 20.33 -11.08 42.49
CA LYS A 21 20.10 -9.74 43.00
C LYS A 21 19.98 -8.71 41.88
N ASN A 22 19.57 -9.16 40.70
CA ASN A 22 19.24 -8.28 39.59
C ASN A 22 17.73 -8.09 39.57
N GLU A 23 17.29 -6.84 39.70
CA GLU A 23 15.85 -6.57 39.72
C GLU A 23 15.18 -6.98 38.41
N GLU A 24 15.94 -7.04 37.31
CA GLU A 24 15.36 -7.50 36.05
C GLU A 24 14.97 -8.97 36.13
N ILE A 25 15.80 -9.80 36.77
CA ILE A 25 15.46 -11.21 36.95
C ILE A 25 14.23 -11.35 37.84
N LYS A 26 14.07 -10.45 38.81
CA LYS A 26 12.96 -10.55 39.75
C LYS A 26 11.62 -10.30 39.05
N ARG A 27 11.54 -9.24 38.24
CA ARG A 27 10.28 -8.90 37.61
C ARG A 27 9.90 -9.90 36.52
N LEU A 28 10.89 -10.44 35.80
CA LEU A 28 10.60 -11.34 34.70
C LEU A 28 10.20 -12.72 35.19
N ALA A 29 10.90 -13.26 36.20
CA ALA A 29 10.54 -14.56 36.74
C ALA A 29 9.16 -14.52 37.38
N GLU A 30 8.83 -13.44 38.07
CA GLU A 30 7.50 -13.30 38.65
C GLU A 30 6.45 -13.13 37.56
N GLU A 31 6.77 -12.37 36.51
CA GLU A 31 5.83 -12.17 35.41
C GLU A 31 5.59 -13.46 34.65
N ALA A 32 6.62 -14.28 34.50
CA ALA A 32 6.46 -15.55 33.78
C ALA A 32 5.55 -16.50 34.56
N ALA A 33 5.69 -16.53 35.89
CA ALA A 33 4.85 -17.39 36.70
C ALA A 33 3.39 -16.94 36.66
N GLU A 34 3.16 -15.62 36.71
CA GLU A 34 1.79 -15.10 36.69
C GLU A 34 1.08 -15.45 35.38
N LEU A 35 1.79 -15.36 34.26
CA LEU A 35 1.19 -15.72 32.98
C LEU A 35 0.92 -17.22 32.87
N ALA A 36 1.66 -18.04 33.61
CA ALA A 36 1.50 -19.48 33.54
C ALA A 36 0.24 -19.98 34.23
N GLU A 37 -0.34 -19.18 35.13
CA GLU A 37 -1.56 -19.62 35.82
C GLU A 37 -2.79 -19.52 34.93
N ARG A 38 -2.80 -18.59 33.98
CA ARG A 38 -3.90 -18.53 33.02
C ARG A 38 -3.80 -19.67 32.02
N SER A 39 -2.62 -19.92 31.48
CA SER A 39 -2.43 -20.93 30.45
C SER A 39 -2.64 -22.31 31.05
N ASP A 40 -3.72 -22.97 30.65
CA ASP A 40 -3.97 -24.35 31.02
C ASP A 40 -3.35 -25.34 30.04
N ASP A 41 -2.61 -24.85 29.05
CA ASP A 41 -1.95 -25.73 28.10
C ASP A 41 -0.79 -26.44 28.79
N PRO A 42 -0.80 -27.77 28.88
CA PRO A 42 0.32 -28.44 29.55
C PRO A 42 1.63 -28.30 28.80
N GLU A 43 1.60 -28.09 27.49
CA GLU A 43 2.83 -27.90 26.74
C GLU A 43 3.49 -26.57 27.06
N VAL A 44 2.70 -25.54 27.33
CA VAL A 44 3.27 -24.25 27.72
C VAL A 44 3.80 -24.33 29.15
N LEU A 45 3.08 -25.02 30.03
CA LEU A 45 3.55 -25.23 31.39
C LEU A 45 4.85 -26.01 31.42
N GLU A 46 5.10 -26.85 30.40
CA GLU A 46 6.36 -27.57 30.32
C GLU A 46 7.50 -26.65 29.90
N VAL A 47 7.23 -25.71 28.99
CA VAL A 47 8.28 -24.81 28.56
C VAL A 47 8.64 -23.84 29.69
N VAL A 48 7.64 -23.41 30.46
CA VAL A 48 7.92 -22.54 31.59
C VAL A 48 8.67 -23.29 32.68
N LEU A 49 8.27 -24.54 32.94
CA LEU A 49 8.94 -25.33 33.98
C LEU A 49 10.35 -25.70 33.56
N LYS A 50 10.56 -25.96 32.26
CA LYS A 50 11.90 -26.28 31.78
C LYS A 50 12.80 -25.05 31.77
N ALA A 51 12.25 -23.90 31.39
CA ALA A 51 13.06 -22.68 31.39
C ALA A 51 13.41 -22.23 32.80
N LEU A 52 12.46 -22.39 33.74
CA LEU A 52 12.73 -21.99 35.12
C LEU A 52 13.76 -22.90 35.77
N TRP A 53 13.58 -24.22 35.62
CA TRP A 53 14.54 -25.15 36.21
C TRP A 53 15.92 -25.03 35.57
N GLU A 54 15.98 -24.68 34.29
CA GLU A 54 17.25 -24.46 33.63
C GLU A 54 17.85 -23.09 33.95
N ALA A 55 17.03 -22.13 34.39
CA ALA A 55 17.57 -20.83 34.76
C ALA A 55 18.07 -20.81 36.20
N LEU A 56 17.52 -21.65 37.07
CA LEU A 56 18.03 -21.78 38.42
C LEU A 56 19.45 -22.34 38.41
N LYS A 57 19.71 -23.34 37.56
CA LYS A 57 21.02 -23.97 37.51
C LYS A 57 22.06 -23.03 36.90
N SER A 58 21.70 -22.30 35.85
CA SER A 58 22.61 -21.34 35.25
C SER A 58 22.73 -20.10 36.13
N LYS A 59 23.93 -19.52 36.15
CA LYS A 59 24.21 -18.36 36.98
C LYS A 59 24.91 -17.25 36.20
N ASN A 60 24.71 -17.20 34.89
CA ASN A 60 25.24 -16.10 34.10
C ASN A 60 24.42 -14.83 34.27
N GLU A 61 23.18 -14.96 34.75
CA GLU A 61 22.24 -13.87 34.99
C GLU A 61 21.71 -13.29 33.68
N GLU A 62 22.60 -12.91 32.77
CA GLU A 62 22.13 -12.51 31.44
C GLU A 62 21.53 -13.69 30.69
N LYS A 63 22.05 -14.90 30.93
CA LYS A 63 21.39 -16.09 30.40
C LYS A 63 20.08 -16.37 31.12
N ILE A 64 19.99 -16.04 32.40
CA ILE A 64 18.72 -16.16 33.12
C ILE A 64 17.71 -15.17 32.54
N GLU A 65 18.17 -14.00 32.11
CA GLU A 65 17.29 -13.05 31.43
C GLU A 65 16.71 -13.66 30.16
N LEU A 66 17.59 -14.10 29.26
CA LEU A 66 17.13 -14.62 27.98
C LEU A 66 16.30 -15.88 28.16
N LEU A 67 16.60 -16.70 29.16
CA LEU A 67 15.78 -17.88 29.42
C LEU A 67 14.39 -17.49 29.94
N LEU A 68 14.32 -16.51 30.84
CA LEU A 68 13.03 -16.06 31.33
C LEU A 68 12.24 -15.32 30.26
N LEU A 69 12.93 -14.65 29.34
CA LEU A 69 12.26 -13.98 28.23
C LEU A 69 11.48 -14.98 27.38
N VAL A 70 12.08 -16.13 27.10
CA VAL A 70 11.38 -17.18 26.37
C VAL A 70 10.20 -17.69 27.19
N ALA A 71 10.35 -17.74 28.52
CA ALA A 71 9.25 -18.21 29.36
C ALA A 71 8.07 -17.25 29.31
N VAL A 72 8.34 -15.95 29.29
CA VAL A 72 7.26 -14.96 29.23
C VAL A 72 6.63 -14.97 27.84
N LEU A 73 7.44 -15.13 26.79
CA LEU A 73 6.90 -15.09 25.43
C LEU A 73 6.05 -16.31 25.14
N VAL A 74 6.54 -17.50 25.48
CA VAL A 74 5.77 -18.72 25.24
C VAL A 74 4.55 -18.78 26.14
N ALA A 75 4.52 -18.01 27.23
CA ALA A 75 3.34 -18.01 28.09
C ALA A 75 2.27 -17.07 27.54
N GLU A 76 2.66 -15.91 27.03
CA GLU A 76 1.69 -15.01 26.42
C GLU A 76 1.05 -15.64 25.19
N ALA A 77 1.80 -16.48 24.46
CA ALA A 77 1.22 -17.18 23.33
C ALA A 77 0.30 -18.31 23.80
N GLY A 78 0.61 -18.93 24.93
CA GLY A 78 -0.25 -19.95 25.51
C GLY A 78 -1.50 -19.41 26.17
N SER A 79 -1.63 -18.07 26.23
CA SER A 79 -2.85 -17.45 26.75
C SER A 79 -4.08 -18.01 26.04
N VAL A 80 -5.14 -18.23 26.82
CA VAL A 80 -6.33 -18.89 26.29
C VAL A 80 -6.89 -18.08 25.12
N ASP A 81 -7.30 -18.80 24.08
CA ASP A 81 -7.83 -18.22 22.85
C ASP A 81 -6.82 -17.22 22.26
N ALA A 82 -5.74 -17.77 21.73
CA ALA A 82 -4.67 -16.98 21.13
C ALA A 82 -4.82 -16.98 19.62
N VAL A 83 -4.83 -15.77 19.03
CA VAL A 83 -4.96 -15.64 17.59
C VAL A 83 -3.73 -16.22 16.91
N GLU A 84 -3.95 -16.76 15.69
CA GLU A 84 -2.85 -17.37 14.94
C GLU A 84 -1.69 -16.41 14.74
N GLU A 85 -1.98 -15.16 14.38
CA GLU A 85 -0.92 -14.19 14.10
C GLU A 85 -0.02 -13.99 15.31
N LYS A 86 -0.60 -14.05 16.52
CA LYS A 86 0.22 -13.98 17.73
C LYS A 86 1.27 -15.08 17.75
N LEU A 87 0.84 -16.34 17.58
CA LEU A 87 1.78 -17.44 17.57
C LEU A 87 2.81 -17.29 16.45
N GLU A 88 2.40 -16.70 15.32
CA GLU A 88 3.33 -16.48 14.22
C GLU A 88 4.42 -15.50 14.63
N ILE A 89 4.03 -14.40 15.28
CA ILE A 89 5.02 -13.41 15.73
C ILE A 89 6.04 -14.05 16.66
N ALA A 90 5.56 -14.91 17.56
CA ALA A 90 6.46 -15.53 18.55
C ALA A 90 7.46 -16.46 17.87
N LEU A 91 6.99 -17.27 16.91
CA LEU A 91 7.89 -18.18 16.22
C LEU A 91 8.99 -17.43 15.48
N LEU A 92 8.65 -16.28 14.88
CA LEU A 92 9.66 -15.47 14.23
C LEU A 92 10.71 -14.98 15.23
N ALA A 93 10.27 -14.53 16.40
CA ALA A 93 11.22 -14.05 17.40
C ALA A 93 12.06 -15.19 17.97
N LEU A 94 11.42 -16.33 18.24
CA LEU A 94 12.15 -17.48 18.77
C LEU A 94 13.17 -17.99 17.77
N LYS A 95 12.80 -18.08 16.50
CA LYS A 95 13.74 -18.50 15.47
C LYS A 95 14.86 -17.48 15.31
N LEU A 96 14.50 -16.19 15.26
CA LEU A 96 15.51 -15.15 15.07
C LEU A 96 16.50 -15.13 16.22
N ALA A 97 16.04 -15.42 17.44
CA ALA A 97 16.95 -15.47 18.58
C ALA A 97 17.90 -16.65 18.47
N GLU A 98 17.43 -17.77 17.91
CA GLU A 98 18.30 -18.93 17.74
C GLU A 98 19.27 -18.73 16.58
N GLU A 99 18.92 -17.88 15.62
CA GLU A 99 19.73 -17.66 14.42
C GLU A 99 20.72 -16.52 14.57
N SER A 100 20.92 -16.00 15.78
CA SER A 100 21.86 -14.92 16.01
C SER A 100 22.58 -15.15 17.34
N LYS A 101 23.85 -14.73 17.38
CA LYS A 101 24.68 -14.93 18.56
C LYS A 101 24.74 -13.71 19.46
N ASP A 102 24.47 -12.52 18.93
CA ASP A 102 24.47 -11.31 19.74
C ASP A 102 23.39 -11.39 20.81
N PRO A 103 23.74 -11.33 22.10
CA PRO A 103 22.70 -11.33 23.13
C PRO A 103 21.77 -10.15 23.06
N ARG A 104 22.18 -9.06 22.42
CA ARG A 104 21.28 -7.92 22.25
C ARG A 104 20.19 -8.21 21.24
N ILE A 105 20.47 -9.07 20.25
CA ILE A 105 19.45 -9.46 19.29
C ILE A 105 18.49 -10.46 19.91
N ILE A 106 19.01 -11.40 20.70
CA ILE A 106 18.15 -12.39 21.35
C ILE A 106 17.19 -11.70 22.32
N ARG A 107 17.70 -10.75 23.10
CA ARG A 107 16.82 -9.99 23.99
C ARG A 107 15.86 -9.11 23.20
N GLY A 108 16.38 -8.39 22.20
CA GLY A 108 15.54 -7.48 21.44
C GLY A 108 14.41 -8.19 20.72
N ALA A 109 14.70 -9.33 20.11
CA ALA A 109 13.66 -10.07 19.39
C ALA A 109 12.61 -10.60 20.33
N LEU A 110 13.03 -11.15 21.48
CA LEU A 110 12.06 -11.71 22.44
C LEU A 110 11.21 -10.61 23.05
N ARG A 111 11.85 -9.52 23.51
CA ARG A 111 11.11 -8.44 24.14
C ARG A 111 10.14 -7.78 23.18
N ALA A 112 10.52 -7.68 21.90
CA ALA A 112 9.62 -7.07 20.92
C ALA A 112 8.36 -7.90 20.74
N ALA A 113 8.50 -9.22 20.66
CA ALA A 113 7.32 -10.07 20.51
C ALA A 113 6.49 -10.10 21.79
N ILE A 114 7.13 -10.00 22.95
CA ILE A 114 6.40 -9.99 24.21
C ILE A 114 5.52 -8.75 24.31
N ALA A 115 6.08 -7.58 23.99
CA ALA A 115 5.29 -6.37 24.02
C ALA A 115 4.24 -6.33 22.93
N ALA A 116 4.48 -7.04 21.82
CA ALA A 116 3.53 -7.04 20.72
C ALA A 116 2.26 -7.80 21.09
N LEU A 117 2.41 -9.00 21.68
CA LEU A 117 1.25 -9.80 22.04
C LEU A 117 0.44 -9.17 23.17
N ARG A 118 0.95 -8.12 23.82
CA ARG A 118 0.18 -7.48 24.88
C ARG A 118 -1.05 -6.78 24.32
N SER A 119 -0.92 -6.13 23.17
CA SER A 119 -2.02 -5.45 22.53
C SER A 119 -2.62 -6.34 21.44
N ASP A 120 -3.96 -6.42 21.42
CA ASP A 120 -4.68 -7.15 20.37
C ASP A 120 -4.92 -6.29 19.14
N ASP A 121 -4.03 -5.35 18.86
CA ASP A 121 -4.17 -4.45 17.72
C ASP A 121 -3.70 -5.13 16.46
N PRO A 122 -4.59 -5.41 15.50
CA PRO A 122 -4.16 -6.16 14.30
C PRO A 122 -3.20 -5.41 13.41
N LEU A 123 -3.33 -4.08 13.32
CA LEU A 123 -2.35 -3.30 12.56
C LEU A 123 -0.98 -3.37 13.21
N ALA A 124 -0.93 -3.46 14.54
CA ALA A 124 0.33 -3.56 15.25
C ALA A 124 0.95 -4.95 15.10
N LEU A 125 0.13 -6.00 15.22
CA LEU A 125 0.65 -7.36 15.10
C LEU A 125 1.26 -7.62 13.73
N LYS A 126 0.73 -6.98 12.68
CA LYS A 126 1.28 -7.17 11.35
C LYS A 126 2.56 -6.36 11.15
N THR A 127 2.67 -5.19 11.78
CA THR A 127 3.86 -4.37 11.62
C THR A 127 5.09 -5.07 12.21
N VAL A 128 4.94 -5.71 13.37
CA VAL A 128 6.08 -6.39 13.98
C VAL A 128 6.29 -7.76 13.33
N LYS A 129 5.23 -8.39 12.82
CA LYS A 129 5.38 -9.69 12.16
C LYS A 129 6.19 -9.56 10.88
N GLU A 130 5.81 -8.63 10.00
CA GLU A 130 6.56 -8.41 8.78
C GLU A 130 7.97 -7.92 9.08
N ALA A 131 8.15 -7.20 10.19
CA ALA A 131 9.48 -6.74 10.57
C ALA A 131 10.38 -7.91 10.95
N LEU A 132 9.85 -8.84 11.75
CA LEU A 132 10.64 -10.00 12.17
C LEU A 132 10.99 -10.88 10.97
N GLU A 133 10.09 -10.99 9.99
CA GLU A 133 10.38 -11.76 8.79
C GLU A 133 11.58 -11.16 8.05
N ARG A 134 11.62 -9.83 7.93
CA ARG A 134 12.72 -9.20 7.21
C ARG A 134 14.04 -9.40 7.93
N ALA A 135 14.03 -9.33 9.26
CA ALA A 135 15.26 -9.56 10.00
C ALA A 135 15.71 -11.01 9.91
N ARG A 136 14.77 -11.94 9.74
CA ARG A 136 15.12 -13.35 9.61
C ARG A 136 15.96 -13.62 8.37
N ALA A 137 15.79 -12.81 7.33
CA ALA A 137 16.49 -13.00 6.07
C ALA A 137 17.89 -12.39 6.09
N SER A 138 17.99 -11.09 6.39
CA SER A 138 19.28 -10.42 6.34
C SER A 138 20.18 -10.86 7.49
N LYS A 139 21.48 -10.65 7.29
CA LYS A 139 22.50 -10.95 8.29
C LYS A 139 23.17 -9.70 8.86
N ASP A 140 22.88 -8.53 8.29
CA ASP A 140 23.38 -7.27 8.83
C ASP A 140 22.87 -7.07 10.25
N GLU A 141 23.75 -7.22 11.25
CA GLU A 141 23.32 -7.12 12.64
C GLU A 141 22.71 -5.76 12.94
N ARG A 142 23.34 -4.68 12.44
CA ARG A 142 22.82 -3.35 12.68
C ARG A 142 21.41 -3.20 12.11
N LEU A 143 21.17 -3.76 10.93
CA LEU A 143 19.83 -3.75 10.35
C LEU A 143 18.85 -4.54 11.20
N ILE A 144 19.28 -5.71 11.68
CA ILE A 144 18.42 -6.54 12.52
C ILE A 144 18.06 -5.79 13.81
N ARG A 145 19.05 -5.18 14.45
CA ARG A 145 18.79 -4.45 15.69
C ARG A 145 17.88 -3.26 15.46
N ALA A 146 18.04 -2.57 14.33
CA ALA A 146 17.17 -1.43 14.05
C ALA A 146 15.74 -1.87 13.80
N ILE A 147 15.55 -2.98 13.08
CA ILE A 147 14.22 -3.52 12.86
C ILE A 147 13.57 -3.89 14.18
N LEU A 148 14.33 -4.49 15.09
CA LEU A 148 13.78 -4.89 16.38
C LEU A 148 13.52 -3.69 17.27
N ALA A 149 14.42 -2.70 17.25
CA ALA A 149 14.20 -1.49 18.05
C ALA A 149 12.96 -0.75 17.58
N ALA A 150 12.68 -0.78 16.28
CA ALA A 150 11.49 -0.13 15.75
C ALA A 150 10.23 -0.95 16.06
N ALA A 151 10.35 -2.27 16.02
CA ALA A 151 9.21 -3.12 16.36
C ALA A 151 8.85 -2.99 17.83
N TYR A 152 9.85 -2.90 18.71
CA TYR A 152 9.56 -2.77 20.13
C TYR A 152 8.96 -1.40 20.45
N ALA A 153 9.50 -0.34 19.85
CA ALA A 153 8.94 0.99 20.06
C ALA A 153 7.52 1.09 19.52
N PHE A 154 7.27 0.52 18.35
CA PHE A 154 5.91 0.49 17.81
C PHE A 154 4.98 -0.29 18.73
N ALA A 155 5.48 -1.37 19.34
CA ALA A 155 4.65 -2.13 20.26
C ALA A 155 4.32 -1.34 21.51
N LEU A 156 5.26 -0.52 21.99
CA LEU A 156 4.99 0.30 23.16
C LEU A 156 3.90 1.32 22.89
N LEU A 157 3.85 1.85 21.66
CA LEU A 157 2.76 2.75 21.30
C LEU A 157 1.42 2.02 21.29
N ALA A 158 1.40 0.78 20.78
CA ALA A 158 0.16 0.03 20.72
C ALA A 158 -0.30 -0.38 22.12
N VAL A 159 0.63 -0.77 22.98
CA VAL A 159 0.28 -1.10 24.36
C VAL A 159 -0.27 0.12 25.08
N ALA A 160 0.28 1.30 24.79
CA ALA A 160 -0.25 2.53 25.35
C ALA A 160 -1.71 2.73 24.95
N GLY A 161 -2.11 2.20 23.80
CA GLY A 161 -3.47 2.34 23.35
C GLY A 161 -3.74 3.57 22.51
N ALA A 162 -2.76 4.04 21.75
CA ALA A 162 -2.96 5.22 20.92
C ALA A 162 -4.01 4.94 19.84
N SER A 163 -4.40 6.00 19.14
CA SER A 163 -5.40 5.88 18.09
C SER A 163 -4.90 4.94 17.00
N ALA A 164 -5.83 4.15 16.45
CA ALA A 164 -5.48 3.30 15.30
C ALA A 164 -5.01 4.14 14.13
N GLU A 165 -5.54 5.36 13.99
CA GLU A 165 -5.01 6.29 13.00
C GLU A 165 -3.58 6.70 13.34
N ARG A 166 -3.30 6.93 14.63
CA ARG A 166 -1.94 7.28 15.03
C ARG A 166 -0.97 6.15 14.74
N LEU A 167 -1.36 4.91 15.04
CA LEU A 167 -0.54 3.76 14.70
C LEU A 167 -0.39 3.62 13.19
N LYS A 168 -1.39 4.04 12.42
CA LYS A 168 -1.29 3.99 10.97
C LYS A 168 -0.18 4.90 10.48
N GLU A 169 -0.08 6.10 11.06
CA GLU A 169 1.04 6.99 10.74
C GLU A 169 2.35 6.41 11.23
N ALA A 170 2.33 5.77 12.40
CA ALA A 170 3.56 5.20 12.95
C ALA A 170 4.06 4.04 12.10
N GLU A 171 3.16 3.33 11.42
CA GLU A 171 3.57 2.23 10.56
C GLU A 171 4.47 2.72 9.43
N ALA A 172 4.13 3.86 8.83
CA ALA A 172 4.97 4.42 7.78
C ALA A 172 6.33 4.84 8.32
N ILE A 173 6.37 5.28 9.59
CA ILE A 173 7.65 5.65 10.19
C ILE A 173 8.51 4.41 10.42
N VAL A 174 7.87 3.27 10.73
CA VAL A 174 8.61 2.03 10.85
C VAL A 174 9.13 1.60 9.48
N TRP A 175 8.28 1.71 8.44
CA TRP A 175 8.70 1.36 7.09
C TRP A 175 9.87 2.23 6.64
N TYR A 176 9.82 3.52 6.94
CA TYR A 176 10.95 4.41 6.64
C TYR A 176 12.16 4.03 7.47
N LEU A 177 11.96 3.64 8.74
CA LEU A 177 13.08 3.29 9.59
C LEU A 177 13.79 2.05 9.08
N ILE A 178 13.03 1.01 8.74
CA ILE A 178 13.62 -0.22 8.21
C ILE A 178 14.29 0.07 6.87
N ALA A 179 13.67 0.91 6.04
CA ALA A 179 14.28 1.27 4.77
C ALA A 179 15.55 2.08 4.97
N ALA A 180 15.57 2.95 5.98
CA ALA A 180 16.74 3.79 6.22
C ALA A 180 17.96 2.95 6.59
N ALA A 181 17.76 1.97 7.47
CA ALA A 181 18.85 1.05 7.80
C ALA A 181 19.24 0.20 6.60
N GLU A 182 18.31 -0.01 5.66
CA GLU A 182 18.65 -0.71 4.42
C GLU A 182 19.55 0.12 3.54
N LYS A 183 19.39 1.45 3.55
CA LYS A 183 20.22 2.32 2.73
C LYS A 183 21.55 2.66 3.40
N GLY A 184 21.81 2.10 4.59
CA GLY A 184 23.06 2.37 5.27
C GLY A 184 23.06 3.56 6.19
N ALA A 185 21.93 3.84 6.85
CA ALA A 185 21.86 4.99 7.74
C ALA A 185 22.75 4.77 8.96
N SER A 186 23.23 5.88 9.52
CA SER A 186 24.07 5.81 10.70
C SER A 186 23.25 5.36 11.91
N PRO A 187 23.91 4.75 12.91
CA PRO A 187 23.18 4.39 14.13
C PRO A 187 22.63 5.59 14.87
N GLN A 188 23.22 6.78 14.69
CA GLN A 188 22.70 7.97 15.33
C GLN A 188 21.37 8.40 14.71
N GLU A 189 21.30 8.42 13.38
CA GLU A 189 20.08 8.89 12.72
C GLU A 189 18.95 7.89 12.84
N LEU A 190 19.26 6.60 12.96
CA LEU A 190 18.20 5.59 13.10
C LEU A 190 17.46 5.77 14.42
N VAL A 191 18.19 6.10 15.49
CA VAL A 191 17.55 6.36 16.78
C VAL A 191 16.63 7.57 16.68
N LEU A 192 17.03 8.59 15.93
CA LEU A 192 16.18 9.75 15.74
C LEU A 192 14.87 9.37 15.08
N LEU A 193 14.91 8.41 14.14
CA LEU A 193 13.69 7.93 13.52
C LEU A 193 12.81 7.19 14.52
N VAL A 194 13.42 6.52 15.50
CA VAL A 194 12.65 5.90 16.58
C VAL A 194 11.94 6.97 17.40
N ILE A 195 12.65 8.06 17.70
CA ILE A 195 12.04 9.15 18.47
C ILE A 195 10.89 9.78 17.70
N GLU A 196 11.08 9.99 16.39
CA GLU A 196 10.05 10.62 15.59
C GLU A 196 8.82 9.75 15.42
N MET A 197 8.95 8.43 15.59
CA MET A 197 7.75 7.59 15.58
C MET A 197 6.94 7.75 16.86
N MET A 198 7.60 8.06 17.97
CA MET A 198 6.90 8.20 19.24
C MET A 198 6.09 9.50 19.27
N VAL A 199 6.71 10.60 18.84
CA VAL A 199 6.02 11.90 18.86
C VAL A 199 4.84 11.90 17.89
N LYS A 200 4.94 11.17 16.78
CA LYS A 200 3.86 11.14 15.80
C LYS A 200 2.75 10.17 16.22
N GLY A 201 3.09 9.10 16.92
CA GLY A 201 2.10 8.13 17.34
C GLY A 201 1.30 8.51 18.56
N MET A 202 1.72 9.55 19.28
CA MET A 202 1.02 9.99 20.48
C MET A 202 0.32 11.33 20.30
N GLY A 203 0.22 11.82 19.07
CA GLY A 203 -0.49 13.06 18.81
C GLY A 203 0.10 14.29 19.45
N VAL A 204 1.43 14.36 19.54
CA VAL A 204 2.12 15.51 20.12
C VAL A 204 3.05 16.09 19.07
N THR A 205 3.56 17.29 19.37
CA THR A 205 4.45 18.00 18.46
C THR A 205 5.89 17.90 18.95
N MET A 206 6.82 18.10 18.03
CA MET A 206 8.24 18.08 18.32
C MET A 206 8.90 19.34 17.77
N GLU A 207 10.20 19.47 18.03
CA GLU A 207 10.97 20.60 17.55
C GLU A 207 12.46 20.22 17.53
N THR A 208 12.82 19.29 16.67
CA THR A 208 14.18 18.76 16.68
C THR A 208 15.17 19.78 16.13
N HIS A 209 16.22 20.06 16.90
CA HIS A 209 17.29 20.95 16.50
C HIS A 209 18.51 20.15 16.07
N ARG A 210 19.50 20.86 15.51
CA ARG A 210 20.69 20.21 14.98
C ARG A 210 21.78 21.23 14.70
N SER A 211 22.82 21.27 15.54
CA SER A 211 23.92 22.20 15.34
C SER A 211 25.12 21.83 16.19
N GLY A 212 26.16 21.29 15.56
CA GLY A 212 27.38 20.95 16.27
C GLY A 212 27.59 19.46 16.41
N ASN A 213 27.21 18.71 15.37
CA ASN A 213 27.33 17.25 15.37
C ASN A 213 26.61 16.63 16.57
N GLU A 214 25.42 17.14 16.87
CA GLU A 214 24.66 16.70 18.04
C GLU A 214 23.21 17.12 17.84
N VAL A 215 22.36 16.15 17.50
CA VAL A 215 20.94 16.42 17.31
C VAL A 215 20.28 16.59 18.66
N LYS A 216 19.45 17.62 18.81
CA LYS A 216 18.81 17.96 20.08
C LYS A 216 17.31 18.09 19.85
N VAL A 217 16.57 17.02 20.16
CA VAL A 217 15.13 16.97 19.91
C VAL A 217 14.39 17.36 21.18
N VAL A 218 13.69 18.49 21.14
CA VAL A 218 12.86 18.93 22.26
C VAL A 218 11.40 18.66 21.91
N ILE A 219 10.64 18.17 22.88
CA ILE A 219 9.26 17.73 22.67
C ILE A 219 8.40 18.31 23.79
N LYS A 220 7.45 19.16 23.43
CA LYS A 220 6.50 19.74 24.38
C LYS A 220 5.12 19.12 24.17
N GLY A 221 4.28 19.23 25.19
CA GLY A 221 2.94 18.71 25.14
C GLY A 221 2.79 17.29 25.62
N LEU A 222 3.88 16.55 25.79
CA LEU A 222 3.80 15.19 26.29
C LEU A 222 3.28 15.19 27.72
N HIS A 223 2.25 14.38 27.97
CA HIS A 223 1.75 14.20 29.32
C HIS A 223 2.70 13.29 30.11
N GLU A 224 2.33 12.97 31.35
CA GLU A 224 3.18 12.12 32.18
C GLU A 224 3.31 10.73 31.59
N SER A 225 2.19 10.06 31.35
CA SER A 225 2.24 8.69 30.84
C SER A 225 2.92 8.62 29.49
N GLN A 226 2.82 9.69 28.69
CA GLN A 226 3.45 9.69 27.38
C GLN A 226 4.97 9.81 27.48
N GLN A 227 5.47 10.51 28.49
CA GLN A 227 6.91 10.62 28.69
C GLN A 227 7.52 9.31 29.16
N GLU A 228 6.73 8.46 29.81
CA GLU A 228 7.24 7.15 30.21
C GLU A 228 7.36 6.22 29.01
N VAL A 229 6.34 6.21 28.14
CA VAL A 229 6.38 5.37 26.94
C VAL A 229 7.49 5.83 26.02
N LEU A 230 7.71 7.15 25.93
CA LEU A 230 8.84 7.66 25.18
C LEU A 230 10.15 7.21 25.79
N LEU A 231 10.27 7.29 27.12
CA LEU A 231 11.53 6.96 27.78
C LEU A 231 11.87 5.48 27.63
N GLU A 232 10.86 4.61 27.66
CA GLU A 232 11.12 3.18 27.50
C GLU A 232 11.62 2.86 26.09
N ALA A 233 10.93 3.38 25.08
CA ALA A 233 11.28 3.05 23.70
C ALA A 233 12.61 3.68 23.31
N VAL A 234 12.86 4.92 23.74
CA VAL A 234 14.09 5.60 23.36
C VAL A 234 15.29 4.98 24.08
N LEU A 235 15.11 4.56 25.33
CA LEU A 235 16.21 3.95 26.07
C LEU A 235 16.54 2.57 25.52
N PHE A 236 15.53 1.73 25.30
CA PHE A 236 15.78 0.40 24.75
C PHE A 236 16.41 0.50 23.37
N ALA A 237 15.92 1.41 22.53
CA ALA A 237 16.53 1.58 21.21
C ALA A 237 17.94 2.14 21.31
N ALA A 238 18.21 2.99 22.31
CA ALA A 238 19.55 3.52 22.47
C ALA A 238 20.52 2.42 22.89
N GLU A 239 20.11 1.56 23.81
CA GLU A 239 20.97 0.44 24.21
C GLU A 239 21.10 -0.57 23.09
N LEU A 240 20.04 -0.78 22.32
CA LEU A 240 20.06 -1.78 21.25
C LEU A 240 20.96 -1.32 20.10
N MET A 241 20.72 -0.12 19.59
CA MET A 241 21.57 0.39 18.51
C MET A 241 23.00 0.62 18.99
N GLY A 242 23.19 0.84 20.28
CA GLY A 242 24.52 1.00 20.84
C GLY A 242 24.99 2.44 20.98
N VAL A 243 24.09 3.41 20.97
CA VAL A 243 24.44 4.82 21.07
C VAL A 243 24.05 5.33 22.45
N ARG A 244 24.77 6.34 22.93
CA ARG A 244 24.52 6.93 24.24
C ARG A 244 23.71 8.21 24.06
N VAL A 245 22.60 8.31 24.80
CA VAL A 245 21.70 9.44 24.70
C VAL A 245 21.43 10.00 26.09
N ARG A 246 20.93 11.22 26.13
CA ARG A 246 20.55 11.91 27.36
C ARG A 246 19.13 12.42 27.21
N ILE A 247 18.25 11.99 28.10
CA ILE A 247 16.84 12.35 28.08
C ILE A 247 16.58 13.22 29.31
N ARG A 248 16.56 14.53 29.14
CA ARG A 248 16.39 15.46 30.25
C ARG A 248 14.96 15.97 30.30
N PHE A 249 14.38 15.99 31.51
CA PHE A 249 13.02 16.43 31.73
C PHE A 249 13.00 17.76 32.47
N LYS A 250 12.01 18.61 32.12
CA LYS A 250 11.81 19.89 32.78
C LYS A 250 10.48 20.50 32.38
N GLY A 251 9.42 20.21 33.12
CA GLY A 251 8.12 20.78 32.83
C GLY A 251 7.53 20.33 31.52
N ASP A 252 7.50 19.01 31.30
CA ASP A 252 6.88 18.41 30.11
C ASP A 252 7.53 18.88 28.81
N THR A 253 8.83 19.17 28.86
CA THR A 253 9.62 19.51 27.67
C THR A 253 10.82 18.57 27.64
N VAL A 254 10.59 17.34 27.17
CA VAL A 254 11.66 16.36 27.05
C VAL A 254 12.67 16.84 26.01
N THR A 255 13.95 16.75 26.34
CA THR A 255 15.01 17.06 25.40
C THR A 255 15.98 15.90 25.33
N ILE A 256 16.28 15.44 24.12
CA ILE A 256 17.13 14.29 23.88
C ILE A 256 18.39 14.75 23.14
N VAL A 257 19.53 14.19 23.51
CA VAL A 257 20.82 14.55 22.93
C VAL A 257 21.48 13.27 22.44
N VAL A 258 21.54 13.09 21.12
CA VAL A 258 22.18 11.93 20.52
C VAL A 258 23.53 12.34 19.96
N ARG A 259 24.45 11.39 19.89
CA ARG A 259 25.79 11.64 19.39
C ARG A 259 26.50 10.33 19.03
N GLU B 1 7.96 19.75 61.40
CA GLU B 1 9.31 19.29 61.11
C GLU B 1 9.65 18.02 61.89
N GLU B 2 9.49 18.08 63.22
CA GLU B 2 9.80 16.94 64.05
C GLU B 2 8.88 15.76 63.76
N ALA B 3 7.66 16.03 63.28
CA ALA B 3 6.74 14.97 62.89
C ALA B 3 6.95 14.53 61.45
N VAL B 4 7.47 15.42 60.59
CA VAL B 4 7.75 15.05 59.21
C VAL B 4 8.83 13.98 59.15
N ARG B 5 9.88 14.13 59.96
CA ARG B 5 10.96 13.15 59.96
C ARG B 5 10.52 11.81 60.52
N ARG B 6 9.62 11.82 61.52
CA ARG B 6 9.14 10.57 62.08
C ARG B 6 8.39 9.74 61.04
N ARG B 7 7.61 10.42 60.18
CA ARG B 7 6.87 9.69 59.14
C ARG B 7 7.80 9.08 58.11
N PHE B 8 8.99 9.67 57.93
CA PHE B 8 9.94 9.13 56.97
C PHE B 8 10.45 7.76 57.42
N GLU B 9 10.71 7.59 58.71
CA GLU B 9 11.21 6.30 59.18
C GLU B 9 10.13 5.23 59.13
N GLU B 10 8.87 5.60 59.37
CA GLU B 10 7.79 4.62 59.26
C GLU B 10 7.70 4.10 57.83
N LEU B 11 7.88 4.98 56.84
CA LEU B 11 7.88 4.57 55.45
C LEU B 11 9.19 3.92 55.03
N LEU B 12 10.29 4.24 55.71
CA LEU B 12 11.56 3.61 55.38
C LEU B 12 11.60 2.17 55.87
N ARG B 13 11.06 1.90 57.05
CA ARG B 13 10.91 0.53 57.51
C ARG B 13 9.82 -0.21 56.78
N GLU B 14 8.96 0.49 56.03
CA GLU B 14 8.02 -0.16 55.13
C GLU B 14 8.66 -0.48 53.79
N ALA B 15 9.47 0.43 53.25
CA ALA B 15 10.13 0.18 51.97
C ALA B 15 11.19 -0.91 52.10
N LEU B 16 11.88 -0.96 53.23
CA LEU B 16 12.90 -1.98 53.43
C LEU B 16 12.28 -3.33 53.73
N ALA B 17 11.24 -3.37 54.56
CA ALA B 17 10.58 -4.63 54.87
C ALA B 17 9.83 -5.20 53.67
N PHE B 18 9.49 -4.36 52.69
CA PHE B 18 8.82 -4.84 51.49
C PHE B 18 9.81 -5.32 50.43
N ARG B 19 10.92 -4.60 50.26
CA ARG B 19 11.94 -5.05 49.32
C ARG B 19 12.66 -6.30 49.84
N GLU B 20 12.73 -6.47 51.16
CA GLU B 20 13.39 -7.65 51.72
C GLU B 20 12.52 -8.90 51.60
N ARG B 21 11.25 -8.80 51.97
CA ARG B 21 10.41 -9.97 52.09
C ARG B 21 10.18 -10.61 50.73
N THR B 22 10.37 -11.92 50.66
CA THR B 22 10.10 -12.66 49.43
C THR B 22 8.61 -12.98 49.35
N GLY B 23 8.13 -13.13 48.13
CA GLY B 23 6.71 -13.28 47.90
C GLY B 23 6.04 -11.94 47.67
N GLY B 24 4.72 -11.97 47.69
CA GLY B 24 3.97 -10.78 47.36
C GLY B 24 4.13 -10.45 45.88
N ARG B 25 3.70 -9.24 45.54
CA ARG B 25 3.82 -8.75 44.17
C ARG B 25 5.22 -8.19 43.96
N ARG B 26 6.04 -8.89 43.17
CA ARG B 26 7.32 -8.33 42.77
C ARG B 26 7.18 -7.19 41.79
N GLU B 27 5.94 -6.83 41.44
CA GLU B 27 5.64 -5.65 40.63
C GLU B 27 5.19 -4.47 41.48
N THR B 28 5.47 -4.49 42.78
CA THR B 28 5.12 -3.38 43.65
C THR B 28 6.15 -2.25 43.58
N LEU B 29 6.73 -2.04 42.40
CA LEU B 29 7.50 -0.82 42.19
C LEU B 29 6.60 0.41 42.26
N GLU B 30 5.29 0.21 42.05
CA GLU B 30 4.34 1.29 42.30
C GLU B 30 4.16 1.53 43.80
N HIS B 31 4.30 0.49 44.61
CA HIS B 31 4.23 0.67 46.06
C HIS B 31 5.35 1.58 46.55
N ALA B 32 6.51 1.53 45.89
CA ALA B 32 7.58 2.47 46.21
C ALA B 32 7.16 3.89 45.89
N VAL B 33 6.56 4.10 44.71
CA VAL B 33 6.06 5.42 44.35
C VAL B 33 4.93 5.84 45.27
N ARG B 34 4.17 4.87 45.79
CA ARG B 34 3.14 5.16 46.77
C ARG B 34 3.75 5.68 48.06
N LEU B 35 4.82 5.04 48.53
CA LEU B 35 5.48 5.50 49.75
C LEU B 35 6.10 6.88 49.56
N ALA B 36 6.69 7.13 48.40
CA ALA B 36 7.26 8.45 48.12
C ALA B 36 6.17 9.52 48.07
N ARG B 37 5.00 9.17 47.54
CA ARG B 37 3.90 10.13 47.52
C ARG B 37 3.33 10.34 48.92
N GLU B 38 3.21 9.27 49.71
CA GLU B 38 2.73 9.40 51.07
C GLU B 38 3.64 10.28 51.92
N LEU B 39 4.94 10.24 51.62
CA LEU B 39 5.88 11.06 52.38
C LEU B 39 5.74 12.54 52.04
N ALA B 40 5.56 12.85 50.75
CA ALA B 40 5.49 14.25 50.34
C ALA B 40 4.10 14.84 50.57
N GLU B 41 3.05 14.02 50.51
CA GLU B 41 1.74 14.49 50.94
C GLU B 41 1.76 14.88 52.41
N PHE B 42 2.43 14.07 53.24
CA PHE B 42 2.59 14.40 54.65
C PHE B 42 3.42 15.68 54.82
N ALA B 43 4.52 15.78 54.06
CA ALA B 43 5.39 16.95 54.18
C ALA B 43 4.67 18.23 53.75
N ALA B 44 3.74 18.13 52.80
CA ALA B 44 2.98 19.31 52.41
C ALA B 44 2.05 19.76 53.51
N SER B 45 1.59 18.83 54.35
CA SER B 45 0.71 19.18 55.46
C SER B 45 1.40 20.04 56.51
N HIS B 46 2.73 20.01 56.56
CA HIS B 46 3.51 20.85 57.47
C HIS B 46 4.28 21.87 56.64
N PRO B 47 3.72 23.07 56.42
CA PRO B 47 4.33 24.00 55.45
C PRO B 47 5.60 24.67 55.95
N GLU B 48 6.13 24.23 57.09
CA GLU B 48 7.39 24.74 57.59
C GLU B 48 8.56 23.80 57.30
N PHE B 49 8.29 22.56 56.90
CA PHE B 49 9.36 21.64 56.54
C PHE B 49 9.97 22.05 55.20
N ASN B 50 11.28 21.83 55.07
CA ASN B 50 11.98 22.25 53.87
C ASN B 50 11.53 21.43 52.67
N ARG B 51 11.09 22.12 51.60
CA ARG B 51 10.66 21.43 50.39
C ARG B 51 11.78 20.56 49.84
N GLN B 52 12.99 21.13 49.76
CA GLN B 52 14.14 20.38 49.25
C GLN B 52 14.41 19.15 50.10
N GLU B 53 14.20 19.26 51.41
CA GLU B 53 14.36 18.11 52.29
C GLU B 53 13.29 17.06 52.02
N ALA B 54 12.08 17.50 51.68
CA ALA B 54 10.99 16.56 51.43
C ALA B 54 11.23 15.78 50.14
N VAL B 55 11.72 16.45 49.10
CA VAL B 55 12.01 15.76 47.84
C VAL B 55 13.19 14.81 48.03
N LEU B 56 14.24 15.26 48.72
CA LEU B 56 15.39 14.40 48.96
C LEU B 56 15.00 13.17 49.78
N LEU B 57 14.12 13.35 50.76
CA LEU B 57 13.67 12.21 51.56
C LEU B 57 12.84 11.24 50.73
N ALA B 58 12.10 11.75 49.75
CA ALA B 58 11.29 10.88 48.90
C ALA B 58 12.16 10.12 47.90
N ILE B 59 13.17 10.79 47.35
CA ILE B 59 14.10 10.11 46.44
C ILE B 59 14.85 9.03 47.17
N GLU B 60 15.29 9.30 48.41
CA GLU B 60 15.94 8.28 49.23
C GLU B 60 14.97 7.16 49.57
N LEU B 61 13.73 7.50 49.93
CA LEU B 61 12.71 6.49 50.18
C LEU B 61 12.48 5.63 48.96
N MET B 62 12.76 6.16 47.76
CA MET B 62 12.60 5.39 46.53
C MET B 62 13.76 4.42 46.32
N VAL B 63 14.99 4.93 46.42
CA VAL B 63 16.15 4.10 46.13
C VAL B 63 16.34 2.99 47.15
N ARG B 64 15.74 3.11 48.33
CA ARG B 64 15.80 2.01 49.30
C ARG B 64 14.84 0.89 48.91
N ALA B 65 13.65 1.24 48.44
CA ALA B 65 12.70 0.22 48.00
C ALA B 65 13.15 -0.47 46.72
N MET B 66 13.99 0.20 45.91
CA MET B 66 14.51 -0.42 44.70
C MET B 66 15.82 -1.16 44.93
N GLY B 67 16.63 -0.70 45.88
CA GLY B 67 17.90 -1.34 46.15
C GLY B 67 19.02 -0.83 45.25
N VAL B 68 19.17 0.49 45.18
CA VAL B 68 20.18 1.13 44.36
C VAL B 68 20.91 2.17 45.21
N THR B 69 21.88 2.83 44.60
CA THR B 69 22.74 3.79 45.29
C THR B 69 22.28 5.22 45.04
N MET B 70 22.77 6.12 45.89
CA MET B 70 22.34 7.52 45.87
C MET B 70 23.44 8.39 46.45
N GLU B 71 23.93 9.34 45.66
CA GLU B 71 24.93 10.30 46.10
C GLU B 71 24.42 11.71 45.85
N THR B 72 24.60 12.59 46.84
CA THR B 72 24.08 13.95 46.78
C THR B 72 25.23 14.93 47.00
N HIS B 73 25.48 15.78 46.01
CA HIS B 73 26.43 16.88 46.11
C HIS B 73 25.68 18.20 46.00
N ARG B 74 25.93 19.10 46.96
CA ARG B 74 25.22 20.37 47.05
C ARG B 74 26.09 21.51 46.53
N SER B 75 25.49 22.38 45.72
CA SER B 75 26.18 23.53 45.16
C SER B 75 25.63 24.76 45.87
N GLY B 76 24.81 25.57 45.22
CA GLY B 76 24.17 26.69 45.89
C GLY B 76 22.91 26.28 46.63
N ASN B 77 21.78 26.92 46.31
CA ASN B 77 20.49 26.48 46.83
C ASN B 77 19.93 25.29 46.05
N GLU B 78 20.80 24.50 45.43
CA GLU B 78 20.40 23.30 44.71
C GLU B 78 21.21 22.12 45.20
N VAL B 79 20.59 20.94 45.22
CA VAL B 79 21.27 19.69 45.51
C VAL B 79 21.14 18.79 44.30
N LYS B 80 22.20 18.04 43.99
CA LYS B 80 22.22 17.16 42.83
C LYS B 80 22.39 15.72 43.31
N VAL B 81 21.29 14.95 43.27
CA VAL B 81 21.30 13.55 43.66
C VAL B 81 21.37 12.68 42.41
N VAL B 82 22.33 11.78 42.37
CA VAL B 82 22.53 10.89 41.23
C VAL B 82 22.24 9.46 41.67
N ILE B 83 21.35 8.79 40.94
CA ILE B 83 21.00 7.41 41.20
C ILE B 83 21.64 6.55 40.11
N LYS B 84 22.26 5.45 40.52
CA LYS B 84 23.02 4.62 39.60
C LYS B 84 22.60 3.17 39.73
N GLY B 85 22.58 2.45 38.61
CA GLY B 85 22.28 1.04 38.61
C GLY B 85 20.82 0.73 38.39
N LEU B 86 20.20 1.41 37.43
CA LEU B 86 18.78 1.26 37.14
C LEU B 86 18.59 0.55 35.82
N ASN B 87 17.61 -0.35 35.77
CA ASN B 87 17.17 -0.92 34.51
C ASN B 87 16.10 0.01 33.91
N ILE B 88 15.50 -0.40 32.79
CA ILE B 88 14.56 0.50 32.11
C ILE B 88 13.30 0.69 32.92
N ASP B 89 12.79 -0.39 33.54
CA ASP B 89 11.58 -0.27 34.35
C ASP B 89 11.84 0.53 35.63
N GLU B 90 13.06 0.48 36.15
CA GLU B 90 13.39 1.29 37.31
C GLU B 90 13.63 2.76 36.94
N GLN B 91 14.15 3.00 35.73
CA GLN B 91 14.30 4.37 35.26
C GLN B 91 12.96 5.07 35.14
N VAL B 92 11.90 4.31 34.83
CA VAL B 92 10.58 4.89 34.66
C VAL B 92 9.89 5.08 36.00
N ALA B 93 10.05 4.12 36.91
CA ALA B 93 9.42 4.24 38.23
C ALA B 93 10.05 5.37 39.04
N LEU B 94 11.38 5.46 39.02
CA LEU B 94 12.05 6.54 39.74
C LEU B 94 11.71 7.90 39.14
N TYR B 95 11.63 7.98 37.81
CA TYR B 95 11.25 9.23 37.17
C TYR B 95 9.83 9.64 37.53
N ARG B 96 8.88 8.70 37.39
CA ARG B 96 7.49 9.00 37.71
C ARG B 96 7.33 9.41 39.18
N ALA B 97 8.12 8.81 40.07
CA ALA B 97 7.99 9.12 41.49
C ALA B 97 8.52 10.51 41.81
N VAL B 98 9.72 10.82 41.31
CA VAL B 98 10.28 12.16 41.50
C VAL B 98 9.39 13.20 40.84
N ARG B 99 8.74 12.84 39.73
CA ARG B 99 7.84 13.77 39.07
C ARG B 99 6.58 14.00 39.90
N GLU B 100 6.09 12.95 40.57
CA GLU B 100 4.92 13.11 41.42
C GLU B 100 5.25 13.91 42.68
N THR B 101 6.32 13.53 43.38
CA THR B 101 6.62 14.12 44.69
C THR B 101 6.94 15.60 44.56
N SER B 102 7.79 15.97 43.60
CA SER B 102 8.12 17.38 43.41
C SER B 102 6.93 18.18 42.91
N LYS B 103 5.91 17.53 42.35
CA LYS B 103 4.71 18.23 41.93
C LYS B 103 3.76 18.45 43.10
N ILE B 104 3.54 17.41 43.93
CA ILE B 104 2.70 17.55 45.10
C ILE B 104 3.38 18.34 46.21
N MET B 105 4.68 18.63 46.07
CA MET B 105 5.40 19.52 46.97
C MET B 105 5.51 20.93 46.44
N GLY B 106 5.19 21.16 45.17
CA GLY B 106 5.29 22.48 44.58
C GLY B 106 6.70 23.03 44.60
N VAL B 107 7.64 22.31 43.99
CA VAL B 107 9.04 22.71 43.98
C VAL B 107 9.66 22.24 42.67
N GLU B 108 10.57 23.05 42.14
CA GLU B 108 11.15 22.81 40.82
C GLU B 108 12.26 21.77 40.91
N THR B 109 12.15 20.72 40.09
CA THR B 109 13.18 19.71 39.95
C THR B 109 13.35 19.38 38.48
N GLU B 110 14.57 18.98 38.10
CA GLU B 110 14.90 18.62 36.74
C GLU B 110 15.67 17.32 36.72
N ILE B 111 15.35 16.45 35.78
CA ILE B 111 15.88 15.09 35.73
C ILE B 111 16.66 14.91 34.44
N GLU B 112 17.60 13.96 34.47
CA GLU B 112 18.42 13.65 33.29
C GLU B 112 18.72 12.16 33.31
N VAL B 113 18.19 11.44 32.32
CA VAL B 113 18.33 9.99 32.23
C VAL B 113 19.38 9.65 31.20
N GLU B 114 20.25 8.70 31.54
CA GLU B 114 21.28 8.25 30.60
C GLU B 114 21.68 6.82 30.99
N GLY B 115 21.19 5.86 30.21
CA GLY B 115 21.54 4.46 30.42
C GLY B 115 21.04 3.89 31.73
N ASP B 116 21.96 3.68 32.67
CA ASP B 116 21.62 3.14 33.99
C ASP B 116 21.70 4.19 35.09
N THR B 117 21.97 5.45 34.74
CA THR B 117 22.11 6.51 35.72
C THR B 117 21.02 7.56 35.49
N GLN B 118 20.53 8.12 36.59
CA GLN B 118 19.49 9.16 36.54
C GLN B 118 19.87 10.26 37.52
N THR B 119 20.22 11.43 36.98
CA THR B 119 20.65 12.56 37.78
C THR B 119 19.50 13.52 37.98
N ILE B 120 19.27 13.92 39.24
CA ILE B 120 18.17 14.81 39.61
C ILE B 120 18.77 16.07 40.22
N VAL B 121 18.26 17.23 39.80
CA VAL B 121 18.71 18.52 40.29
C VAL B 121 17.52 19.15 41.02
N VAL B 122 17.49 19.00 42.34
CA VAL B 122 16.43 19.57 43.15
C VAL B 122 16.84 20.97 43.57
N ARG B 123 16.14 21.97 43.04
CA ARG B 123 16.42 23.37 43.32
C ARG B 123 15.29 23.98 44.14
N GLU B 124 15.65 24.88 45.06
CA GLU B 124 14.67 25.54 45.91
C GLU B 124 13.90 26.60 45.12
N GLU C 2 -6.30 -25.65 13.32
CA GLU C 2 -5.78 -26.42 12.21
C GLU C 2 -4.34 -26.03 11.92
N ARG C 3 -4.14 -24.98 11.12
CA ARG C 3 -2.80 -24.41 11.02
C ARG C 3 -2.39 -23.76 12.34
N LYS C 4 -3.37 -23.32 13.13
CA LYS C 4 -3.07 -22.87 14.49
C LYS C 4 -2.48 -24.00 15.33
N LYS C 5 -2.91 -25.24 15.07
CA LYS C 5 -2.29 -26.38 15.75
C LYS C 5 -0.88 -26.64 15.24
N GLU C 6 -0.62 -26.32 13.97
CA GLU C 6 0.74 -26.44 13.44
C GLU C 6 1.66 -25.44 14.11
N LEU C 7 1.31 -24.15 14.06
CA LEU C 7 2.10 -23.12 14.71
C LEU C 7 2.14 -23.31 16.22
N ALA C 8 1.13 -23.97 16.79
CA ALA C 8 1.19 -24.31 18.22
C ALA C 8 2.40 -25.19 18.51
N LYS C 9 2.56 -26.27 17.75
CA LYS C 9 3.74 -27.12 17.93
C LYS C 9 5.02 -26.37 17.57
N GLU C 10 4.98 -25.54 16.54
CA GLU C 10 6.19 -24.85 16.10
C GLU C 10 6.73 -23.91 17.16
N VAL C 11 5.83 -23.26 17.93
CA VAL C 11 6.29 -22.36 18.98
C VAL C 11 6.81 -23.15 20.17
N ILE C 12 6.15 -24.24 20.53
CA ILE C 12 6.54 -25.01 21.70
C ILE C 12 7.87 -25.73 21.46
N GLU C 13 8.05 -26.30 20.26
CA GLU C 13 9.29 -27.00 19.95
C GLU C 13 10.46 -26.03 19.87
N THR C 14 10.29 -24.93 19.14
CA THR C 14 11.38 -23.96 18.99
C THR C 14 11.76 -23.33 20.32
N ALA C 15 10.77 -23.08 21.19
CA ALA C 15 11.07 -22.55 22.51
C ALA C 15 11.96 -23.50 23.29
N LYS C 16 11.63 -24.78 23.30
CA LYS C 16 12.45 -25.77 24.00
C LYS C 16 13.81 -25.96 23.34
N LYS C 17 13.94 -25.62 22.06
CA LYS C 17 15.24 -25.71 21.40
C LYS C 17 16.12 -24.51 21.74
N LEU C 18 15.51 -23.32 21.84
CA LEU C 18 16.27 -22.15 22.25
C LEU C 18 16.68 -22.21 23.72
N ILE C 19 15.86 -22.83 24.56
CA ILE C 19 16.20 -22.98 25.97
C ILE C 19 17.46 -23.83 26.11
N GLU C 20 17.53 -24.94 25.37
CA GLU C 20 18.70 -25.79 25.42
C GLU C 20 19.93 -25.10 24.85
N LYS C 21 19.75 -24.23 23.84
CA LYS C 21 20.88 -23.52 23.26
C LYS C 21 21.42 -22.47 24.22
N LEU C 22 20.53 -21.82 24.97
CA LEU C 22 20.98 -20.84 25.96
C LEU C 22 21.57 -21.50 27.20
N ALA C 23 21.24 -22.76 27.46
CA ALA C 23 21.79 -23.47 28.61
C ALA C 23 23.24 -23.89 28.37
N LYS C 24 23.62 -24.13 27.12
CA LYS C 24 24.98 -24.56 26.80
C LYS C 24 25.61 -23.63 25.77
N SER D 4 -7.47 -33.25 49.06
CA SER D 4 -7.33 -32.37 50.22
C SER D 4 -8.33 -31.23 50.16
N MET D 5 -7.97 -30.09 50.76
CA MET D 5 -8.84 -28.92 50.70
C MET D 5 -8.86 -28.33 49.30
N LYS D 6 -7.76 -28.43 48.56
CA LYS D 6 -7.74 -27.96 47.18
C LYS D 6 -8.60 -28.85 46.29
N GLU D 7 -8.44 -30.17 46.41
CA GLU D 7 -9.24 -31.09 45.61
C GLU D 7 -10.72 -31.02 45.97
N GLU D 8 -11.03 -30.72 47.24
CA GLU D 8 -12.44 -30.57 47.63
C GLU D 8 -13.09 -29.40 46.90
N ILE D 9 -12.32 -28.35 46.62
CA ILE D 9 -12.86 -27.23 45.86
C ILE D 9 -13.11 -27.63 44.41
N LYS D 10 -12.18 -28.37 43.81
CA LYS D 10 -12.36 -28.79 42.42
C LYS D 10 -13.53 -29.74 42.28
N ARG D 11 -13.66 -30.69 43.22
CA ARG D 11 -14.72 -31.68 43.14
C ARG D 11 -16.09 -31.04 43.28
N LEU D 12 -16.27 -30.18 44.29
CA LEU D 12 -17.54 -29.50 44.49
C LEU D 12 -17.84 -28.53 43.35
N ALA D 13 -16.80 -27.88 42.81
CA ALA D 13 -17.00 -26.95 41.70
C ALA D 13 -17.49 -27.69 40.46
N GLU D 14 -16.91 -28.86 40.16
CA GLU D 14 -17.47 -29.69 39.10
C GLU D 14 -18.92 -30.04 39.38
N GLU D 15 -19.19 -30.80 40.46
CA GLU D 15 -20.54 -31.28 40.77
C GLU D 15 -21.61 -30.20 40.59
N LEU D 16 -21.29 -28.94 40.86
CA LEU D 16 -22.24 -27.86 40.64
C LEU D 16 -22.56 -27.69 39.16
N LYS D 17 -21.52 -27.65 38.31
CA LYS D 17 -21.73 -27.63 36.86
C LYS D 17 -22.50 -28.85 36.38
N GLU D 18 -22.25 -30.02 36.96
CA GLU D 18 -22.95 -31.23 36.56
C GLU D 18 -24.45 -31.14 36.85
N LYS D 19 -24.85 -30.35 37.84
CA LYS D 19 -26.26 -30.19 38.20
C LYS D 19 -26.92 -29.03 37.49
N THR D 20 -26.22 -27.91 37.34
CA THR D 20 -26.79 -26.74 36.69
C THR D 20 -26.66 -26.84 35.18
N LYS D 21 -27.45 -26.02 34.49
CA LYS D 21 -27.35 -25.89 33.04
C LYS D 21 -27.36 -24.44 32.60
N ASN D 22 -27.23 -23.49 33.53
CA ASN D 22 -27.09 -22.08 33.21
C ASN D 22 -25.62 -21.76 32.96
N GLU D 23 -25.36 -20.97 31.91
CA GLU D 23 -23.98 -20.75 31.48
C GLU D 23 -23.24 -19.77 32.39
N GLU D 24 -23.96 -18.87 33.06
CA GLU D 24 -23.30 -18.00 34.04
C GLU D 24 -22.82 -18.80 35.24
N ILE D 25 -23.65 -19.73 35.72
CA ILE D 25 -23.22 -20.60 36.81
C ILE D 25 -22.09 -21.52 36.35
N LYS D 26 -22.15 -21.95 35.09
CA LYS D 26 -21.06 -22.76 34.54
C LYS D 26 -19.75 -21.99 34.53
N ARG D 27 -19.78 -20.75 34.03
CA ARG D 27 -18.56 -19.94 33.97
C ARG D 27 -18.05 -19.65 35.38
N LEU D 28 -18.94 -19.21 36.27
CA LEU D 28 -18.51 -18.79 37.60
C LEU D 28 -18.03 -19.96 38.44
N ALA D 29 -18.59 -21.16 38.25
CA ALA D 29 -18.17 -22.31 39.03
C ALA D 29 -16.72 -22.67 38.74
N GLU D 30 -16.36 -22.76 37.46
CA GLU D 30 -14.99 -23.09 37.11
C GLU D 30 -14.05 -21.89 37.29
N GLU D 31 -14.57 -20.67 37.12
CA GLU D 31 -13.73 -19.50 37.33
C GLU D 31 -13.29 -19.40 38.79
N ALA D 32 -14.21 -19.62 39.73
CA ALA D 32 -13.83 -19.64 41.13
C ALA D 32 -12.93 -20.82 41.46
N ALA D 33 -13.03 -21.91 40.69
CA ALA D 33 -12.23 -23.09 40.96
C ALA D 33 -10.79 -22.90 40.51
N GLU D 34 -10.59 -22.41 39.28
CA GLU D 34 -9.24 -22.25 38.77
C GLU D 34 -8.48 -21.18 39.55
N LEU D 35 -9.12 -20.05 39.86
CA LEU D 35 -8.47 -19.01 40.63
C LEU D 35 -8.13 -19.47 42.04
N ALA D 36 -8.80 -20.51 42.54
CA ALA D 36 -8.47 -21.07 43.85
C ALA D 36 -7.14 -21.79 43.85
N GLU D 37 -6.68 -22.27 42.69
CA GLU D 37 -5.37 -22.92 42.62
C GLU D 37 -4.24 -21.93 42.82
N ARG D 38 -4.45 -20.66 42.45
CA ARG D 38 -3.42 -19.65 42.64
C ARG D 38 -3.21 -19.33 44.11
N SER D 39 -4.26 -19.40 44.92
CA SER D 39 -4.19 -18.97 46.31
C SER D 39 -3.45 -20.00 47.15
N ASP D 40 -2.36 -19.57 47.80
CA ASP D 40 -1.68 -20.37 48.79
C ASP D 40 -2.22 -20.10 50.20
N ASP D 41 -3.41 -19.50 50.30
CA ASP D 41 -4.01 -19.14 51.57
C ASP D 41 -5.15 -20.10 51.89
N PRO D 42 -5.05 -20.91 52.95
CA PRO D 42 -6.18 -21.77 53.32
C PRO D 42 -7.40 -20.99 53.77
N GLU D 43 -7.23 -19.75 54.22
CA GLU D 43 -8.38 -18.93 54.59
C GLU D 43 -9.21 -18.57 53.35
N VAL D 44 -8.58 -18.45 52.19
CA VAL D 44 -9.32 -18.21 50.96
C VAL D 44 -9.91 -19.51 50.43
N LEU D 45 -9.18 -20.61 50.55
CA LEU D 45 -9.70 -21.91 50.13
C LEU D 45 -10.93 -22.30 50.94
N GLU D 46 -10.97 -21.93 52.22
CA GLU D 46 -12.11 -22.28 53.06
C GLU D 46 -13.32 -21.41 52.77
N VAL D 47 -13.12 -20.18 52.29
CA VAL D 47 -14.23 -19.34 51.88
C VAL D 47 -14.81 -19.80 50.55
N VAL D 48 -13.93 -20.16 49.60
CA VAL D 48 -14.41 -20.69 48.32
C VAL D 48 -15.17 -21.98 48.53
N LEU D 49 -14.74 -22.80 49.50
CA LEU D 49 -15.41 -24.07 49.75
C LEU D 49 -16.77 -23.86 50.39
N LYS D 50 -16.87 -22.90 51.32
CA LYS D 50 -18.16 -22.62 51.94
C LYS D 50 -19.13 -22.00 50.94
N ALA D 51 -18.65 -21.10 50.08
CA ALA D 51 -19.51 -20.52 49.06
C ALA D 51 -19.94 -21.56 48.06
N LEU D 52 -19.03 -22.44 47.64
CA LEU D 52 -19.38 -23.49 46.69
C LEU D 52 -20.42 -24.45 47.28
N TRP D 53 -20.23 -24.85 48.54
CA TRP D 53 -21.16 -25.82 49.12
C TRP D 53 -22.54 -25.20 49.35
N GLU D 54 -22.59 -23.96 49.84
CA GLU D 54 -23.88 -23.29 49.98
C GLU D 54 -24.55 -23.06 48.63
N ALA D 55 -23.77 -23.03 47.55
CA ALA D 55 -24.36 -22.93 46.22
C ALA D 55 -25.10 -24.21 45.86
N LEU D 56 -24.49 -25.36 46.13
CA LEU D 56 -25.17 -26.63 45.87
C LEU D 56 -26.40 -26.79 46.76
N LYS D 57 -26.32 -26.31 48.01
CA LYS D 57 -27.46 -26.42 48.91
C LYS D 57 -28.61 -25.55 48.44
N SER D 58 -28.35 -24.29 48.13
CA SER D 58 -29.38 -23.40 47.64
C SER D 58 -29.80 -23.81 46.23
N LYS D 59 -31.00 -23.38 45.84
CA LYS D 59 -31.59 -23.73 44.55
C LYS D 59 -32.36 -22.54 43.98
N ASN D 60 -31.68 -21.39 43.90
CA ASN D 60 -32.30 -20.16 43.43
C ASN D 60 -31.75 -19.68 42.08
N GLU D 61 -30.61 -20.23 41.64
CA GLU D 61 -29.91 -19.84 40.41
C GLU D 61 -29.27 -18.46 40.55
N GLU D 62 -30.07 -17.45 40.90
CA GLU D 62 -29.51 -16.13 41.14
C GLU D 62 -28.63 -16.12 42.37
N LYS D 63 -29.06 -16.79 43.45
CA LYS D 63 -28.20 -16.94 44.62
C LYS D 63 -26.94 -17.71 44.28
N ILE D 64 -27.05 -18.71 43.39
CA ILE D 64 -25.87 -19.47 42.99
C ILE D 64 -24.89 -18.58 42.25
N GLU D 65 -25.39 -17.55 41.56
CA GLU D 65 -24.50 -16.59 40.92
C GLU D 65 -23.83 -15.69 41.96
N LEU D 66 -24.60 -15.16 42.90
CA LEU D 66 -24.04 -14.28 43.92
C LEU D 66 -23.01 -15.01 44.77
N LEU D 67 -23.32 -16.24 45.19
CA LEU D 67 -22.38 -17.02 45.98
C LEU D 67 -21.08 -17.27 45.21
N LEU D 68 -21.19 -17.59 43.92
CA LEU D 68 -20.00 -17.83 43.11
C LEU D 68 -19.25 -16.54 42.84
N LEU D 69 -19.94 -15.40 42.84
CA LEU D 69 -19.25 -14.13 42.66
C LEU D 69 -18.41 -13.78 43.88
N VAL D 70 -18.91 -14.09 45.08
CA VAL D 70 -18.12 -13.88 46.29
C VAL D 70 -16.91 -14.79 46.29
N ALA D 71 -17.08 -16.04 45.83
CA ALA D 71 -15.95 -16.96 45.75
C ALA D 71 -14.90 -16.47 44.78
N VAL D 72 -15.31 -15.79 43.71
CA VAL D 72 -14.35 -15.27 42.74
C VAL D 72 -13.62 -14.05 43.31
N LEU D 73 -14.36 -13.13 43.93
CA LEU D 73 -13.74 -11.92 44.47
C LEU D 73 -12.77 -12.25 45.59
N VAL D 74 -13.14 -13.18 46.48
CA VAL D 74 -12.26 -13.57 47.57
C VAL D 74 -11.03 -14.27 47.02
N ALA D 75 -11.20 -15.11 45.99
CA ALA D 75 -10.06 -15.82 45.42
C ALA D 75 -9.10 -14.86 44.74
N GLU D 76 -9.62 -13.85 44.04
CA GLU D 76 -8.76 -12.87 43.39
C GLU D 76 -8.12 -11.89 44.37
N ALA D 77 -8.50 -11.93 45.64
CA ALA D 77 -7.97 -11.04 46.65
C ALA D 77 -7.36 -11.87 47.78
N GLY D 78 -6.21 -12.49 47.50
CA GLY D 78 -5.54 -13.26 48.51
C GLY D 78 -4.92 -12.39 49.59
N SER D 79 -4.62 -13.02 50.73
CA SER D 79 -4.02 -12.28 51.85
C SER D 79 -2.62 -11.77 51.51
N VAL D 80 -1.91 -12.48 50.63
CA VAL D 80 -0.59 -12.06 50.17
C VAL D 80 -0.66 -11.89 48.66
N ASP D 81 0.40 -11.30 48.09
CA ASP D 81 0.54 -11.16 46.64
C ASP D 81 -0.59 -10.32 46.06
N ALA D 82 -0.98 -9.28 46.80
CA ALA D 82 -2.07 -8.40 46.39
C ALA D 82 -1.72 -6.97 46.74
N VAL D 83 -1.74 -6.09 45.74
CA VAL D 83 -1.55 -4.66 46.00
C VAL D 83 -2.62 -4.18 46.97
N GLU D 84 -2.24 -3.28 47.87
CA GLU D 84 -3.13 -2.84 48.95
C GLU D 84 -4.44 -2.29 48.40
N GLU D 85 -4.43 -1.71 47.19
CA GLU D 85 -5.66 -1.18 46.62
C GLU D 85 -6.64 -2.29 46.27
N LYS D 86 -6.14 -3.41 45.75
CA LYS D 86 -7.03 -4.51 45.39
C LYS D 86 -7.73 -5.09 46.60
N LEU D 87 -7.00 -5.29 47.71
CA LEU D 87 -7.62 -5.79 48.92
C LEU D 87 -8.61 -4.77 49.49
N GLU D 88 -8.32 -3.48 49.36
CA GLU D 88 -9.27 -2.46 49.79
C GLU D 88 -10.53 -2.49 48.94
N ILE D 89 -10.38 -2.69 47.63
CA ILE D 89 -11.55 -2.73 46.74
C ILE D 89 -12.44 -3.92 47.08
N ALA D 90 -11.83 -5.09 47.27
CA ALA D 90 -12.61 -6.27 47.64
C ALA D 90 -13.30 -6.10 48.98
N LEU D 91 -12.69 -5.34 49.89
CA LEU D 91 -13.34 -5.05 51.17
C LEU D 91 -14.56 -4.16 50.96
N LEU D 92 -14.40 -3.08 50.18
CA LEU D 92 -15.50 -2.16 49.97
C LEU D 92 -16.68 -2.86 49.29
N ALA D 93 -16.42 -3.66 48.26
CA ALA D 93 -17.49 -4.31 47.53
C ALA D 93 -18.19 -5.36 48.38
N LEU D 94 -17.42 -6.19 49.10
CA LEU D 94 -18.04 -7.17 49.98
C LEU D 94 -18.85 -6.51 51.08
N LYS D 95 -18.42 -5.33 51.55
CA LYS D 95 -19.20 -4.60 52.53
C LYS D 95 -20.51 -4.09 51.92
N LEU D 96 -20.44 -3.53 50.71
CA LEU D 96 -21.63 -2.98 50.08
C LEU D 96 -22.65 -4.07 49.79
N ALA D 97 -22.20 -5.25 49.36
CA ALA D 97 -23.11 -6.36 49.15
C ALA D 97 -23.72 -6.83 50.47
N GLU D 98 -22.99 -6.68 51.57
CA GLU D 98 -23.54 -6.98 52.89
C GLU D 98 -24.58 -5.95 53.31
N GLU D 99 -24.41 -4.70 52.89
CA GLU D 99 -25.23 -3.59 53.36
C GLU D 99 -26.38 -3.26 52.42
N SER D 100 -26.79 -4.21 51.57
CA SER D 100 -27.90 -3.98 50.66
C SER D 100 -28.60 -5.29 50.37
N LYS D 101 -29.92 -5.20 50.20
CA LYS D 101 -30.74 -6.38 49.93
C LYS D 101 -31.04 -6.59 48.47
N ASP D 102 -30.98 -5.54 47.65
CA ASP D 102 -31.26 -5.67 46.23
C ASP D 102 -30.18 -6.50 45.57
N PRO D 103 -30.52 -7.62 44.91
CA PRO D 103 -29.49 -8.40 44.22
C PRO D 103 -28.80 -7.65 43.09
N ARG D 104 -29.42 -6.58 42.58
CA ARG D 104 -28.74 -5.75 41.60
C ARG D 104 -27.55 -5.01 42.22
N ILE D 105 -27.66 -4.65 43.50
CA ILE D 105 -26.52 -4.04 44.18
C ILE D 105 -25.48 -5.08 44.57
N ILE D 106 -25.94 -6.24 45.06
CA ILE D 106 -25.02 -7.30 45.45
C ILE D 106 -24.19 -7.75 44.25
N ARG D 107 -24.85 -7.93 43.11
CA ARG D 107 -24.14 -8.36 41.91
C ARG D 107 -23.35 -7.22 41.29
N GLY D 108 -23.92 -6.01 41.28
CA GLY D 108 -23.20 -4.88 40.70
C GLY D 108 -21.92 -4.55 41.42
N ALA D 109 -21.92 -4.69 42.74
CA ALA D 109 -20.71 -4.41 43.51
C ALA D 109 -19.66 -5.50 43.31
N LEU D 110 -20.08 -6.77 43.38
CA LEU D 110 -19.14 -7.87 43.17
C LEU D 110 -18.54 -7.82 41.77
N ARG D 111 -19.38 -7.61 40.75
CA ARG D 111 -18.87 -7.54 39.39
C ARG D 111 -17.93 -6.35 39.20
N ALA D 112 -18.21 -5.23 39.87
CA ALA D 112 -17.34 -4.07 39.75
C ALA D 112 -15.95 -4.36 40.32
N ALA D 113 -15.90 -5.01 41.48
CA ALA D 113 -14.61 -5.32 42.09
C ALA D 113 -13.86 -6.38 41.29
N ILE D 114 -14.55 -7.46 40.91
CA ILE D 114 -13.91 -8.52 40.15
C ILE D 114 -13.34 -7.98 38.84
N ALA D 115 -14.11 -7.12 38.16
CA ALA D 115 -13.61 -6.53 36.91
C ALA D 115 -12.48 -5.55 37.18
N ALA D 116 -12.51 -4.87 38.34
CA ALA D 116 -11.44 -3.93 38.65
C ALA D 116 -10.13 -4.64 38.91
N LEU D 117 -10.17 -5.80 39.57
CA LEU D 117 -8.96 -6.55 39.87
C LEU D 117 -8.31 -7.14 38.63
N ARG D 118 -8.98 -7.11 37.47
CA ARG D 118 -8.42 -7.66 36.24
C ARG D 118 -7.61 -6.64 35.45
N SER D 119 -7.61 -5.37 35.86
CA SER D 119 -6.73 -4.36 35.30
C SER D 119 -5.76 -3.89 36.39
N ASP D 120 -4.48 -3.82 36.05
CA ASP D 120 -3.45 -3.40 36.99
C ASP D 120 -3.05 -1.94 36.80
N ASP D 121 -3.92 -1.13 36.19
CA ASP D 121 -3.69 0.30 36.09
C ASP D 121 -4.06 0.92 37.43
N PRO D 122 -3.10 1.45 38.19
CA PRO D 122 -3.44 2.04 39.49
C PRO D 122 -4.37 3.24 39.36
N LEU D 123 -4.36 3.92 38.21
CA LEU D 123 -5.34 4.97 37.96
C LEU D 123 -6.76 4.40 37.94
N ALA D 124 -6.93 3.25 37.28
CA ALA D 124 -8.24 2.61 37.25
C ALA D 124 -8.60 2.03 38.61
N LEU D 125 -7.64 1.36 39.26
CA LEU D 125 -7.88 0.81 40.59
C LEU D 125 -8.28 1.90 41.58
N LYS D 126 -7.72 3.10 41.42
CA LYS D 126 -8.07 4.19 42.33
C LYS D 126 -9.48 4.71 42.05
N THR D 127 -9.85 4.82 40.78
CA THR D 127 -11.17 5.35 40.43
C THR D 127 -12.27 4.40 40.90
N VAL D 128 -12.06 3.10 40.76
CA VAL D 128 -13.06 2.14 41.23
C VAL D 128 -13.12 2.14 42.76
N LYS D 129 -11.97 2.29 43.42
CA LYS D 129 -11.96 2.30 44.88
C LYS D 129 -12.66 3.52 45.44
N GLU D 130 -12.43 4.70 44.83
CA GLU D 130 -13.08 5.91 45.30
C GLU D 130 -14.57 5.88 44.99
N ALA D 131 -14.96 5.29 43.86
CA ALA D 131 -16.37 5.18 43.53
C ALA D 131 -17.09 4.24 44.49
N LEU D 132 -16.49 3.08 44.78
CA LEU D 132 -17.07 2.16 45.75
C LEU D 132 -17.14 2.80 47.13
N GLU D 133 -16.12 3.59 47.49
CA GLU D 133 -16.12 4.26 48.79
C GLU D 133 -17.19 5.33 48.85
N ARG D 134 -17.48 5.98 47.73
CA ARG D 134 -18.52 6.99 47.67
C ARG D 134 -19.92 6.39 47.64
N ALA D 135 -20.05 5.15 47.17
CA ALA D 135 -21.35 4.49 47.13
C ALA D 135 -21.74 3.96 48.50
N ARG D 136 -20.78 3.47 49.28
CA ARG D 136 -21.03 3.03 50.66
C ARG D 136 -21.10 4.20 51.63
N ALA D 137 -21.67 5.33 51.18
CA ALA D 137 -21.84 6.50 52.02
C ALA D 137 -23.09 7.26 51.59
N SER D 138 -24.12 6.52 51.19
CA SER D 138 -25.36 7.12 50.70
C SER D 138 -26.53 6.20 51.02
N LYS D 139 -27.67 6.81 51.32
CA LYS D 139 -28.90 6.07 51.59
C LYS D 139 -29.77 5.92 50.35
N ASP D 140 -29.45 6.59 49.25
CA ASP D 140 -30.24 6.52 48.03
C ASP D 140 -29.89 5.22 47.31
N GLU D 141 -30.85 4.30 47.26
CA GLU D 141 -30.63 3.04 46.52
C GLU D 141 -30.40 3.31 45.04
N ARG D 142 -30.92 4.42 44.53
CA ARG D 142 -30.66 4.79 43.14
C ARG D 142 -29.20 5.17 42.93
N LEU D 143 -28.64 5.96 43.85
CA LEU D 143 -27.24 6.36 43.73
C LEU D 143 -26.29 5.18 43.87
N ILE D 144 -26.66 4.19 44.68
CA ILE D 144 -25.80 3.01 44.86
C ILE D 144 -25.67 2.25 43.55
N ARG D 145 -26.81 2.00 42.88
CA ARG D 145 -26.76 1.30 41.60
C ARG D 145 -26.16 2.16 40.51
N ALA D 146 -26.27 3.49 40.63
CA ALA D 146 -25.72 4.37 39.61
C ALA D 146 -24.19 4.34 39.63
N ILE D 147 -23.59 4.44 40.82
CA ILE D 147 -22.14 4.43 40.92
C ILE D 147 -21.58 3.07 40.52
N LEU D 148 -22.30 1.99 40.85
CA LEU D 148 -21.83 0.65 40.48
C LEU D 148 -21.89 0.45 38.97
N ALA D 149 -22.92 0.99 38.31
CA ALA D 149 -23.02 0.85 36.87
C ALA D 149 -21.91 1.60 36.15
N ALA D 150 -21.48 2.74 36.69
CA ALA D 150 -20.38 3.50 36.10
C ALA D 150 -19.02 2.95 36.50
N ALA D 151 -18.92 2.36 37.69
CA ALA D 151 -17.66 1.75 38.10
C ALA D 151 -17.34 0.52 37.29
N TYR D 152 -18.33 -0.34 37.07
CA TYR D 152 -18.13 -1.52 36.23
C TYR D 152 -17.82 -1.12 34.80
N ALA D 153 -18.49 -0.08 34.29
CA ALA D 153 -18.25 0.36 32.93
C ALA D 153 -16.87 0.96 32.78
N PHE D 154 -16.40 1.71 33.78
CA PHE D 154 -15.04 2.21 33.75
C PHE D 154 -14.02 1.09 33.90
N ALA D 155 -14.38 0.02 34.61
CA ALA D 155 -13.50 -1.13 34.71
C ALA D 155 -13.34 -1.81 33.35
N LEU D 156 -14.41 -1.86 32.56
CA LEU D 156 -14.31 -2.45 31.23
C LEU D 156 -13.43 -1.63 30.30
N LEU D 157 -13.41 -0.30 30.47
CA LEU D 157 -12.55 0.52 29.64
C LEU D 157 -11.07 0.29 29.95
N ALA D 158 -10.74 0.01 31.21
CA ALA D 158 -9.35 -0.21 31.59
C ALA D 158 -8.87 -1.59 31.15
N VAL D 159 -9.67 -2.63 31.39
CA VAL D 159 -9.27 -3.98 31.01
C VAL D 159 -9.12 -4.08 29.50
N ALA D 160 -9.96 -3.37 28.75
CA ALA D 160 -9.89 -3.41 27.30
C ALA D 160 -8.61 -2.80 26.76
N GLY D 161 -7.91 -1.99 27.55
CA GLY D 161 -6.65 -1.41 27.14
C GLY D 161 -6.78 -0.08 26.42
N ALA D 162 -7.47 0.87 27.06
CA ALA D 162 -7.59 2.21 26.52
C ALA D 162 -6.39 3.06 26.93
N SER D 163 -6.17 4.14 26.18
CA SER D 163 -5.04 5.02 26.45
C SER D 163 -5.13 5.59 27.87
N ALA D 164 -3.98 5.93 28.43
CA ALA D 164 -3.97 6.55 29.75
C ALA D 164 -4.61 7.93 29.73
N GLU D 165 -4.43 8.68 28.64
CA GLU D 165 -5.06 9.99 28.53
C GLU D 165 -6.54 9.87 28.23
N ARG D 166 -6.92 8.96 27.32
CA ARG D 166 -8.34 8.70 27.10
C ARG D 166 -8.99 8.12 28.35
N LEU D 167 -8.25 7.35 29.15
CA LEU D 167 -8.75 6.95 30.46
C LEU D 167 -9.00 8.17 31.32
N LYS D 168 -8.08 9.14 31.31
CA LYS D 168 -8.26 10.36 32.08
C LYS D 168 -9.56 11.07 31.71
N GLU D 169 -9.94 11.03 30.43
CA GLU D 169 -11.22 11.61 30.03
C GLU D 169 -12.38 10.71 30.44
N ALA D 170 -12.14 9.41 30.63
CA ALA D 170 -13.21 8.50 31.00
C ALA D 170 -13.65 8.70 32.44
N GLU D 171 -12.71 8.71 33.40
CA GLU D 171 -13.12 8.93 34.79
C GLU D 171 -13.57 10.35 35.03
N ALA D 172 -13.22 11.30 34.15
CA ALA D 172 -13.81 12.63 34.24
C ALA D 172 -15.31 12.55 34.02
N ILE D 173 -15.75 11.64 33.14
CA ILE D 173 -17.17 11.38 32.98
C ILE D 173 -17.74 10.65 34.19
N VAL D 174 -16.90 9.94 34.95
CA VAL D 174 -17.38 9.23 36.13
C VAL D 174 -17.66 10.20 37.26
N TRP D 175 -16.72 11.11 37.53
CA TRP D 175 -16.98 12.16 38.52
C TRP D 175 -18.16 13.03 38.10
N TYR D 176 -18.30 13.26 36.80
CA TYR D 176 -19.46 13.97 36.28
C TYR D 176 -20.74 13.18 36.51
N LEU D 177 -20.70 11.87 36.26
CA LEU D 177 -21.91 11.06 36.32
C LEU D 177 -22.34 10.80 37.76
N ILE D 178 -21.38 10.59 38.66
CA ILE D 178 -21.72 10.31 40.05
C ILE D 178 -22.38 11.52 40.69
N ALA D 179 -21.80 12.70 40.49
CA ALA D 179 -22.38 13.92 41.05
C ALA D 179 -23.77 14.19 40.47
N ALA D 180 -23.98 13.86 39.20
CA ALA D 180 -25.29 14.07 38.59
C ALA D 180 -26.36 13.21 39.26
N ALA D 181 -26.01 11.95 39.57
CA ALA D 181 -26.95 11.09 40.27
C ALA D 181 -27.21 11.57 41.69
N GLU D 182 -26.24 12.27 42.29
CA GLU D 182 -26.46 12.83 43.61
C GLU D 182 -27.50 13.95 43.58
N LYS D 183 -27.53 14.73 42.51
CA LYS D 183 -28.52 15.78 42.36
C LYS D 183 -29.91 15.26 42.02
N GLY D 184 -30.05 13.96 41.78
CA GLY D 184 -31.33 13.37 41.44
C GLY D 184 -31.61 13.21 39.97
N ALA D 185 -30.58 12.99 39.15
CA ALA D 185 -30.81 12.80 37.72
C ALA D 185 -31.57 11.52 37.46
N SER D 186 -32.29 11.50 36.33
CA SER D 186 -33.12 10.35 36.00
C SER D 186 -32.25 9.16 35.60
N PRO D 187 -32.70 7.94 35.88
CA PRO D 187 -31.92 6.76 35.46
C PRO D 187 -31.80 6.63 33.95
N GLN D 188 -32.74 7.19 33.19
CA GLN D 188 -32.59 7.21 31.74
C GLN D 188 -31.45 8.13 31.32
N GLU D 189 -31.18 9.18 32.09
CA GLU D 189 -30.07 10.07 31.80
C GLU D 189 -28.75 9.46 32.25
N LEU D 190 -28.71 8.85 33.43
CA LEU D 190 -27.47 8.30 33.96
C LEU D 190 -26.89 7.23 33.03
N VAL D 191 -27.74 6.49 32.33
CA VAL D 191 -27.25 5.51 31.37
C VAL D 191 -26.61 6.20 30.18
N LEU D 192 -27.16 7.34 29.77
CA LEU D 192 -26.59 8.07 28.64
C LEU D 192 -25.17 8.53 28.92
N LEU D 193 -24.89 8.94 30.17
CA LEU D 193 -23.53 9.31 30.52
C LEU D 193 -22.60 8.10 30.53
N VAL D 194 -23.11 6.94 30.89
CA VAL D 194 -22.32 5.70 30.74
C VAL D 194 -21.93 5.51 29.29
N ILE D 195 -22.85 5.80 28.37
CA ILE D 195 -22.55 5.68 26.94
C ILE D 195 -21.50 6.70 26.53
N GLU D 196 -21.63 7.94 27.01
CA GLU D 196 -20.66 8.97 26.67
C GLU D 196 -19.27 8.62 27.19
N MET D 197 -19.21 8.00 28.37
CA MET D 197 -17.92 7.58 28.90
C MET D 197 -17.24 6.57 27.99
N MET D 198 -18.01 5.65 27.42
CA MET D 198 -17.43 4.68 26.50
C MET D 198 -16.97 5.34 25.21
N VAL D 199 -17.71 6.32 24.72
CA VAL D 199 -17.37 6.94 23.45
C VAL D 199 -16.12 7.81 23.59
N LYS D 200 -16.02 8.57 24.67
CA LYS D 200 -14.84 9.40 24.89
C LYS D 200 -13.64 8.56 25.34
N GLY D 201 -13.87 7.50 26.11
CA GLY D 201 -12.80 6.65 26.58
C GLY D 201 -12.16 5.79 25.51
N MET D 202 -12.78 5.69 24.33
CA MET D 202 -12.24 4.89 23.23
C MET D 202 -11.85 5.74 22.03
N GLY D 203 -11.84 7.05 22.16
CA GLY D 203 -11.48 7.92 21.05
C GLY D 203 -12.46 7.90 19.90
N VAL D 204 -13.75 7.91 20.19
CA VAL D 204 -14.81 7.81 19.19
C VAL D 204 -15.66 9.07 19.25
N THR D 205 -16.30 9.39 18.14
CA THR D 205 -17.25 10.50 18.06
C THR D 205 -18.67 9.99 18.24
N MET D 206 -19.55 10.88 18.67
CA MET D 206 -20.95 10.53 18.88
C MET D 206 -21.85 11.68 18.46
N GLU D 207 -23.15 11.39 18.41
CA GLU D 207 -24.16 12.38 18.09
C GLU D 207 -25.49 11.90 18.66
N THR D 208 -26.15 12.76 19.43
CA THR D 208 -27.37 12.40 20.13
C THR D 208 -28.57 13.10 19.50
N HIS D 209 -29.61 12.31 19.21
CA HIS D 209 -30.89 12.84 18.74
C HIS D 209 -31.85 12.90 19.92
N ARG D 210 -32.35 14.11 20.21
CA ARG D 210 -33.08 14.32 21.45
C ARG D 210 -34.43 13.63 21.43
N SER D 211 -35.16 13.70 20.31
CA SER D 211 -36.44 13.02 20.17
C SER D 211 -37.41 13.50 21.24
N GLY D 212 -38.42 12.68 21.56
CA GLY D 212 -39.34 12.98 22.64
C GLY D 212 -39.60 11.76 23.50
N ASN D 213 -39.42 11.90 24.81
CA ASN D 213 -39.52 10.82 25.79
C ASN D 213 -38.35 9.85 25.65
N GLU D 214 -38.20 9.27 24.48
CA GLU D 214 -37.08 8.37 24.17
C GLU D 214 -35.88 9.17 23.68
N VAL D 215 -34.70 8.68 24.03
CA VAL D 215 -33.44 9.30 23.63
C VAL D 215 -32.66 8.32 22.77
N LYS D 216 -32.07 8.81 21.69
CA LYS D 216 -31.37 7.98 20.73
C LYS D 216 -29.96 8.53 20.54
N VAL D 217 -28.96 7.68 20.75
CA VAL D 217 -27.56 8.04 20.56
C VAL D 217 -27.01 7.20 19.41
N VAL D 218 -26.43 7.86 18.42
CA VAL D 218 -25.82 7.19 17.28
C VAL D 218 -24.32 7.33 17.39
N ILE D 219 -23.63 6.20 17.57
CA ILE D 219 -22.18 6.17 17.69
C ILE D 219 -21.61 5.52 16.45
N LYS D 220 -20.71 6.22 15.77
CA LYS D 220 -20.12 5.76 14.52
C LYS D 220 -18.61 5.81 14.62
N GLY D 221 -17.96 4.90 13.90
CA GLY D 221 -16.51 4.79 13.92
C GLY D 221 -15.97 3.74 14.87
N LEU D 222 -16.81 2.83 15.34
CA LEU D 222 -16.39 1.80 16.27
C LEU D 222 -16.02 0.52 15.52
N HIS D 223 -15.12 -0.26 16.12
CA HIS D 223 -14.71 -1.56 15.60
C HIS D 223 -15.30 -2.65 16.47
N GLU D 224 -15.26 -3.88 15.94
CA GLU D 224 -15.92 -4.99 16.62
C GLU D 224 -15.32 -5.23 18.01
N SER D 225 -14.00 -5.06 18.15
CA SER D 225 -13.36 -5.23 19.45
C SER D 225 -13.83 -4.19 20.44
N GLN D 226 -14.23 -3.01 19.98
CA GLN D 226 -14.74 -1.97 20.86
C GLN D 226 -16.25 -2.04 21.07
N GLN D 227 -16.99 -2.51 20.06
CA GLN D 227 -18.44 -2.65 20.18
C GLN D 227 -18.82 -3.74 21.18
N GLU D 228 -17.94 -4.72 21.40
CA GLU D 228 -18.18 -5.67 22.48
C GLU D 228 -18.09 -4.99 23.84
N VAL D 229 -17.15 -4.06 24.00
CA VAL D 229 -16.98 -3.37 25.26
C VAL D 229 -18.18 -2.45 25.53
N LEU D 230 -18.67 -1.78 24.50
CA LEU D 230 -19.83 -0.91 24.66
C LEU D 230 -21.10 -1.71 24.94
N LEU D 231 -21.32 -2.79 24.17
CA LEU D 231 -22.50 -3.61 24.37
C LEU D 231 -22.51 -4.27 25.74
N GLU D 232 -21.32 -4.60 26.26
CA GLU D 232 -21.25 -5.27 27.55
C GLU D 232 -21.48 -4.30 28.70
N ALA D 233 -20.98 -3.07 28.57
CA ALA D 233 -21.13 -2.09 29.65
C ALA D 233 -22.55 -1.52 29.69
N VAL D 234 -23.14 -1.25 28.53
CA VAL D 234 -24.47 -0.65 28.50
C VAL D 234 -25.52 -1.66 28.94
N LEU D 235 -25.36 -2.92 28.54
CA LEU D 235 -26.30 -3.95 28.99
C LEU D 235 -26.23 -4.14 30.50
N PHE D 236 -25.03 -4.05 31.07
CA PHE D 236 -24.89 -4.18 32.51
C PHE D 236 -25.47 -2.98 33.24
N ALA D 237 -25.17 -1.78 32.75
CA ALA D 237 -25.69 -0.57 33.40
C ALA D 237 -27.20 -0.48 33.28
N ALA D 238 -27.76 -0.92 32.16
CA ALA D 238 -29.20 -0.87 31.98
C ALA D 238 -29.91 -1.79 32.96
N GLU D 239 -29.34 -2.96 33.23
CA GLU D 239 -29.94 -3.87 34.20
C GLU D 239 -29.88 -3.28 35.60
N LEU D 240 -28.80 -2.59 35.93
CA LEU D 240 -28.69 -1.96 37.25
C LEU D 240 -29.70 -0.82 37.39
N MET D 241 -29.59 0.19 36.53
CA MET D 241 -30.45 1.36 36.65
C MET D 241 -31.92 1.00 36.52
N GLY D 242 -32.23 -0.06 35.79
CA GLY D 242 -33.61 -0.46 35.59
C GLY D 242 -34.26 0.06 34.33
N VAL D 243 -33.51 0.71 33.44
CA VAL D 243 -34.06 1.21 32.19
C VAL D 243 -33.92 0.14 31.11
N ARG D 244 -34.65 0.34 30.03
CA ARG D 244 -34.63 -0.58 28.89
C ARG D 244 -33.96 0.09 27.71
N VAL D 245 -33.07 -0.65 27.04
CA VAL D 245 -32.30 -0.13 25.92
C VAL D 245 -32.45 -1.07 24.73
N ARG D 246 -32.41 -0.49 23.52
CA ARG D 246 -32.38 -1.24 22.27
C ARG D 246 -31.11 -0.83 21.53
N ILE D 247 -30.20 -1.77 21.35
CA ILE D 247 -28.88 -1.50 20.78
C ILE D 247 -28.83 -2.18 19.42
N ARG D 248 -28.96 -1.40 18.35
CA ARG D 248 -28.97 -1.91 17.00
C ARG D 248 -27.63 -1.67 16.32
N PHE D 249 -27.14 -2.70 15.63
CA PHE D 249 -25.85 -2.66 14.94
C PHE D 249 -26.08 -2.76 13.44
N LYS D 250 -25.71 -1.72 12.71
CA LYS D 250 -25.72 -1.71 11.25
C LYS D 250 -24.35 -1.22 10.78
N GLY D 251 -23.54 -2.13 10.26
CA GLY D 251 -22.19 -1.80 9.85
C GLY D 251 -21.33 -1.39 11.02
N ASP D 252 -21.27 -0.09 11.30
CA ASP D 252 -20.54 0.42 12.46
C ASP D 252 -21.30 1.55 13.16
N THR D 253 -22.62 1.64 12.96
CA THR D 253 -23.45 2.70 13.55
C THR D 253 -24.24 2.07 14.69
N VAL D 254 -23.62 2.03 15.87
CA VAL D 254 -24.30 1.51 17.06
C VAL D 254 -25.37 2.50 17.49
N THR D 255 -26.62 2.06 17.49
CA THR D 255 -27.76 2.91 17.82
C THR D 255 -28.37 2.40 19.12
N ILE D 256 -28.10 3.10 20.22
CA ILE D 256 -28.64 2.77 21.54
C ILE D 256 -29.82 3.69 21.82
N VAL D 257 -30.94 3.11 22.25
CA VAL D 257 -32.17 3.86 22.48
C VAL D 257 -32.62 3.60 23.92
N VAL D 258 -32.61 4.66 24.74
CA VAL D 258 -33.01 4.58 26.14
C VAL D 258 -34.38 5.22 26.31
N ARG D 259 -35.18 4.65 27.21
CA ARG D 259 -36.51 5.19 27.49
C ARG D 259 -36.84 4.96 28.96
N GLU D 260 -37.95 5.53 29.39
CA GLU D 260 -38.41 5.45 30.77
C GLU D 260 -38.59 4.00 31.23
N GLU E 1 -20.93 -28.74 -2.63
CA GLU E 1 -22.28 -28.30 -2.31
C GLU E 1 -22.87 -29.17 -1.21
N GLU E 2 -22.48 -30.44 -1.18
CA GLU E 2 -22.86 -31.36 -0.11
C GLU E 2 -21.80 -31.47 0.97
N ALA E 3 -20.53 -31.23 0.63
CA ALA E 3 -19.47 -31.34 1.62
C ALA E 3 -19.54 -30.21 2.64
N VAL E 4 -20.13 -29.08 2.28
CA VAL E 4 -20.29 -27.99 3.23
C VAL E 4 -21.37 -28.32 4.25
N ARG E 5 -22.42 -29.04 3.84
CA ARG E 5 -23.46 -29.44 4.77
C ARG E 5 -22.99 -30.58 5.67
N ARG E 6 -22.21 -31.51 5.12
CA ARG E 6 -21.58 -32.52 5.96
C ARG E 6 -20.56 -31.90 6.90
N ARG E 7 -19.98 -30.77 6.51
CA ARG E 7 -19.09 -30.04 7.41
C ARG E 7 -19.88 -29.41 8.55
N PHE E 8 -21.09 -28.93 8.26
CA PHE E 8 -21.94 -28.40 9.31
C PHE E 8 -22.35 -29.49 10.31
N GLU E 9 -22.54 -30.72 9.82
CA GLU E 9 -22.91 -31.80 10.72
C GLU E 9 -21.76 -32.17 11.64
N GLU E 10 -20.52 -31.98 11.20
CA GLU E 10 -19.38 -32.23 12.07
C GLU E 10 -19.25 -31.13 13.12
N LEU E 11 -19.42 -29.86 12.71
CA LEU E 11 -19.34 -28.76 13.65
C LEU E 11 -20.54 -28.72 14.59
N LEU E 12 -21.66 -29.31 14.20
CA LEU E 12 -22.79 -29.43 15.11
C LEU E 12 -22.56 -30.53 16.13
N ARG E 13 -21.94 -31.63 15.71
CA ARG E 13 -21.56 -32.66 16.66
C ARG E 13 -20.56 -32.13 17.69
N GLU E 14 -19.75 -31.14 17.31
CA GLU E 14 -18.86 -30.51 18.27
C GLU E 14 -19.58 -29.48 19.11
N ALA E 15 -20.49 -28.72 18.50
CA ALA E 15 -21.20 -27.67 19.24
C ALA E 15 -22.04 -28.25 20.36
N LEU E 16 -22.64 -29.41 20.14
CA LEU E 16 -23.38 -30.07 21.20
C LEU E 16 -22.46 -30.78 22.18
N ALA E 17 -21.28 -31.22 21.73
CA ALA E 17 -20.30 -31.80 22.63
C ALA E 17 -19.67 -30.76 23.54
N PHE E 18 -19.79 -29.48 23.20
CA PHE E 18 -19.33 -28.40 24.07
C PHE E 18 -20.48 -27.74 24.84
N ARG E 19 -21.62 -28.43 24.92
CA ARG E 19 -22.73 -28.00 25.76
C ARG E 19 -22.79 -28.73 27.09
N GLU E 20 -22.59 -30.05 27.09
CA GLU E 20 -22.51 -30.78 28.36
C GLU E 20 -21.19 -30.45 29.07
N ARG E 21 -20.12 -30.29 28.30
CA ARG E 21 -18.80 -29.86 28.80
C ARG E 21 -18.43 -30.52 30.12
N THR E 22 -18.40 -31.84 30.10
CA THR E 22 -18.06 -32.61 31.29
C THR E 22 -16.60 -32.41 31.67
N GLY E 23 -16.36 -31.97 32.91
CA GLY E 23 -15.02 -31.63 33.34
C GLY E 23 -14.43 -30.51 32.51
N GLY E 24 -15.05 -29.33 32.58
CA GLY E 24 -14.65 -28.24 31.72
C GLY E 24 -13.23 -27.79 31.98
N ARG E 25 -12.56 -27.36 30.91
CA ARG E 25 -11.21 -26.83 30.98
C ARG E 25 -11.14 -25.33 30.72
N ARG E 26 -11.83 -24.86 29.69
CA ARG E 26 -11.85 -23.43 29.39
C ARG E 26 -13.19 -23.04 28.82
N GLU E 27 -13.46 -21.74 28.85
CA GLU E 27 -14.74 -21.21 28.38
C GLU E 27 -14.92 -21.49 26.90
N THR E 28 -16.09 -22.04 26.55
CA THR E 28 -16.40 -22.39 25.18
C THR E 28 -17.14 -21.28 24.44
N LEU E 29 -17.25 -20.08 25.03
CA LEU E 29 -17.91 -18.99 24.34
C LEU E 29 -17.08 -18.48 23.17
N GLU E 30 -15.76 -18.62 23.25
CA GLU E 30 -14.91 -18.37 22.08
C GLU E 30 -14.74 -19.62 21.23
N HIS E 31 -14.80 -20.80 21.84
CA HIS E 31 -14.77 -22.03 21.06
C HIS E 31 -15.99 -22.14 20.16
N ALA E 32 -17.13 -21.63 20.60
CA ALA E 32 -18.32 -21.61 19.75
C ALA E 32 -18.18 -20.58 18.64
N VAL E 33 -17.53 -19.45 18.93
CA VAL E 33 -17.19 -18.50 17.88
C VAL E 33 -16.22 -19.13 16.89
N ARG E 34 -15.38 -20.05 17.36
CA ARG E 34 -14.47 -20.75 16.46
C ARG E 34 -15.23 -21.71 15.55
N LEU E 35 -16.26 -22.38 16.08
CA LEU E 35 -17.02 -23.31 15.26
C LEU E 35 -17.81 -22.59 14.18
N ALA E 36 -18.47 -21.49 14.54
CA ALA E 36 -19.17 -20.70 13.53
C ALA E 36 -18.20 -20.09 12.53
N ARG E 37 -17.01 -19.71 13.00
CA ARG E 37 -16.00 -19.18 12.08
C ARG E 37 -15.44 -20.27 11.18
N GLU E 38 -15.39 -21.52 11.67
CA GLU E 38 -14.89 -22.60 10.83
C GLU E 38 -15.89 -22.98 9.75
N LEU E 39 -17.19 -22.84 10.03
CA LEU E 39 -18.19 -23.07 8.99
C LEU E 39 -18.20 -21.94 7.98
N ALA E 40 -18.06 -20.70 8.45
CA ALA E 40 -18.00 -19.57 7.53
C ALA E 40 -16.74 -19.61 6.67
N GLU E 41 -15.63 -20.07 7.24
CA GLU E 41 -14.41 -20.23 6.45
C GLU E 41 -14.55 -21.35 5.44
N PHE E 42 -15.20 -22.45 5.83
CA PHE E 42 -15.39 -23.56 4.91
C PHE E 42 -16.37 -23.20 3.80
N ALA E 43 -17.43 -22.47 4.15
CA ALA E 43 -18.41 -22.07 3.14
C ALA E 43 -17.82 -21.03 2.19
N ALA E 44 -16.97 -20.14 2.71
CA ALA E 44 -16.27 -19.20 1.82
C ALA E 44 -15.31 -19.94 0.90
N SER E 45 -14.81 -21.10 1.33
CA SER E 45 -13.98 -21.92 0.47
C SER E 45 -14.77 -22.55 -0.66
N HIS E 46 -16.09 -22.70 -0.50
CA HIS E 46 -16.95 -23.27 -1.53
C HIS E 46 -17.85 -22.18 -2.09
N PRO E 47 -17.46 -21.52 -3.18
CA PRO E 47 -18.36 -20.55 -3.80
C PRO E 47 -19.59 -21.22 -4.36
N GLU E 48 -20.54 -20.39 -4.81
CA GLU E 48 -21.82 -20.81 -5.36
C GLU E 48 -22.74 -21.34 -4.27
N PHE E 49 -22.17 -21.85 -3.18
CA PHE E 49 -22.95 -22.16 -2.00
C PHE E 49 -23.48 -20.88 -1.39
N ASN E 50 -24.80 -20.83 -1.16
CA ASN E 50 -25.49 -19.61 -0.77
C ASN E 50 -24.87 -18.97 0.46
N ARG E 51 -24.31 -17.77 0.28
CA ARG E 51 -23.70 -17.05 1.39
C ARG E 51 -24.73 -16.75 2.47
N GLN E 52 -25.99 -16.54 2.08
CA GLN E 52 -27.05 -16.35 3.06
C GLN E 52 -27.30 -17.62 3.85
N GLU E 53 -27.22 -18.77 3.20
CA GLU E 53 -27.38 -20.04 3.90
C GLU E 53 -26.22 -20.32 4.85
N ALA E 54 -25.03 -19.78 4.54
CA ALA E 54 -23.86 -20.05 5.37
C ALA E 54 -23.99 -19.39 6.74
N VAL E 55 -24.30 -18.09 6.76
CA VAL E 55 -24.40 -17.38 8.02
C VAL E 55 -25.61 -17.85 8.81
N LEU E 56 -26.63 -18.37 8.14
CA LEU E 56 -27.76 -18.94 8.86
C LEU E 56 -27.35 -20.21 9.59
N LEU E 57 -26.60 -21.09 8.93
CA LEU E 57 -26.06 -22.26 9.60
C LEU E 57 -25.02 -21.89 10.64
N ALA E 58 -24.39 -20.72 10.51
CA ALA E 58 -23.41 -20.28 11.50
C ALA E 58 -24.09 -19.88 12.80
N ILE E 59 -25.14 -19.05 12.69
CA ILE E 59 -25.93 -18.69 13.88
C ILE E 59 -26.57 -19.93 14.47
N GLU E 60 -26.84 -20.96 13.66
CA GLU E 60 -27.39 -22.19 14.18
C GLU E 60 -26.36 -22.95 15.01
N LEU E 61 -25.07 -22.82 14.68
CA LEU E 61 -24.04 -23.45 15.49
C LEU E 61 -23.95 -22.80 16.87
N MET E 62 -24.10 -21.48 16.94
CA MET E 62 -23.95 -20.79 18.22
C MET E 62 -25.10 -21.13 19.17
N VAL E 63 -26.32 -21.23 18.65
CA VAL E 63 -27.48 -21.42 19.53
C VAL E 63 -27.52 -22.83 20.10
N ARG E 64 -26.92 -23.80 19.41
CA ARG E 64 -26.85 -25.15 19.96
C ARG E 64 -25.69 -25.30 20.93
N ALA E 65 -24.61 -24.55 20.73
CA ALA E 65 -23.49 -24.59 21.66
C ALA E 65 -23.78 -23.81 22.93
N MET E 66 -24.62 -22.78 22.86
CA MET E 66 -25.00 -22.01 24.03
C MET E 66 -26.25 -22.52 24.72
N GLY E 67 -27.00 -23.42 24.09
CA GLY E 67 -28.21 -23.95 24.68
C GLY E 67 -29.31 -22.92 24.81
N VAL E 68 -29.56 -22.18 23.73
CA VAL E 68 -30.62 -21.17 23.72
C VAL E 68 -31.61 -21.50 22.61
N THR E 69 -32.68 -20.72 22.51
CA THR E 69 -33.74 -20.96 21.55
C THR E 69 -33.56 -20.08 20.32
N MET E 70 -34.11 -20.53 19.19
CA MET E 70 -34.00 -19.85 17.92
C MET E 70 -35.29 -20.00 17.13
N GLU E 71 -35.81 -18.88 16.62
CA GLU E 71 -36.96 -18.87 15.73
C GLU E 71 -36.61 -18.06 14.50
N THR E 72 -36.91 -18.59 13.32
CA THR E 72 -36.55 -17.98 12.04
C THR E 72 -37.81 -17.64 11.27
N HIS E 73 -38.01 -16.34 11.02
CA HIS E 73 -39.07 -15.86 10.13
C HIS E 73 -38.44 -15.30 8.87
N ARG E 74 -39.03 -15.60 7.72
CA ARG E 74 -38.50 -15.15 6.44
C ARG E 74 -39.54 -14.29 5.74
N SER E 75 -39.09 -13.15 5.20
CA SER E 75 -39.96 -12.27 4.44
C SER E 75 -39.59 -12.34 2.95
N GLY E 76 -38.96 -11.29 2.44
CA GLY E 76 -38.53 -11.28 1.06
C GLY E 76 -37.03 -11.16 0.93
N ASN E 77 -36.36 -12.30 0.77
CA ASN E 77 -34.89 -12.37 0.74
C ASN E 77 -34.27 -11.80 2.01
N GLU E 78 -35.01 -11.84 3.12
CA GLU E 78 -34.52 -11.42 4.41
C GLU E 78 -34.93 -12.44 5.45
N VAL E 79 -33.98 -12.88 6.27
CA VAL E 79 -34.22 -13.87 7.30
C VAL E 79 -34.07 -13.19 8.66
N LYS E 80 -35.18 -13.03 9.36
CA LYS E 80 -35.20 -12.47 10.71
C LYS E 80 -35.15 -13.62 11.70
N VAL E 81 -33.96 -13.89 12.23
CA VAL E 81 -33.78 -14.94 13.22
C VAL E 81 -33.67 -14.28 14.59
N VAL E 82 -34.44 -14.79 15.55
CA VAL E 82 -34.49 -14.23 16.90
C VAL E 82 -33.96 -15.26 17.88
N ILE E 83 -33.02 -14.84 18.72
CA ILE E 83 -32.42 -15.69 19.75
C ILE E 83 -32.82 -15.14 21.10
N LYS E 84 -33.40 -15.98 21.94
CA LYS E 84 -33.94 -15.55 23.23
C LYS E 84 -33.27 -16.30 24.37
N GLY E 85 -33.30 -15.68 25.54
CA GLY E 85 -32.75 -16.30 26.73
C GLY E 85 -31.23 -16.26 26.81
N LEU E 86 -30.62 -15.14 26.46
CA LEU E 86 -29.17 -14.99 26.53
C LEU E 86 -28.80 -14.00 27.64
N ASN E 87 -27.76 -14.34 28.38
CA ASN E 87 -27.20 -13.41 29.35
C ASN E 87 -26.26 -12.43 28.65
N ILE E 88 -25.67 -11.53 29.42
CA ILE E 88 -24.84 -10.48 28.82
C ILE E 88 -23.57 -11.06 28.21
N ASP E 89 -23.01 -12.10 28.82
CA ASP E 89 -21.82 -12.72 28.25
C ASP E 89 -22.09 -13.46 26.95
N GLU E 90 -23.35 -13.81 26.67
CA GLU E 90 -23.71 -14.47 25.42
C GLU E 90 -24.19 -13.51 24.35
N GLN E 91 -24.75 -12.35 24.75
CA GLN E 91 -25.09 -11.33 23.76
C GLN E 91 -23.86 -10.85 23.01
N VAL E 92 -22.73 -10.75 23.70
CA VAL E 92 -21.50 -10.33 23.05
C VAL E 92 -20.89 -11.48 22.26
N ALA E 93 -20.97 -12.71 22.79
CA ALA E 93 -20.40 -13.85 22.09
C ALA E 93 -21.15 -14.12 20.79
N LEU E 94 -22.48 -14.10 20.83
CA LEU E 94 -23.27 -14.32 19.63
C LEU E 94 -23.08 -13.20 18.63
N TYR E 95 -22.98 -11.96 19.12
CA TYR E 95 -22.75 -10.82 18.23
C TYR E 95 -21.39 -10.95 17.53
N ARG E 96 -20.37 -11.37 18.27
CA ARG E 96 -19.05 -11.55 17.68
C ARG E 96 -19.08 -12.62 16.60
N ALA E 97 -19.85 -13.68 16.81
CA ALA E 97 -19.95 -14.74 15.82
C ALA E 97 -20.67 -14.27 14.56
N VAL E 98 -21.78 -13.54 14.74
CA VAL E 98 -22.52 -13.05 13.58
C VAL E 98 -21.68 -12.08 12.78
N ARG E 99 -21.03 -11.12 13.45
CA ARG E 99 -20.24 -10.13 12.74
C ARG E 99 -19.02 -10.76 12.07
N GLU E 100 -18.38 -11.74 12.72
CA GLU E 100 -17.22 -12.38 12.13
C GLU E 100 -17.60 -13.18 10.89
N THR E 101 -18.61 -14.04 11.00
CA THR E 101 -19.00 -14.88 9.88
C THR E 101 -19.57 -14.06 8.73
N SER E 102 -20.26 -12.95 9.04
CA SER E 102 -20.86 -12.15 7.98
C SER E 102 -19.80 -11.48 7.12
N LYS E 103 -18.71 -11.02 7.72
CA LYS E 103 -17.65 -10.41 6.93
C LYS E 103 -16.81 -11.44 6.20
N ILE E 104 -16.83 -12.71 6.64
CA ILE E 104 -16.15 -13.76 5.89
C ILE E 104 -16.97 -14.17 4.66
N MET E 105 -18.27 -14.33 4.84
CA MET E 105 -19.14 -14.71 3.73
C MET E 105 -19.51 -13.55 2.83
N GLY E 106 -19.40 -12.32 3.32
CA GLY E 106 -19.84 -11.17 2.56
C GLY E 106 -21.34 -10.98 2.62
N VAL E 107 -21.87 -10.90 3.84
CA VAL E 107 -23.31 -10.78 4.06
C VAL E 107 -23.55 -9.54 4.91
N GLU E 108 -24.52 -8.72 4.49
CA GLU E 108 -24.91 -7.54 5.25
C GLU E 108 -25.89 -7.95 6.35
N THR E 109 -25.57 -7.61 7.60
CA THR E 109 -26.37 -8.01 8.75
C THR E 109 -26.74 -6.79 9.58
N GLU E 110 -27.98 -6.77 10.06
CA GLU E 110 -28.47 -5.76 10.98
C GLU E 110 -28.95 -6.46 12.24
N ILE E 111 -28.28 -6.19 13.35
CA ILE E 111 -28.50 -6.89 14.61
C ILE E 111 -29.20 -5.94 15.59
N GLU E 112 -30.02 -6.52 16.46
CA GLU E 112 -30.72 -5.74 17.49
C GLU E 112 -30.65 -6.52 18.79
N VAL E 113 -29.90 -5.99 19.76
CA VAL E 113 -29.80 -6.58 21.09
C VAL E 113 -30.71 -5.79 22.02
N GLU E 114 -31.56 -6.51 22.76
CA GLU E 114 -32.46 -5.88 23.72
C GLU E 114 -32.72 -6.88 24.84
N GLY E 115 -32.12 -6.65 26.01
CA GLY E 115 -32.32 -7.52 27.15
C GLY E 115 -31.71 -8.89 26.96
N ASP E 116 -32.56 -9.91 26.84
CA ASP E 116 -32.11 -11.29 26.68
C ASP E 116 -32.29 -11.79 25.25
N THR E 117 -32.70 -10.92 24.32
CA THR E 117 -33.00 -11.32 22.95
C THR E 117 -32.12 -10.57 21.97
N GLN E 118 -31.78 -11.24 20.87
CA GLN E 118 -30.97 -10.67 19.80
C GLN E 118 -31.63 -11.00 18.47
N THR E 119 -32.14 -9.97 17.80
CA THR E 119 -32.82 -10.13 16.51
C THR E 119 -31.83 -9.83 15.39
N ILE E 120 -31.56 -10.82 14.56
CA ILE E 120 -30.58 -10.72 13.49
C ILE E 120 -31.30 -10.78 12.15
N VAL E 121 -31.03 -9.82 11.28
CA VAL E 121 -31.60 -9.76 9.94
C VAL E 121 -30.50 -10.09 8.95
N VAL E 122 -30.76 -11.08 8.10
CA VAL E 122 -29.78 -11.56 7.13
C VAL E 122 -30.32 -11.30 5.74
N ARG E 123 -29.65 -10.42 4.99
CA ARG E 123 -29.97 -10.14 3.61
C ARG E 123 -28.88 -10.70 2.71
N GLU E 124 -29.29 -11.36 1.63
CA GLU E 124 -28.35 -12.05 0.74
C GLU E 124 -27.39 -11.08 0.07
N ARG F 3 -0.88 -4.19 58.10
CA ARG F 3 -1.37 -3.46 56.93
C ARG F 3 -2.06 -4.40 55.95
N LYS F 4 -1.28 -5.19 55.23
CA LYS F 4 -1.84 -6.12 54.26
C LYS F 4 -2.30 -7.42 54.91
N LYS F 5 -1.60 -7.88 55.94
CA LYS F 5 -2.00 -9.10 56.64
C LYS F 5 -3.25 -8.90 57.48
N GLU F 6 -3.58 -7.66 57.82
CA GLU F 6 -4.80 -7.34 58.56
C GLU F 6 -5.95 -6.96 57.66
N LEU F 7 -5.68 -6.29 56.54
CA LEU F 7 -6.74 -5.90 55.61
C LEU F 7 -7.43 -7.13 55.02
N ALA F 8 -6.70 -8.24 54.89
CA ALA F 8 -7.32 -9.47 54.39
C ALA F 8 -8.23 -10.09 55.44
N LYS F 9 -7.91 -9.94 56.72
CA LYS F 9 -8.81 -10.41 57.77
C LYS F 9 -10.16 -9.71 57.68
N GLU F 10 -10.15 -8.42 57.35
CA GLU F 10 -11.41 -7.69 57.17
C GLU F 10 -12.21 -8.24 56.01
N VAL F 11 -11.53 -8.69 54.96
CA VAL F 11 -12.21 -9.18 53.77
C VAL F 11 -12.84 -10.55 54.04
N ILE F 12 -12.08 -11.46 54.65
CA ILE F 12 -12.58 -12.81 54.88
C ILE F 12 -13.68 -12.81 55.93
N GLU F 13 -13.64 -11.88 56.89
CA GLU F 13 -14.72 -11.79 57.86
C GLU F 13 -16.03 -11.37 57.20
N THR F 14 -16.00 -10.29 56.42
CA THR F 14 -17.22 -9.82 55.76
C THR F 14 -17.72 -10.81 54.73
N ALA F 15 -16.81 -11.57 54.10
CA ALA F 15 -17.23 -12.55 53.11
C ALA F 15 -18.02 -13.70 53.75
N LYS F 16 -17.53 -14.21 54.88
CA LYS F 16 -18.27 -15.26 55.58
C LYS F 16 -19.61 -14.76 56.09
N LYS F 17 -19.67 -13.49 56.50
CA LYS F 17 -20.96 -12.92 56.90
C LYS F 17 -21.88 -12.76 55.70
N LEU F 18 -21.32 -12.44 54.54
CA LEU F 18 -22.14 -12.28 53.34
C LEU F 18 -22.68 -13.61 52.85
N ILE F 19 -21.88 -14.68 52.97
CA ILE F 19 -22.34 -15.99 52.54
C ILE F 19 -23.51 -16.46 53.41
N GLU F 20 -23.46 -16.15 54.71
CA GLU F 20 -24.57 -16.52 55.58
C GLU F 20 -25.79 -15.64 55.31
N LYS F 21 -25.57 -14.36 55.01
CA LYS F 21 -26.68 -13.47 54.70
C LYS F 21 -27.36 -13.88 53.39
N LEU F 22 -26.57 -14.33 52.41
CA LEU F 22 -27.15 -14.76 51.14
C LEU F 22 -27.85 -16.12 51.29
N ALA F 23 -27.27 -17.03 52.07
CA ALA F 23 -27.84 -18.37 52.21
C ALA F 23 -29.10 -18.39 53.06
N LYS F 24 -29.34 -17.35 53.85
CA LYS F 24 -30.52 -17.32 54.70
C LYS F 24 -31.72 -16.68 54.02
N GLU F 25 -31.50 -15.75 53.09
CA GLU F 25 -32.58 -15.11 52.37
C GLU F 25 -33.30 -16.10 51.45
N MET G 5 -6.65 21.26 9.57
CA MET G 5 -6.45 21.23 8.13
C MET G 5 -6.07 19.84 7.63
N LYS G 6 -4.78 19.55 7.67
CA LYS G 6 -4.24 18.37 7.00
C LYS G 6 -4.78 17.07 7.61
N GLU G 7 -4.45 16.79 8.87
CA GLU G 7 -4.78 15.50 9.45
C GLU G 7 -6.26 15.36 9.78
N GLU G 8 -7.04 16.45 9.76
CA GLU G 8 -8.46 16.36 10.03
C GLU G 8 -9.27 15.94 8.81
N ILE G 9 -8.72 16.13 7.60
CA ILE G 9 -9.43 15.74 6.39
C ILE G 9 -9.51 14.23 6.27
N LYS G 10 -8.40 13.54 6.57
CA LYS G 10 -8.35 12.09 6.40
C LYS G 10 -9.42 11.39 7.25
N ARG G 11 -9.66 11.91 8.45
CA ARG G 11 -10.54 11.22 9.39
C ARG G 11 -11.99 11.34 8.99
N LEU G 12 -12.45 12.56 8.68
CA LEU G 12 -13.84 12.74 8.27
C LEU G 12 -14.11 12.24 6.86
N ALA G 13 -13.08 12.16 6.02
CA ALA G 13 -13.25 11.56 4.69
C ALA G 13 -13.56 10.07 4.81
N GLU G 14 -12.94 9.39 5.78
CA GLU G 14 -13.27 7.99 6.03
C GLU G 14 -14.67 7.84 6.58
N GLU G 15 -15.12 8.80 7.39
CA GLU G 15 -16.49 8.76 7.92
C GLU G 15 -17.53 8.76 6.82
N LEU G 16 -17.22 9.41 5.69
CA LEU G 16 -18.20 9.50 4.60
C LEU G 16 -18.40 8.14 3.95
N LYS G 17 -17.33 7.45 3.61
CA LYS G 17 -17.46 6.13 2.99
C LYS G 17 -17.92 5.07 3.99
N GLU G 18 -17.68 5.29 5.29
CA GLU G 18 -18.22 4.38 6.31
C GLU G 18 -19.73 4.49 6.43
N LYS G 19 -20.35 5.51 5.82
CA LYS G 19 -21.78 5.71 5.86
C LYS G 19 -22.41 5.66 4.48
N THR G 20 -21.64 5.31 3.45
CA THR G 20 -22.11 5.32 2.07
C THR G 20 -21.93 3.95 1.43
N LYS G 21 -22.96 3.49 0.74
CA LYS G 21 -22.91 2.24 -0.01
C LYS G 21 -22.70 2.44 -1.50
N ASN G 22 -22.72 3.68 -1.98
CA ASN G 22 -22.36 3.98 -3.36
C ASN G 22 -20.84 3.93 -3.49
N GLU G 23 -20.35 2.97 -4.26
CA GLU G 23 -18.91 2.72 -4.33
C GLU G 23 -18.16 3.91 -4.94
N GLU G 24 -18.81 4.71 -5.78
CA GLU G 24 -18.14 5.87 -6.36
C GLU G 24 -17.82 6.90 -5.29
N ILE G 25 -18.72 7.08 -4.32
CA ILE G 25 -18.46 8.00 -3.21
C ILE G 25 -17.33 7.48 -2.35
N LYS G 26 -17.24 6.16 -2.17
CA LYS G 26 -16.17 5.58 -1.37
C LYS G 26 -14.81 5.81 -2.00
N ARG G 27 -14.70 5.66 -3.33
CA ARG G 27 -13.43 5.90 -4.00
C ARG G 27 -13.14 7.38 -4.16
N LEU G 28 -14.18 8.21 -4.21
CA LEU G 28 -13.99 9.63 -4.46
C LEU G 28 -13.51 10.37 -3.22
N ALA G 29 -14.02 9.98 -2.04
CA ALA G 29 -13.57 10.60 -0.80
C ALA G 29 -12.11 10.28 -0.51
N GLU G 30 -11.72 9.01 -0.69
CA GLU G 30 -10.33 8.63 -0.48
C GLU G 30 -9.43 9.17 -1.59
N GLU G 31 -9.98 9.42 -2.78
CA GLU G 31 -9.21 10.06 -3.84
C GLU G 31 -8.80 11.46 -3.43
N ALA G 32 -9.70 12.20 -2.79
CA ALA G 32 -9.37 13.51 -2.26
C ALA G 32 -8.44 13.43 -1.06
N ALA G 33 -8.37 12.29 -0.39
CA ALA G 33 -7.52 12.15 0.78
C ALA G 33 -6.04 12.26 0.40
N GLU G 34 -5.61 11.46 -0.59
CA GLU G 34 -4.21 11.52 -1.01
C GLU G 34 -3.87 12.87 -1.63
N LEU G 35 -4.84 13.53 -2.24
CA LEU G 35 -4.61 14.86 -2.80
C LEU G 35 -4.50 15.94 -1.74
N ALA G 36 -4.83 15.64 -0.48
CA ALA G 36 -4.75 16.63 0.58
C ALA G 36 -3.37 16.70 1.22
N GLU G 37 -2.65 15.58 1.28
CA GLU G 37 -1.31 15.60 1.86
C GLU G 37 -0.33 16.37 0.98
N ARG G 38 -0.51 16.29 -0.34
CA ARG G 38 0.38 16.99 -1.27
C ARG G 38 0.04 18.47 -1.41
N SER G 39 -1.12 18.91 -0.93
CA SER G 39 -1.49 20.31 -0.98
C SER G 39 -1.02 21.01 0.29
N ASP G 40 -0.24 22.07 0.13
CA ASP G 40 0.33 22.81 1.24
C ASP G 40 -0.35 24.16 1.45
N ASP G 41 -1.47 24.41 0.79
CA ASP G 41 -2.14 25.70 0.90
C ASP G 41 -3.37 25.58 1.77
N PRO G 42 -3.52 26.41 2.81
CA PRO G 42 -4.78 26.43 3.56
C PRO G 42 -5.97 26.87 2.73
N GLU G 43 -5.73 27.44 1.55
CA GLU G 43 -6.83 27.84 0.66
C GLU G 43 -7.51 26.62 0.06
N VAL G 44 -6.72 25.66 -0.43
CA VAL G 44 -7.31 24.44 -0.95
C VAL G 44 -7.74 23.50 0.17
N LEU G 45 -7.06 23.57 1.33
CA LEU G 45 -7.45 22.72 2.45
C LEU G 45 -8.81 23.09 3.00
N GLU G 46 -9.15 24.38 2.99
CA GLU G 46 -10.44 24.81 3.52
C GLU G 46 -11.58 24.43 2.58
N VAL G 47 -11.34 24.47 1.27
CA VAL G 47 -12.38 24.11 0.31
C VAL G 47 -12.65 22.60 0.36
N VAL G 48 -11.60 21.79 0.50
CA VAL G 48 -11.77 20.36 0.66
C VAL G 48 -12.61 20.06 1.89
N LEU G 49 -12.35 20.76 2.99
CA LEU G 49 -13.10 20.54 4.22
C LEU G 49 -14.55 21.01 4.09
N LYS G 50 -14.77 22.16 3.44
CA LYS G 50 -16.11 22.74 3.38
C LYS G 50 -17.07 21.83 2.64
N ALA G 51 -16.69 21.37 1.45
CA ALA G 51 -17.55 20.45 0.71
C ALA G 51 -17.69 19.11 1.42
N LEU G 52 -16.67 18.70 2.17
CA LEU G 52 -16.74 17.43 2.88
C LEU G 52 -17.73 17.50 4.03
N TRP G 53 -17.82 18.65 4.71
CA TRP G 53 -18.85 18.81 5.73
C TRP G 53 -20.24 18.78 5.10
N GLU G 54 -20.39 19.39 3.92
CA GLU G 54 -21.66 19.32 3.22
C GLU G 54 -21.98 17.90 2.75
N ALA G 55 -20.96 17.05 2.60
CA ALA G 55 -21.20 15.70 2.10
C ALA G 55 -21.85 14.82 3.16
N LEU G 56 -21.30 14.83 4.39
CA LEU G 56 -21.87 14.03 5.46
C LEU G 56 -23.25 14.55 5.88
N LYS G 57 -23.45 15.88 5.82
CA LYS G 57 -24.74 16.44 6.18
C LYS G 57 -25.80 16.13 5.13
N SER G 58 -25.45 16.21 3.85
CA SER G 58 -26.38 15.85 2.80
C SER G 58 -26.57 14.34 2.74
N LYS G 59 -27.76 13.93 2.29
CA LYS G 59 -28.11 12.51 2.20
C LYS G 59 -28.70 12.15 0.84
N ASN G 60 -28.46 12.98 -0.18
CA ASN G 60 -28.99 12.70 -1.51
C ASN G 60 -28.10 11.73 -2.29
N GLU G 61 -26.86 11.51 -1.83
CA GLU G 61 -25.88 10.62 -2.45
C GLU G 61 -25.37 11.16 -3.78
N GLU G 62 -26.26 11.41 -4.74
CA GLU G 62 -25.86 12.03 -5.99
C GLU G 62 -25.24 13.40 -5.75
N LYS G 63 -25.78 14.16 -4.80
CA LYS G 63 -25.18 15.43 -4.43
C LYS G 63 -23.85 15.23 -3.72
N ILE G 64 -23.71 14.14 -2.95
CA ILE G 64 -22.44 13.86 -2.28
C ILE G 64 -21.35 13.61 -3.30
N GLU G 65 -21.69 12.95 -4.41
CA GLU G 65 -20.70 12.71 -5.46
C GLU G 65 -20.24 14.02 -6.09
N LEU G 66 -21.18 14.89 -6.45
CA LEU G 66 -20.81 16.16 -7.05
C LEU G 66 -20.04 17.03 -6.06
N LEU G 67 -20.40 16.97 -4.78
CA LEU G 67 -19.64 17.69 -3.77
C LEU G 67 -18.22 17.17 -3.66
N LEU G 68 -18.06 15.84 -3.65
CA LEU G 68 -16.72 15.27 -3.60
C LEU G 68 -15.92 15.58 -4.86
N LEU G 69 -16.60 15.65 -6.01
CA LEU G 69 -15.90 15.97 -7.26
C LEU G 69 -15.31 17.37 -7.23
N VAL G 70 -16.01 18.31 -6.62
CA VAL G 70 -15.48 19.67 -6.48
C VAL G 70 -14.25 19.66 -5.59
N ALA G 71 -14.28 18.85 -4.52
CA ALA G 71 -13.13 18.80 -3.62
C ALA G 71 -11.94 18.10 -4.27
N VAL G 72 -12.20 17.02 -5.02
CA VAL G 72 -11.12 16.30 -5.68
C VAL G 72 -10.42 17.19 -6.70
N LEU G 73 -11.20 18.01 -7.42
CA LEU G 73 -10.63 18.86 -8.46
C LEU G 73 -9.72 19.93 -7.86
N VAL G 74 -10.16 20.57 -6.78
CA VAL G 74 -9.41 21.69 -6.21
C VAL G 74 -8.06 21.22 -5.69
N ALA G 75 -8.05 20.13 -4.93
CA ALA G 75 -6.80 19.62 -4.39
C ALA G 75 -5.87 19.12 -5.48
N GLU G 76 -6.43 18.63 -6.60
CA GLU G 76 -5.62 18.27 -7.74
C GLU G 76 -4.87 19.47 -8.30
N ALA G 77 -5.53 20.63 -8.35
CA ALA G 77 -4.91 21.84 -8.87
C ALA G 77 -3.78 22.33 -7.98
N GLY G 78 -3.75 21.94 -6.71
CA GLY G 78 -2.66 22.31 -5.83
C GLY G 78 -1.43 21.44 -6.03
N SER G 79 -0.82 21.55 -7.21
CA SER G 79 0.29 20.71 -7.59
C SER G 79 1.62 21.39 -7.22
N VAL G 80 2.72 20.70 -7.54
CA VAL G 80 4.04 21.28 -7.31
C VAL G 80 4.27 22.48 -8.22
N ASP G 81 3.62 22.50 -9.38
CA ASP G 81 3.69 23.64 -10.30
C ASP G 81 2.53 23.52 -11.28
N ALA G 82 1.76 24.59 -11.41
CA ALA G 82 0.57 24.61 -12.25
C ALA G 82 0.71 25.68 -13.32
N VAL G 83 0.49 25.30 -14.58
CA VAL G 83 0.49 26.24 -15.69
C VAL G 83 -0.81 27.02 -15.64
N GLU G 84 -0.89 28.12 -16.41
CA GLU G 84 -2.12 28.89 -16.46
C GLU G 84 -3.26 28.10 -17.13
N GLU G 85 -2.92 27.10 -17.95
CA GLU G 85 -3.95 26.23 -18.50
C GLU G 85 -4.58 25.37 -17.41
N LYS G 86 -3.78 24.95 -16.42
CA LYS G 86 -4.30 24.14 -15.32
C LYS G 86 -5.43 24.88 -14.59
N LEU G 87 -5.17 26.12 -14.17
CA LEU G 87 -6.17 26.87 -13.42
C LEU G 87 -7.40 27.18 -14.28
N GLU G 88 -7.21 27.41 -15.58
CA GLU G 88 -8.35 27.69 -16.45
C GLU G 88 -9.19 26.45 -16.70
N ILE G 89 -8.55 25.28 -16.80
CA ILE G 89 -9.31 24.04 -16.97
C ILE G 89 -10.21 23.80 -15.77
N ALA G 90 -9.67 23.99 -14.55
CA ALA G 90 -10.48 23.82 -13.35
C ALA G 90 -11.53 24.93 -13.23
N LEU G 91 -11.20 26.15 -13.66
CA LEU G 91 -12.15 27.25 -13.54
C LEU G 91 -13.32 27.07 -14.50
N LEU G 92 -13.02 26.71 -15.76
CA LEU G 92 -14.09 26.49 -16.73
C LEU G 92 -14.95 25.29 -16.37
N ALA G 93 -14.36 24.28 -15.72
CA ALA G 93 -15.14 23.12 -15.30
C ALA G 93 -16.02 23.45 -14.10
N LEU G 94 -15.51 24.30 -13.19
CA LEU G 94 -16.31 24.70 -12.05
C LEU G 94 -17.40 25.69 -12.46
N LYS G 95 -17.06 26.63 -13.34
CA LYS G 95 -18.05 27.60 -13.80
C LYS G 95 -19.17 26.92 -14.58
N LEU G 96 -18.84 25.98 -15.46
CA LEU G 96 -19.86 25.27 -16.21
C LEU G 96 -20.77 24.47 -15.30
N ALA G 97 -20.20 23.90 -14.22
CA ALA G 97 -21.00 23.10 -13.29
C ALA G 97 -22.07 23.97 -12.62
N GLU G 98 -21.69 25.15 -12.15
CA GLU G 98 -22.67 26.08 -11.60
C GLU G 98 -23.58 26.64 -12.70
N GLU G 99 -23.06 26.74 -13.92
CA GLU G 99 -23.78 27.30 -15.05
C GLU G 99 -24.63 26.27 -15.79
N SER G 100 -24.85 25.10 -15.19
CA SER G 100 -25.63 24.05 -15.81
C SER G 100 -26.49 23.37 -14.75
N LYS G 101 -27.69 22.95 -15.17
CA LYS G 101 -28.63 22.28 -14.29
C LYS G 101 -28.53 20.76 -14.33
N ASP G 102 -28.02 20.20 -15.43
CA ASP G 102 -27.90 18.75 -15.55
C ASP G 102 -26.83 18.24 -14.60
N PRO G 103 -27.16 17.38 -13.64
CA PRO G 103 -26.12 16.82 -12.76
C PRO G 103 -25.09 15.98 -13.52
N ARG G 104 -25.41 15.53 -14.73
CA ARG G 104 -24.43 14.84 -15.55
C ARG G 104 -23.43 15.80 -16.17
N ILE G 105 -23.78 17.08 -16.31
CA ILE G 105 -22.82 18.07 -16.79
C ILE G 105 -21.93 18.54 -15.65
N ILE G 106 -22.51 18.72 -14.46
CA ILE G 106 -21.69 19.00 -13.28
C ILE G 106 -20.67 17.90 -13.08
N ARG G 107 -21.10 16.64 -13.23
CA ARG G 107 -20.16 15.52 -13.17
C ARG G 107 -19.22 15.53 -14.37
N GLY G 108 -19.73 15.83 -15.56
CA GLY G 108 -18.90 15.76 -16.75
C GLY G 108 -17.77 16.77 -16.73
N ALA G 109 -18.08 18.02 -16.40
CA ALA G 109 -17.04 19.05 -16.35
C ALA G 109 -16.01 18.75 -15.28
N LEU G 110 -16.46 18.34 -14.09
CA LEU G 110 -15.53 18.04 -13.01
C LEU G 110 -14.67 16.82 -13.34
N ARG G 111 -15.30 15.71 -13.72
CA ARG G 111 -14.56 14.48 -13.96
C ARG G 111 -13.61 14.61 -15.13
N ALA G 112 -13.99 15.38 -16.16
CA ALA G 112 -13.08 15.60 -17.27
C ALA G 112 -11.87 16.43 -16.85
N ALA G 113 -12.10 17.45 -16.01
CA ALA G 113 -11.00 18.28 -15.56
C ALA G 113 -10.07 17.50 -14.63
N ILE G 114 -10.64 16.66 -13.77
CA ILE G 114 -9.82 15.89 -12.83
C ILE G 114 -8.85 14.98 -13.58
N ALA G 115 -9.34 14.27 -14.59
CA ALA G 115 -8.47 13.40 -15.36
C ALA G 115 -7.54 14.19 -16.26
N ALA G 116 -7.97 15.38 -16.71
CA ALA G 116 -7.14 16.17 -17.60
C ALA G 116 -5.96 16.80 -16.87
N LEU G 117 -6.20 17.30 -15.65
CA LEU G 117 -5.12 17.91 -14.87
C LEU G 117 -4.06 16.89 -14.47
N ARG G 118 -4.37 15.60 -14.56
CA ARG G 118 -3.38 14.55 -14.31
C ARG G 118 -2.42 14.36 -15.48
N SER G 119 -2.52 15.22 -16.50
CA SER G 119 -1.60 15.21 -17.63
C SER G 119 -0.82 16.52 -17.66
N ASP G 120 0.41 16.45 -18.16
CA ASP G 120 1.27 17.62 -18.26
C ASP G 120 1.53 18.05 -19.70
N ASP G 121 1.09 17.29 -20.68
CA ASP G 121 1.32 17.63 -22.08
C ASP G 121 0.51 18.85 -22.46
N PRO G 122 1.13 19.93 -22.93
CA PRO G 122 0.35 21.10 -23.39
C PRO G 122 -0.55 20.79 -24.57
N LEU G 123 -0.23 19.77 -25.37
CA LEU G 123 -1.12 19.38 -26.47
C LEU G 123 -2.49 18.98 -25.97
N ALA G 124 -2.57 18.41 -24.77
CA ALA G 124 -3.84 17.98 -24.21
C ALA G 124 -4.49 19.07 -23.37
N LEU G 125 -3.70 19.73 -22.50
CA LEU G 125 -4.26 20.74 -21.60
C LEU G 125 -4.90 21.89 -22.37
N LYS G 126 -4.33 22.26 -23.52
CA LYS G 126 -4.93 23.32 -24.31
C LYS G 126 -6.16 22.85 -25.08
N THR G 127 -6.18 21.57 -25.47
CA THR G 127 -7.39 21.01 -26.08
C THR G 127 -8.54 20.99 -25.08
N VAL G 128 -8.25 20.77 -23.80
CA VAL G 128 -9.29 20.83 -22.77
C VAL G 128 -9.79 22.25 -22.62
N LYS G 129 -8.89 23.24 -22.74
CA LYS G 129 -9.31 24.63 -22.69
C LYS G 129 -10.22 24.97 -23.86
N GLU G 130 -9.83 24.54 -25.07
CA GLU G 130 -10.63 24.86 -26.25
C GLU G 130 -11.95 24.12 -26.27
N ALA G 131 -11.99 22.90 -25.71
CA ALA G 131 -13.23 22.13 -25.70
C ALA G 131 -14.18 22.60 -24.61
N LEU G 132 -13.64 22.91 -23.42
CA LEU G 132 -14.48 23.40 -22.33
C LEU G 132 -15.06 24.78 -22.66
N GLU G 133 -14.27 25.63 -23.31
CA GLU G 133 -14.79 26.93 -23.72
C GLU G 133 -15.82 26.80 -24.84
N ARG G 134 -15.79 25.71 -25.61
CA ARG G 134 -16.84 25.47 -26.58
C ARG G 134 -18.15 25.09 -25.90
N ALA G 135 -18.06 24.32 -24.81
CA ALA G 135 -19.26 23.89 -24.10
C ALA G 135 -19.81 25.00 -23.19
N ARG G 136 -18.96 25.89 -22.72
CA ARG G 136 -19.40 26.98 -21.86
C ARG G 136 -20.15 28.06 -22.62
N ALA G 137 -19.96 28.15 -23.94
CA ALA G 137 -20.62 29.15 -24.76
C ALA G 137 -22.00 28.71 -25.24
N SER G 138 -22.37 27.45 -25.04
CA SER G 138 -23.64 26.91 -25.50
C SER G 138 -24.47 26.40 -24.34
N LYS G 139 -25.78 26.58 -24.43
CA LYS G 139 -26.73 26.08 -23.44
C LYS G 139 -27.52 24.90 -23.98
N ASP G 140 -26.93 24.15 -24.92
CA ASP G 140 -27.58 22.99 -25.52
C ASP G 140 -27.25 21.76 -24.69
N GLU G 141 -28.28 21.13 -24.11
CA GLU G 141 -28.05 19.99 -23.23
C GLU G 141 -27.44 18.81 -23.97
N ARG G 142 -27.76 18.64 -25.25
CA ARG G 142 -27.19 17.55 -26.02
C ARG G 142 -25.76 17.84 -26.48
N LEU G 143 -25.42 19.12 -26.67
CA LEU G 143 -24.10 19.48 -27.17
C LEU G 143 -23.04 19.36 -26.08
N ILE G 144 -23.33 19.87 -24.88
CA ILE G 144 -22.31 19.89 -23.83
C ILE G 144 -21.99 18.49 -23.34
N ARG G 145 -22.97 17.57 -23.34
CA ARG G 145 -22.68 16.20 -22.95
C ARG G 145 -21.77 15.51 -23.98
N ALA G 146 -21.89 15.88 -25.25
CA ALA G 146 -21.06 15.29 -26.28
C ALA G 146 -19.63 15.82 -26.24
N ILE G 147 -19.47 17.12 -25.97
CA ILE G 147 -18.13 17.68 -25.88
C ILE G 147 -17.42 17.17 -24.63
N LEU G 148 -18.14 17.01 -23.53
CA LEU G 148 -17.52 16.53 -22.30
C LEU G 148 -17.14 15.05 -22.41
N ALA G 149 -18.00 14.24 -23.03
CA ALA G 149 -17.69 12.83 -23.17
C ALA G 149 -16.45 12.62 -24.03
N ALA G 150 -16.31 13.40 -25.10
CA ALA G 150 -15.12 13.29 -25.94
C ALA G 150 -13.91 13.88 -25.25
N ALA G 151 -14.08 14.94 -24.46
CA ALA G 151 -12.96 15.53 -23.74
C ALA G 151 -12.39 14.55 -22.72
N TYR G 152 -13.27 13.85 -22.00
CA TYR G 152 -12.81 12.84 -21.05
C TYR G 152 -12.10 11.69 -21.77
N ALA G 153 -12.59 11.32 -22.94
CA ALA G 153 -11.97 10.23 -23.69
C ALA G 153 -10.58 10.63 -24.20
N PHE G 154 -10.43 11.87 -24.64
CA PHE G 154 -9.11 12.33 -25.06
C PHE G 154 -8.20 12.56 -23.85
N ALA G 155 -8.77 12.85 -22.69
CA ALA G 155 -7.97 13.06 -21.49
C ALA G 155 -7.28 11.78 -21.06
N LEU G 156 -7.99 10.65 -21.10
CA LEU G 156 -7.38 9.38 -20.75
C LEU G 156 -6.24 9.04 -21.69
N LEU G 157 -6.36 9.40 -22.97
CA LEU G 157 -5.27 9.17 -23.92
C LEU G 157 -4.03 9.96 -23.56
N ALA G 158 -4.20 11.12 -22.93
CA ALA G 158 -3.06 11.94 -22.57
C ALA G 158 -2.36 11.41 -21.31
N VAL G 159 -3.13 10.86 -20.37
CA VAL G 159 -2.55 10.32 -19.15
C VAL G 159 -1.63 9.15 -19.50
N ALA G 160 -2.09 8.26 -20.38
CA ALA G 160 -1.22 7.18 -20.84
C ALA G 160 -0.09 7.73 -21.70
N GLY G 161 -0.41 8.65 -22.61
CA GLY G 161 0.58 9.27 -23.46
C GLY G 161 1.36 8.28 -24.31
N ALA G 162 0.64 7.44 -25.05
CA ALA G 162 1.28 6.42 -25.88
C ALA G 162 2.21 7.05 -26.91
N SER G 163 1.65 7.90 -27.77
CA SER G 163 2.44 8.62 -28.76
C SER G 163 1.78 9.96 -29.02
N ALA G 164 2.56 11.04 -28.92
CA ALA G 164 2.01 12.38 -29.13
C ALA G 164 1.38 12.52 -30.51
N GLU G 165 1.90 11.80 -31.50
CA GLU G 165 1.31 11.85 -32.84
C GLU G 165 0.00 11.07 -32.89
N ARG G 166 -0.07 9.93 -32.19
CA ARG G 166 -1.33 9.21 -32.08
C ARG G 166 -2.37 10.02 -31.33
N LEU G 167 -1.94 10.84 -30.37
CA LEU G 167 -2.84 11.77 -29.71
C LEU G 167 -3.27 12.88 -30.67
N LYS G 168 -2.38 13.31 -31.55
CA LYS G 168 -2.71 14.37 -32.51
C LYS G 168 -3.79 13.90 -33.47
N GLU G 169 -3.74 12.63 -33.89
CA GLU G 169 -4.82 12.09 -34.70
C GLU G 169 -6.13 12.09 -33.93
N ALA G 170 -6.09 11.73 -32.65
CA ALA G 170 -7.30 11.72 -31.83
C ALA G 170 -7.84 13.12 -31.62
N GLU G 171 -6.95 14.10 -31.46
CA GLU G 171 -7.40 15.49 -31.28
C GLU G 171 -8.07 16.00 -32.54
N ALA G 172 -7.59 15.60 -33.72
CA ALA G 172 -8.30 15.92 -34.95
C ALA G 172 -9.68 15.27 -34.97
N ILE G 173 -9.80 14.09 -34.37
CA ILE G 173 -11.12 13.46 -34.26
C ILE G 173 -12.00 14.23 -33.30
N VAL G 174 -11.42 14.84 -32.26
CA VAL G 174 -12.20 15.65 -31.32
C VAL G 174 -12.87 16.81 -32.06
N TRP G 175 -12.12 17.48 -32.95
CA TRP G 175 -12.70 18.49 -33.81
C TRP G 175 -13.85 17.90 -34.63
N TYR G 176 -13.68 16.67 -35.10
CA TYR G 176 -14.72 16.00 -35.87
C TYR G 176 -15.97 15.73 -35.05
N LEU G 177 -15.80 15.37 -33.77
CA LEU G 177 -16.94 14.97 -32.95
C LEU G 177 -17.81 16.17 -32.59
N ILE G 178 -17.20 17.35 -32.43
CA ILE G 178 -17.97 18.53 -32.11
C ILE G 178 -18.84 18.94 -33.30
N ALA G 179 -18.28 18.88 -34.50
CA ALA G 179 -19.07 19.18 -35.70
C ALA G 179 -20.11 18.11 -35.95
N ALA G 180 -19.81 16.85 -35.60
CA ALA G 180 -20.80 15.79 -35.74
C ALA G 180 -21.96 15.99 -34.77
N ALA G 181 -21.67 16.49 -33.57
CA ALA G 181 -22.75 16.77 -32.62
C ALA G 181 -23.58 17.97 -33.04
N GLU G 182 -22.96 18.95 -33.71
CA GLU G 182 -23.72 20.07 -34.22
C GLU G 182 -24.63 19.66 -35.38
N LYS G 183 -24.26 18.61 -36.10
CA LYS G 183 -25.15 18.03 -37.11
C LYS G 183 -26.43 17.50 -36.50
N GLY G 184 -26.41 17.15 -35.22
CA GLY G 184 -27.54 16.48 -34.60
C GLY G 184 -27.43 14.98 -34.60
N ALA G 185 -26.22 14.43 -34.69
CA ALA G 185 -26.03 12.99 -34.74
C ALA G 185 -26.61 12.33 -33.51
N SER G 186 -27.12 11.12 -33.70
CA SER G 186 -27.74 10.39 -32.61
C SER G 186 -26.72 10.12 -31.51
N PRO G 187 -27.14 10.10 -30.25
CA PRO G 187 -26.22 9.69 -29.17
C PRO G 187 -25.68 8.28 -29.36
N GLN G 188 -26.36 7.46 -30.17
CA GLN G 188 -25.83 6.14 -30.50
C GLN G 188 -24.52 6.24 -31.25
N GLU G 189 -24.50 7.03 -32.32
CA GLU G 189 -23.30 7.14 -33.16
C GLU G 189 -22.20 7.96 -32.52
N LEU G 190 -22.56 8.93 -31.67
CA LEU G 190 -21.55 9.71 -30.98
C LEU G 190 -20.70 8.84 -30.07
N VAL G 191 -21.25 7.72 -29.61
CA VAL G 191 -20.47 6.79 -28.80
C VAL G 191 -19.44 6.07 -29.66
N LEU G 192 -19.84 5.61 -30.85
CA LEU G 192 -18.88 5.01 -31.78
C LEU G 192 -17.75 5.98 -32.10
N LEU G 193 -18.10 7.26 -32.26
CA LEU G 193 -17.08 8.27 -32.54
C LEU G 193 -16.03 8.34 -31.44
N VAL G 194 -16.45 8.13 -30.19
CA VAL G 194 -15.47 8.05 -29.10
C VAL G 194 -14.65 6.78 -29.22
N ILE G 195 -15.28 5.68 -29.63
CA ILE G 195 -14.56 4.41 -29.77
C ILE G 195 -13.48 4.52 -30.84
N GLU G 196 -13.78 5.17 -31.96
CA GLU G 196 -12.77 5.36 -33.00
C GLU G 196 -11.65 6.29 -32.54
N MET G 197 -11.96 7.21 -31.62
CA MET G 197 -10.92 8.08 -31.09
C MET G 197 -9.96 7.30 -30.19
N MET G 198 -10.48 6.31 -29.46
CA MET G 198 -9.62 5.48 -28.62
C MET G 198 -8.87 4.46 -29.45
N VAL G 199 -9.51 3.89 -30.47
CA VAL G 199 -8.88 2.89 -31.31
C VAL G 199 -7.77 3.52 -32.15
N LYS G 200 -8.11 4.55 -32.93
CA LYS G 200 -7.11 5.24 -33.73
C LYS G 200 -6.06 5.92 -32.85
N GLY G 201 -6.47 6.40 -31.68
CA GLY G 201 -5.56 7.08 -30.77
C GLY G 201 -4.47 6.20 -30.19
N MET G 202 -4.59 4.87 -30.32
CA MET G 202 -3.55 3.96 -29.86
C MET G 202 -3.07 3.04 -30.98
N GLY G 203 -3.63 3.15 -32.18
CA GLY G 203 -3.10 2.46 -33.35
C GLY G 203 -3.38 0.97 -33.43
N VAL G 204 -4.65 0.60 -33.57
CA VAL G 204 -5.06 -0.80 -33.72
C VAL G 204 -6.15 -0.87 -34.78
N THR G 205 -6.55 -2.10 -35.12
CA THR G 205 -7.58 -2.34 -36.11
C THR G 205 -8.96 -2.36 -35.45
N MET G 206 -9.99 -2.19 -36.28
CA MET G 206 -11.35 -2.02 -35.78
C MET G 206 -12.35 -2.32 -36.89
N GLU G 207 -13.43 -3.02 -36.54
CA GLU G 207 -14.54 -3.29 -37.44
C GLU G 207 -15.85 -2.93 -36.75
N THR G 208 -16.74 -2.28 -37.49
CA THR G 208 -18.06 -1.91 -36.99
C THR G 208 -19.11 -2.72 -37.75
N HIS G 209 -19.86 -3.55 -37.04
CA HIS G 209 -20.87 -4.41 -37.64
C HIS G 209 -22.27 -3.90 -37.26
N ARG G 210 -22.65 -2.77 -37.84
CA ARG G 210 -23.96 -2.21 -37.58
C ARG G 210 -25.02 -2.87 -38.45
N SER G 211 -26.19 -3.14 -37.87
CA SER G 211 -27.27 -3.80 -38.59
C SER G 211 -28.59 -3.67 -37.85
N GLY G 212 -29.21 -2.50 -37.91
CA GLY G 212 -30.49 -2.29 -37.27
C GLY G 212 -30.46 -1.31 -36.11
N ASN G 213 -30.84 -1.77 -34.92
CA ASN G 213 -30.87 -0.94 -33.73
C ASN G 213 -29.61 -1.05 -32.89
N GLU G 214 -28.58 -1.73 -33.38
CA GLU G 214 -27.34 -1.93 -32.66
C GLU G 214 -26.15 -1.62 -33.56
N VAL G 215 -24.97 -1.59 -32.95
CA VAL G 215 -23.71 -1.41 -33.66
C VAL G 215 -22.65 -2.30 -33.01
N LYS G 216 -22.70 -3.60 -33.30
CA LYS G 216 -21.76 -4.55 -32.71
C LYS G 216 -20.35 -4.32 -33.25
N VAL G 217 -19.57 -3.50 -32.55
CA VAL G 217 -18.21 -3.16 -32.95
C VAL G 217 -17.26 -4.22 -32.39
N VAL G 218 -16.56 -4.92 -33.28
CA VAL G 218 -15.58 -5.93 -32.90
C VAL G 218 -14.19 -5.34 -33.12
N ILE G 219 -13.40 -5.29 -32.06
CA ILE G 219 -12.07 -4.70 -32.10
C ILE G 219 -11.09 -5.82 -31.77
N LYS G 220 -10.65 -6.56 -32.79
CA LYS G 220 -9.67 -7.61 -32.60
C LYS G 220 -8.29 -7.00 -32.46
N GLY G 221 -7.67 -7.19 -31.30
CA GLY G 221 -6.35 -6.64 -31.04
C GLY G 221 -6.23 -6.02 -29.67
N LEU G 222 -5.60 -4.85 -29.60
CA LEU G 222 -5.42 -4.11 -28.35
C LEU G 222 -4.54 -4.87 -27.36
N HIS G 223 -4.26 -4.25 -26.22
CA HIS G 223 -3.50 -4.85 -25.14
C HIS G 223 -4.22 -4.57 -23.82
N GLU G 224 -3.63 -5.01 -22.71
CA GLU G 224 -4.31 -4.88 -21.43
C GLU G 224 -4.54 -3.41 -21.07
N SER G 225 -3.50 -2.59 -21.20
CA SER G 225 -3.64 -1.17 -20.89
C SER G 225 -4.62 -0.48 -21.82
N GLN G 226 -4.67 -0.90 -23.08
CA GLN G 226 -5.52 -0.24 -24.07
C GLN G 226 -6.98 -0.68 -23.96
N GLN G 227 -7.22 -1.94 -23.60
CA GLN G 227 -8.59 -2.38 -23.35
C GLN G 227 -9.17 -1.74 -22.09
N GLU G 228 -8.31 -1.45 -21.11
CA GLU G 228 -8.78 -0.81 -19.89
C GLU G 228 -9.25 0.62 -20.15
N VAL G 229 -8.41 1.42 -20.81
CA VAL G 229 -8.79 2.80 -21.09
C VAL G 229 -9.98 2.85 -22.03
N LEU G 230 -10.11 1.85 -22.90
CA LEU G 230 -11.30 1.78 -23.75
C LEU G 230 -12.55 1.55 -22.94
N LEU G 231 -12.47 0.70 -21.91
CA LEU G 231 -13.62 0.46 -21.05
C LEU G 231 -13.98 1.69 -20.23
N GLU G 232 -12.99 2.51 -19.86
CA GLU G 232 -13.28 3.69 -19.05
C GLU G 232 -13.96 4.77 -19.87
N ALA G 233 -13.47 5.02 -21.09
CA ALA G 233 -14.04 6.10 -21.90
C ALA G 233 -15.41 5.73 -22.45
N VAL G 234 -15.60 4.46 -22.84
CA VAL G 234 -16.88 4.05 -23.39
C VAL G 234 -17.95 4.06 -22.31
N LEU G 235 -17.63 3.57 -21.10
CA LEU G 235 -18.60 3.58 -20.01
C LEU G 235 -18.95 4.99 -19.58
N PHE G 236 -17.95 5.88 -19.50
CA PHE G 236 -18.22 7.25 -19.08
C PHE G 236 -19.01 8.01 -20.14
N ALA G 237 -18.63 7.87 -21.41
CA ALA G 237 -19.34 8.56 -22.47
C ALA G 237 -20.77 8.04 -22.62
N ALA G 238 -20.98 6.74 -22.37
CA ALA G 238 -22.33 6.19 -22.46
C ALA G 238 -23.22 6.71 -21.33
N GLU G 239 -22.65 6.88 -20.14
CA GLU G 239 -23.42 7.42 -19.02
C GLU G 239 -23.80 8.88 -19.26
N LEU G 240 -22.90 9.64 -19.88
CA LEU G 240 -23.19 11.04 -20.17
C LEU G 240 -24.32 11.18 -21.19
N MET G 241 -24.13 10.59 -22.38
CA MET G 241 -25.10 10.73 -23.46
C MET G 241 -26.42 10.02 -23.18
N GLY G 242 -26.51 9.22 -22.13
CA GLY G 242 -27.71 8.45 -21.88
C GLY G 242 -27.86 7.25 -22.79
N VAL G 243 -26.75 6.60 -23.14
CA VAL G 243 -26.73 5.48 -24.07
C VAL G 243 -26.41 4.20 -23.32
N ARG G 244 -27.12 3.13 -23.65
CA ARG G 244 -26.89 1.83 -23.04
C ARG G 244 -25.91 1.05 -23.91
N VAL G 245 -24.72 0.78 -23.38
CA VAL G 245 -23.70 0.04 -24.10
C VAL G 245 -23.27 -1.17 -23.27
N ARG G 246 -22.85 -2.22 -23.97
CA ARG G 246 -22.30 -3.43 -23.36
C ARG G 246 -20.93 -3.67 -23.95
N ILE G 247 -19.91 -3.79 -23.09
CA ILE G 247 -18.55 -4.08 -23.52
C ILE G 247 -18.24 -5.52 -23.12
N ARG G 248 -17.95 -6.36 -24.12
CA ARG G 248 -17.74 -7.78 -23.91
C ARG G 248 -16.31 -8.16 -24.31
N PHE G 249 -15.69 -9.01 -23.50
CA PHE G 249 -14.31 -9.43 -23.71
C PHE G 249 -14.27 -10.94 -23.93
N LYS G 250 -13.34 -11.36 -24.79
CA LYS G 250 -13.08 -12.77 -25.04
C LYS G 250 -11.75 -12.96 -25.75
N GLY G 251 -10.65 -12.72 -25.05
CA GLY G 251 -9.34 -12.88 -25.66
C GLY G 251 -9.08 -11.87 -26.76
N ASP G 252 -9.08 -10.59 -26.40
CA ASP G 252 -8.74 -9.49 -27.32
C ASP G 252 -9.71 -9.42 -28.50
N THR G 253 -10.99 -9.69 -28.23
CA THR G 253 -12.07 -9.50 -29.21
C THR G 253 -13.15 -8.64 -28.55
N VAL G 254 -12.79 -7.39 -28.25
CA VAL G 254 -13.70 -6.49 -27.54
C VAL G 254 -14.92 -6.22 -28.43
N THR G 255 -16.09 -6.64 -27.95
CA THR G 255 -17.34 -6.53 -28.70
C THR G 255 -18.25 -5.53 -27.98
N ILE G 256 -18.31 -4.31 -28.53
CA ILE G 256 -19.13 -3.25 -27.96
C ILE G 256 -20.49 -3.25 -28.65
N VAL G 257 -21.56 -3.11 -27.86
CA VAL G 257 -22.93 -3.13 -28.36
C VAL G 257 -23.58 -1.83 -27.90
N VAL G 258 -23.58 -0.82 -28.77
CA VAL G 258 -24.14 0.49 -28.46
C VAL G 258 -25.56 0.53 -28.98
N ARG G 259 -26.53 0.55 -28.07
CA ARG G 259 -27.95 0.51 -28.46
C ARG G 259 -28.81 1.36 -27.53
N GLU H 1 -7.21 -30.32 -3.43
CA GLU H 1 -8.37 -29.86 -2.68
C GLU H 1 -7.97 -29.24 -1.35
N GLU H 2 -7.39 -30.05 -0.47
CA GLU H 2 -7.02 -29.57 0.86
C GLU H 2 -5.99 -28.43 0.75
N ALA H 3 -4.95 -28.63 -0.06
CA ALA H 3 -3.86 -27.66 -0.13
C ALA H 3 -4.33 -26.33 -0.69
N VAL H 4 -5.06 -26.36 -1.81
CA VAL H 4 -5.46 -25.11 -2.47
C VAL H 4 -6.47 -24.35 -1.62
N ARG H 5 -7.41 -25.05 -0.98
CA ARG H 5 -8.40 -24.37 -0.15
C ARG H 5 -7.77 -23.80 1.12
N ARG H 6 -6.78 -24.48 1.69
CA ARG H 6 -6.08 -23.92 2.85
C ARG H 6 -5.32 -22.66 2.46
N ARG H 7 -4.72 -22.64 1.27
CA ARG H 7 -4.08 -21.42 0.79
C ARG H 7 -5.10 -20.32 0.56
N PHE H 8 -6.31 -20.69 0.11
CA PHE H 8 -7.37 -19.70 -0.04
C PHE H 8 -7.79 -19.11 1.30
N GLU H 9 -7.78 -19.93 2.36
CA GLU H 9 -8.16 -19.43 3.67
C GLU H 9 -7.21 -18.34 4.14
N GLU H 10 -5.92 -18.51 3.87
CA GLU H 10 -4.95 -17.49 4.26
C GLU H 10 -5.07 -16.26 3.37
N LEU H 11 -5.36 -16.45 2.08
CA LEU H 11 -5.49 -15.32 1.16
C LEU H 11 -6.75 -14.52 1.43
N LEU H 12 -7.80 -15.17 1.94
CA LEU H 12 -9.04 -14.47 2.24
C LEU H 12 -8.91 -13.63 3.50
N ARG H 13 -8.25 -14.17 4.52
CA ARG H 13 -8.01 -13.39 5.74
C ARG H 13 -7.16 -12.16 5.45
N GLU H 14 -6.22 -12.27 4.52
CA GLU H 14 -5.43 -11.10 4.15
C GLU H 14 -6.25 -10.10 3.35
N ALA H 15 -7.20 -10.58 2.54
CA ALA H 15 -8.02 -9.69 1.75
C ALA H 15 -9.02 -8.93 2.61
N LEU H 16 -9.54 -9.58 3.66
CA LEU H 16 -10.51 -8.92 4.53
C LEU H 16 -9.84 -7.93 5.48
N ALA H 17 -8.57 -8.14 5.82
CA ALA H 17 -7.86 -7.15 6.63
C ALA H 17 -7.56 -5.90 5.82
N PHE H 18 -7.15 -6.06 4.56
CA PHE H 18 -6.97 -4.92 3.68
C PHE H 18 -8.30 -4.32 3.23
N ARG H 19 -9.40 -5.06 3.40
CA ARG H 19 -10.73 -4.48 3.20
C ARG H 19 -11.04 -3.39 4.21
N GLU H 20 -10.37 -3.42 5.38
CA GLU H 20 -10.63 -2.43 6.41
C GLU H 20 -10.34 -1.03 5.88
N ARG H 21 -11.15 -0.06 6.32
CA ARG H 21 -11.13 1.28 5.76
C ARG H 21 -9.90 2.09 6.15
N THR H 22 -9.12 1.64 7.14
CA THR H 22 -7.89 2.36 7.50
C THR H 22 -6.78 2.11 6.49
N GLY H 23 -6.74 0.92 5.88
CA GLY H 23 -5.77 0.67 4.83
C GLY H 23 -6.05 1.41 3.54
N GLY H 24 -7.29 1.83 3.32
CA GLY H 24 -7.66 2.58 2.14
C GLY H 24 -7.87 1.70 0.93
N ARG H 25 -8.40 2.31 -0.12
CA ARG H 25 -8.57 1.64 -1.41
C ARG H 25 -7.43 1.90 -2.37
N ARG H 26 -6.55 2.86 -2.05
CA ARG H 26 -5.34 3.05 -2.85
C ARG H 26 -4.44 1.83 -2.74
N GLU H 27 -3.86 1.42 -3.88
CA GLU H 27 -2.95 0.28 -3.97
C GLU H 27 -3.67 -1.05 -3.77
N THR H 28 -4.71 -1.07 -2.92
CA THR H 28 -5.42 -2.30 -2.61
C THR H 28 -6.08 -2.91 -3.84
N LEU H 29 -6.34 -2.11 -4.89
CA LEU H 29 -6.85 -2.69 -6.12
C LEU H 29 -5.77 -3.45 -6.87
N GLU H 30 -4.50 -3.09 -6.67
CA GLU H 30 -3.40 -3.91 -7.17
C GLU H 30 -3.07 -5.03 -6.20
N HIS H 31 -3.22 -4.78 -4.90
CA HIS H 31 -3.04 -5.82 -3.90
C HIS H 31 -4.06 -6.93 -4.06
N ALA H 32 -5.28 -6.59 -4.50
CA ALA H 32 -6.33 -7.59 -4.67
C ALA H 32 -6.11 -8.41 -5.94
N VAL H 33 -5.77 -7.76 -7.05
CA VAL H 33 -5.41 -8.49 -8.25
C VAL H 33 -4.19 -9.36 -8.00
N ARG H 34 -3.28 -8.91 -7.13
CA ARG H 34 -2.13 -9.72 -6.77
C ARG H 34 -2.55 -10.92 -5.92
N LEU H 35 -3.50 -10.71 -5.00
CA LEU H 35 -4.01 -11.83 -4.22
C LEU H 35 -4.68 -12.88 -5.09
N ALA H 36 -5.51 -12.43 -6.05
CA ALA H 36 -6.14 -13.36 -6.98
C ALA H 36 -5.11 -14.04 -7.85
N ARG H 37 -4.04 -13.33 -8.22
CA ARG H 37 -2.97 -13.95 -8.99
C ARG H 37 -2.23 -14.99 -8.17
N GLU H 38 -2.02 -14.71 -6.87
CA GLU H 38 -1.33 -15.68 -6.02
C GLU H 38 -2.16 -16.95 -5.84
N LEU H 39 -3.49 -16.82 -5.84
CA LEU H 39 -4.32 -18.02 -5.73
C LEU H 39 -4.32 -18.81 -7.03
N ALA H 40 -4.30 -18.11 -8.17
CA ALA H 40 -4.28 -18.79 -9.46
C ALA H 40 -2.97 -19.53 -9.69
N GLU H 41 -1.85 -18.92 -9.29
CA GLU H 41 -0.56 -19.59 -9.43
C GLU H 41 -0.46 -20.79 -8.50
N PHE H 42 -1.05 -20.70 -7.31
CA PHE H 42 -1.06 -21.83 -6.39
C PHE H 42 -1.89 -22.98 -6.94
N ALA H 43 -3.11 -22.67 -7.41
CA ALA H 43 -3.98 -23.70 -7.95
C ALA H 43 -3.40 -24.29 -9.24
N ALA H 44 -2.68 -23.49 -10.02
CA ALA H 44 -2.01 -24.03 -11.20
C ALA H 44 -0.96 -25.05 -10.82
N SER H 45 -0.33 -24.89 -9.65
CA SER H 45 0.64 -25.87 -9.18
C SER H 45 -0.01 -27.21 -8.87
N HIS H 46 -1.32 -27.24 -8.64
CA HIS H 46 -2.05 -28.47 -8.31
C HIS H 46 -3.02 -28.78 -9.44
N PRO H 47 -2.68 -29.66 -10.37
CA PRO H 47 -3.59 -29.97 -11.48
C PRO H 47 -4.86 -30.69 -11.04
N GLU H 48 -4.86 -31.33 -9.87
CA GLU H 48 -6.06 -32.00 -9.40
C GLU H 48 -7.17 -31.01 -9.08
N PHE H 49 -6.82 -29.79 -8.68
CA PHE H 49 -7.81 -28.78 -8.34
C PHE H 49 -8.61 -28.39 -9.58
N ASN H 50 -9.93 -28.32 -9.43
CA ASN H 50 -10.80 -27.95 -10.53
C ASN H 50 -10.44 -26.55 -11.03
N ARG H 51 -10.13 -26.45 -12.32
CA ARG H 51 -9.70 -25.17 -12.89
C ARG H 51 -10.79 -24.12 -12.78
N GLN H 52 -12.06 -24.52 -12.87
CA GLN H 52 -13.16 -23.57 -12.73
C GLN H 52 -13.36 -23.19 -11.26
N GLU H 53 -13.16 -24.14 -10.34
CA GLU H 53 -13.25 -23.82 -8.91
C GLU H 53 -12.16 -22.84 -8.50
N ALA H 54 -11.00 -22.90 -9.14
CA ALA H 54 -9.93 -21.95 -8.82
C ALA H 54 -10.27 -20.55 -9.33
N VAL H 55 -10.83 -20.47 -10.55
CA VAL H 55 -11.21 -19.16 -11.10
C VAL H 55 -12.32 -18.54 -10.27
N LEU H 56 -13.24 -19.36 -9.76
CA LEU H 56 -14.31 -18.84 -8.91
C LEU H 56 -13.75 -18.30 -7.59
N LEU H 57 -12.83 -19.04 -6.97
CA LEU H 57 -12.27 -18.58 -5.70
C LEU H 57 -11.50 -17.28 -5.86
N ALA H 58 -10.70 -17.17 -6.93
CA ALA H 58 -9.97 -15.93 -7.19
C ALA H 58 -10.91 -14.75 -7.39
N ILE H 59 -12.06 -14.99 -8.00
CA ILE H 59 -13.06 -13.93 -8.13
C ILE H 59 -13.60 -13.55 -6.76
N GLU H 60 -13.83 -14.55 -5.90
CA GLU H 60 -14.32 -14.26 -4.56
C GLU H 60 -13.33 -13.41 -3.77
N LEU H 61 -12.04 -13.67 -3.94
CA LEU H 61 -11.03 -12.81 -3.32
C LEU H 61 -11.15 -11.38 -3.82
N MET H 62 -11.40 -11.20 -5.11
CA MET H 62 -11.55 -9.86 -5.67
C MET H 62 -12.82 -9.19 -5.17
N VAL H 63 -13.87 -9.96 -4.91
CA VAL H 63 -15.12 -9.38 -4.43
C VAL H 63 -15.02 -8.98 -2.97
N ARG H 64 -14.45 -9.86 -2.14
CA ARG H 64 -14.35 -9.55 -0.71
C ARG H 64 -13.32 -8.47 -0.44
N ALA H 65 -12.26 -8.40 -1.25
CA ALA H 65 -11.27 -7.35 -1.06
C ALA H 65 -11.83 -5.97 -1.36
N MET H 66 -12.68 -5.87 -2.39
CA MET H 66 -13.28 -4.59 -2.74
C MET H 66 -14.48 -4.25 -1.87
N GLY H 67 -15.16 -5.26 -1.33
CA GLY H 67 -16.33 -5.02 -0.50
C GLY H 67 -17.59 -4.82 -1.31
N VAL H 68 -17.88 -5.76 -2.21
CA VAL H 68 -19.06 -5.72 -3.06
C VAL H 68 -19.76 -7.08 -2.97
N THR H 69 -20.83 -7.22 -3.75
CA THR H 69 -21.65 -8.42 -3.74
C THR H 69 -21.32 -9.32 -4.91
N MET H 70 -21.76 -10.58 -4.82
CA MET H 70 -21.42 -11.60 -5.80
C MET H 70 -22.45 -12.71 -5.75
N GLU H 71 -22.97 -13.09 -6.92
CA GLU H 71 -23.93 -14.19 -7.03
C GLU H 71 -23.55 -15.06 -8.22
N THR H 72 -23.65 -16.38 -8.03
CA THR H 72 -23.20 -17.35 -9.02
C THR H 72 -24.36 -18.25 -9.43
N HIS H 73 -24.57 -18.38 -10.74
CA HIS H 73 -25.57 -19.26 -11.30
C HIS H 73 -24.91 -20.26 -12.24
N ARG H 74 -25.40 -21.50 -12.24
CA ARG H 74 -24.77 -22.60 -12.97
C ARG H 74 -25.78 -23.26 -13.90
N SER H 75 -25.34 -23.52 -15.14
CA SER H 75 -26.08 -24.36 -16.07
C SER H 75 -25.30 -25.64 -16.34
N GLY H 76 -24.80 -25.80 -17.57
CA GLY H 76 -24.06 -26.99 -17.95
C GLY H 76 -22.56 -26.77 -17.97
N ASN H 77 -21.88 -27.27 -16.94
CA ASN H 77 -20.43 -27.22 -16.79
C ASN H 77 -19.89 -25.80 -16.74
N GLU H 78 -20.76 -24.79 -16.67
CA GLU H 78 -20.31 -23.40 -16.64
C GLU H 78 -21.10 -22.64 -15.58
N VAL H 79 -20.42 -21.68 -14.95
CA VAL H 79 -21.02 -20.83 -13.93
C VAL H 79 -20.77 -19.38 -14.31
N LYS H 80 -21.66 -18.50 -13.86
CA LYS H 80 -21.58 -17.08 -14.16
C LYS H 80 -21.72 -16.29 -12.88
N VAL H 81 -20.71 -15.48 -12.57
CA VAL H 81 -20.73 -14.58 -11.41
C VAL H 81 -21.13 -13.19 -11.88
N VAL H 82 -22.02 -12.56 -11.12
CA VAL H 82 -22.55 -11.25 -11.46
C VAL H 82 -22.15 -10.29 -10.34
N ILE H 83 -21.13 -9.49 -10.59
CA ILE H 83 -20.65 -8.51 -9.63
C ILE H 83 -21.32 -7.18 -9.94
N LYS H 84 -22.08 -6.65 -8.98
CA LYS H 84 -22.85 -5.44 -9.20
C LYS H 84 -22.40 -4.35 -8.24
N GLY H 85 -22.64 -3.11 -8.63
CA GLY H 85 -22.28 -1.96 -7.83
C GLY H 85 -20.87 -1.43 -8.05
N LEU H 86 -20.15 -1.94 -9.04
CA LEU H 86 -18.77 -1.55 -9.25
C LEU H 86 -18.67 -0.16 -9.87
N ASN H 87 -17.66 0.60 -9.45
CA ASN H 87 -17.36 1.87 -10.07
C ASN H 87 -16.40 1.66 -11.24
N ILE H 88 -15.89 2.74 -11.83
CA ILE H 88 -15.03 2.61 -13.00
C ILE H 88 -13.69 2.00 -12.61
N ASP H 89 -13.13 2.41 -11.47
CA ASP H 89 -11.85 1.86 -11.04
C ASP H 89 -11.99 0.40 -10.61
N GLU H 90 -13.17 -0.01 -10.13
CA GLU H 90 -13.38 -1.40 -9.75
C GLU H 90 -13.66 -2.28 -10.95
N GLN H 91 -14.36 -1.74 -11.95
CA GLN H 91 -14.60 -2.51 -13.17
C GLN H 91 -13.29 -2.84 -13.89
N VAL H 92 -12.36 -1.90 -13.89
CA VAL H 92 -11.07 -2.12 -14.55
C VAL H 92 -10.24 -3.11 -13.75
N ALA H 93 -10.22 -2.97 -12.42
CA ALA H 93 -9.39 -3.83 -11.59
C ALA H 93 -9.91 -5.27 -11.59
N LEU H 94 -11.24 -5.44 -11.52
CA LEU H 94 -11.79 -6.80 -11.53
C LEU H 94 -11.55 -7.47 -12.87
N TYR H 95 -11.67 -6.72 -13.97
CA TYR H 95 -11.36 -7.30 -15.28
C TYR H 95 -9.90 -7.66 -15.38
N ARG H 96 -9.01 -6.79 -14.88
CA ARG H 96 -7.59 -7.07 -14.91
C ARG H 96 -7.25 -8.33 -14.11
N ALA H 97 -7.98 -8.59 -13.03
CA ALA H 97 -7.74 -9.79 -12.23
C ALA H 97 -8.26 -11.03 -12.92
N VAL H 98 -9.48 -10.96 -13.46
CA VAL H 98 -10.05 -12.12 -14.15
C VAL H 98 -9.25 -12.45 -15.40
N ARG H 99 -8.83 -11.42 -16.15
CA ARG H 99 -8.04 -11.67 -17.34
C ARG H 99 -6.68 -12.28 -17.00
N GLU H 100 -6.08 -11.83 -15.89
CA GLU H 100 -4.80 -12.41 -15.47
C GLU H 100 -4.96 -13.85 -15.01
N THR H 101 -5.86 -14.07 -14.05
CA THR H 101 -5.97 -15.40 -13.43
C THR H 101 -6.50 -16.44 -14.40
N SER H 102 -7.33 -16.03 -15.37
CA SER H 102 -7.84 -16.99 -16.34
C SER H 102 -6.72 -17.52 -17.23
N LYS H 103 -5.71 -16.70 -17.52
CA LYS H 103 -4.56 -17.19 -18.26
C LYS H 103 -3.69 -18.08 -17.40
N ILE H 104 -3.60 -17.80 -16.10
CA ILE H 104 -2.85 -18.66 -15.20
C ILE H 104 -3.49 -20.04 -15.10
N MET H 105 -4.82 -20.10 -15.22
CA MET H 105 -5.55 -21.35 -15.12
C MET H 105 -5.87 -21.98 -16.47
N GLY H 106 -5.66 -21.26 -17.57
CA GLY H 106 -6.03 -21.75 -18.88
C GLY H 106 -7.51 -22.06 -18.99
N VAL H 107 -8.34 -21.09 -18.62
CA VAL H 107 -9.78 -21.26 -18.55
C VAL H 107 -10.45 -20.27 -19.49
N GLU H 108 -11.35 -20.77 -20.33
CA GLU H 108 -12.13 -19.92 -21.21
C GLU H 108 -13.11 -19.08 -20.39
N THR H 109 -12.95 -17.77 -20.44
CA THR H 109 -13.80 -16.86 -19.68
C THR H 109 -14.24 -15.69 -20.54
N GLU H 110 -15.47 -15.22 -20.29
CA GLU H 110 -16.06 -14.10 -21.00
C GLU H 110 -16.53 -13.07 -19.99
N ILE H 111 -16.20 -11.81 -20.23
CA ILE H 111 -16.50 -10.70 -19.32
C ILE H 111 -17.43 -9.74 -20.04
N GLU H 112 -18.50 -9.34 -19.36
CA GLU H 112 -19.53 -8.47 -19.95
C GLU H 112 -19.82 -7.32 -19.01
N VAL H 113 -19.30 -6.14 -19.33
CA VAL H 113 -19.51 -4.94 -18.54
C VAL H 113 -20.73 -4.22 -19.08
N GLU H 114 -21.81 -4.21 -18.30
CA GLU H 114 -23.05 -3.54 -18.66
C GLU H 114 -23.20 -2.19 -17.98
N GLY H 115 -22.19 -1.73 -17.24
CA GLY H 115 -22.31 -0.51 -16.47
C GLY H 115 -22.83 -0.78 -15.08
N ASP H 116 -21.99 -0.55 -14.06
CA ASP H 116 -22.25 -0.90 -12.67
C ASP H 116 -22.49 -2.40 -12.49
N THR H 117 -22.15 -3.23 -13.48
CA THR H 117 -22.36 -4.66 -13.40
C THR H 117 -21.42 -5.34 -14.37
N GLN H 118 -20.56 -6.22 -13.86
CA GLN H 118 -19.66 -7.00 -14.69
C GLN H 118 -20.03 -8.47 -14.54
N THR H 119 -20.52 -9.07 -15.63
CA THR H 119 -20.97 -10.46 -15.63
C THR H 119 -19.88 -11.33 -16.26
N ILE H 120 -19.22 -12.14 -15.44
CA ILE H 120 -18.15 -13.01 -15.88
C ILE H 120 -18.70 -14.43 -15.95
N VAL H 121 -18.60 -15.05 -17.12
CA VAL H 121 -19.05 -16.42 -17.32
C VAL H 121 -17.81 -17.29 -17.45
N VAL H 122 -17.55 -18.13 -16.46
CA VAL H 122 -16.38 -18.99 -16.44
C VAL H 122 -16.76 -20.32 -17.06
N ARG H 123 -16.17 -20.63 -18.21
CA ARG H 123 -16.41 -21.88 -18.92
C ARG H 123 -15.33 -22.88 -18.57
N GLU H 124 -15.74 -24.10 -18.23
CA GLU H 124 -14.82 -25.15 -17.81
C GLU H 124 -14.10 -25.76 -19.01
N GLU I 1 2.31 34.60 -14.02
CA GLU I 1 2.65 34.79 -12.61
C GLU I 1 1.65 35.73 -11.94
N GLU I 2 1.56 36.96 -12.44
CA GLU I 2 0.57 37.90 -11.92
C GLU I 2 -0.85 37.45 -12.23
N ARG I 3 -1.02 36.59 -13.23
CA ARG I 3 -2.29 35.92 -13.47
C ARG I 3 -2.41 34.61 -12.70
N LYS I 4 -1.29 34.04 -12.27
CA LYS I 4 -1.34 32.79 -11.52
C LYS I 4 -1.85 32.98 -10.10
N LYS I 5 -1.63 34.16 -9.51
CA LYS I 5 -2.13 34.43 -8.16
C LYS I 5 -3.62 34.77 -8.16
N GLU I 6 -4.12 35.38 -9.22
CA GLU I 6 -5.52 35.78 -9.28
C GLU I 6 -6.41 34.71 -9.91
N LEU I 7 -5.88 33.92 -10.86
CA LEU I 7 -6.63 32.77 -11.36
C LEU I 7 -6.73 31.69 -10.29
N ALA I 8 -5.76 31.63 -9.38
CA ALA I 8 -5.87 30.71 -8.25
C ALA I 8 -6.96 31.16 -7.28
N LYS I 9 -7.10 32.47 -7.08
CA LYS I 9 -8.18 32.98 -6.24
C LYS I 9 -9.54 32.68 -6.83
N GLU I 10 -9.66 32.73 -8.17
CA GLU I 10 -10.94 32.44 -8.80
C GLU I 10 -11.31 30.97 -8.70
N VAL I 11 -10.32 30.07 -8.76
CA VAL I 11 -10.61 28.65 -8.62
C VAL I 11 -11.05 28.34 -7.20
N ILE I 12 -10.42 28.95 -6.20
CA ILE I 12 -10.76 28.68 -4.81
C ILE I 12 -12.09 29.33 -4.44
N GLU I 13 -12.42 30.47 -5.06
CA GLU I 13 -13.65 31.17 -4.71
C GLU I 13 -14.85 30.56 -5.42
N THR I 14 -14.74 30.32 -6.73
CA THR I 14 -15.84 29.71 -7.48
C THR I 14 -16.18 28.33 -6.93
N ALA I 15 -15.18 27.61 -6.41
CA ALA I 15 -15.44 26.31 -5.80
C ALA I 15 -16.38 26.45 -4.60
N LYS I 16 -16.16 27.44 -3.76
CA LYS I 16 -17.04 27.65 -2.62
C LYS I 16 -18.43 28.09 -3.07
N LYS I 17 -18.51 28.87 -4.14
CA LYS I 17 -19.81 29.27 -4.68
C LYS I 17 -20.59 28.06 -5.17
N LEU I 18 -19.90 27.09 -5.78
CA LEU I 18 -20.56 25.90 -6.28
C LEU I 18 -20.97 24.97 -5.14
N ILE I 19 -20.20 24.94 -4.05
CA ILE I 19 -20.57 24.11 -2.90
C ILE I 19 -21.89 24.57 -2.31
N GLU I 20 -22.08 25.89 -2.19
CA GLU I 20 -23.32 26.41 -1.64
C GLU I 20 -24.48 26.22 -2.62
N LYS I 21 -24.21 26.28 -3.93
CA LYS I 21 -25.28 26.07 -4.90
C LYS I 21 -25.68 24.60 -4.99
N LEU I 22 -24.76 23.68 -4.72
CA LEU I 22 -25.09 22.26 -4.73
C LEU I 22 -25.91 21.89 -3.49
N ALA I 23 -25.40 22.23 -2.31
CA ALA I 23 -26.06 21.87 -1.05
C ALA I 23 -27.19 22.82 -0.68
N LYS I 24 -27.55 23.75 -1.57
CA LYS I 24 -28.68 24.64 -1.29
C LYS I 24 -29.97 23.85 -1.13
N GLU I 25 -30.11 22.74 -1.83
CA GLU I 25 -31.31 21.91 -1.76
C GLU I 25 -31.33 21.11 -0.46
N ILE J 9 22.67 39.59 -36.30
CA ILE J 9 22.15 38.67 -35.31
C ILE J 9 21.63 39.44 -34.11
N LYS J 10 22.41 40.43 -33.66
CA LYS J 10 22.00 41.29 -32.56
C LYS J 10 20.78 42.13 -32.89
N ARG J 11 20.34 42.14 -34.15
CA ARG J 11 19.17 42.92 -34.53
C ARG J 11 17.89 42.31 -33.97
N LEU J 12 17.77 40.98 -34.04
CA LEU J 12 16.60 40.32 -33.47
C LEU J 12 16.58 40.42 -31.96
N ALA J 13 17.76 40.52 -31.32
CA ALA J 13 17.81 40.66 -29.88
C ALA J 13 17.19 41.98 -29.42
N GLU J 14 17.53 43.07 -30.11
CA GLU J 14 16.96 44.36 -29.74
C GLU J 14 15.48 44.43 -30.03
N GLU J 15 15.04 43.83 -31.15
CA GLU J 15 13.62 43.82 -31.48
C GLU J 15 12.82 43.02 -30.47
N LEU J 16 13.45 42.02 -29.83
CA LEU J 16 12.75 41.28 -28.78
C LEU J 16 12.47 42.17 -27.57
N LYS J 17 13.44 43.01 -27.19
CA LYS J 17 13.25 43.92 -26.06
C LYS J 17 12.11 44.90 -26.27
N GLU J 18 11.74 45.16 -27.52
CA GLU J 18 10.63 46.08 -27.80
C GLU J 18 9.29 45.48 -27.41
N LYS J 19 9.15 44.15 -27.52
CA LYS J 19 7.91 43.45 -27.23
C LYS J 19 7.93 42.70 -25.90
N THR J 20 9.11 42.50 -25.31
CA THR J 20 9.21 41.66 -24.12
C THR J 20 8.62 42.37 -22.91
N LYS J 21 7.82 41.62 -22.13
CA LYS J 21 7.26 42.11 -20.88
C LYS J 21 7.82 41.37 -19.67
N ASN J 22 8.80 40.49 -19.87
CA ASN J 22 9.39 39.69 -18.80
C ASN J 22 10.88 40.00 -18.73
N GLU J 23 11.34 40.48 -17.56
CA GLU J 23 12.71 40.93 -17.44
C GLU J 23 13.71 39.81 -17.68
N GLU J 24 13.30 38.56 -17.49
CA GLU J 24 14.19 37.43 -17.74
C GLU J 24 14.49 37.27 -19.23
N ILE J 25 13.46 37.39 -20.08
CA ILE J 25 13.69 37.27 -21.51
C ILE J 25 14.54 38.44 -22.02
N LYS J 26 14.46 39.60 -21.35
CA LYS J 26 15.37 40.70 -21.68
C LYS J 26 16.82 40.32 -21.39
N ARG J 27 17.06 39.73 -20.21
CA ARG J 27 18.41 39.33 -19.84
C ARG J 27 18.92 38.21 -20.75
N LEU J 28 18.03 37.30 -21.14
CA LEU J 28 18.45 36.16 -21.96
C LEU J 28 18.87 36.61 -23.36
N ALA J 29 18.14 37.57 -23.94
CA ALA J 29 18.51 38.06 -25.26
C ALA J 29 19.78 38.91 -25.21
N GLU J 30 19.88 39.78 -24.20
CA GLU J 30 21.08 40.60 -24.06
C GLU J 30 22.30 39.73 -23.73
N GLU J 31 22.12 38.66 -22.98
CA GLU J 31 23.21 37.74 -22.70
C GLU J 31 23.63 37.01 -23.97
N ALA J 32 22.65 36.48 -24.72
CA ALA J 32 22.96 35.80 -25.97
C ALA J 32 23.60 36.74 -26.98
N ALA J 33 23.34 38.04 -26.86
CA ALA J 33 23.98 39.01 -27.74
C ALA J 33 25.47 39.11 -27.44
N GLU J 34 25.83 39.22 -26.16
CA GLU J 34 27.25 39.32 -25.79
C GLU J 34 28.00 38.06 -26.18
N LEU J 35 27.41 36.89 -25.93
CA LEU J 35 28.05 35.63 -26.25
C LEU J 35 28.17 35.41 -27.76
N ALA J 36 27.39 36.14 -28.56
CA ALA J 36 27.46 35.99 -30.00
C ALA J 36 28.66 36.69 -30.61
N GLU J 37 29.08 37.82 -30.04
CA GLU J 37 30.26 38.51 -30.56
C GLU J 37 31.52 37.70 -30.34
N ARG J 38 31.57 36.91 -29.26
CA ARG J 38 32.71 36.04 -29.02
C ARG J 38 32.65 34.75 -29.83
N SER J 39 31.46 34.33 -30.27
CA SER J 39 31.29 33.10 -31.01
C SER J 39 32.23 33.03 -32.20
N ASP J 40 33.00 31.95 -32.29
CA ASP J 40 34.05 31.80 -33.27
C ASP J 40 33.67 30.83 -34.39
N ASP J 41 32.37 30.71 -34.69
CA ASP J 41 31.91 29.86 -35.78
C ASP J 41 30.51 30.28 -36.19
N PRO J 42 30.19 30.28 -37.49
CA PRO J 42 28.83 30.67 -37.92
C PRO J 42 27.77 29.62 -37.63
N GLU J 43 28.14 28.38 -37.33
CA GLU J 43 27.15 27.37 -36.99
C GLU J 43 26.46 27.69 -35.67
N VAL J 44 27.21 28.22 -34.71
CA VAL J 44 26.57 28.75 -33.50
C VAL J 44 25.77 30.00 -33.84
N LEU J 45 26.25 30.80 -34.79
CA LEU J 45 25.54 32.00 -35.19
C LEU J 45 24.21 31.71 -35.86
N GLU J 46 24.04 30.52 -36.42
CA GLU J 46 22.79 30.18 -37.10
C GLU J 46 21.77 29.52 -36.18
N VAL J 47 22.22 28.80 -35.15
CA VAL J 47 21.27 28.20 -34.22
C VAL J 47 20.76 29.26 -33.25
N VAL J 48 21.57 30.25 -32.90
CA VAL J 48 21.09 31.38 -32.11
C VAL J 48 20.08 32.19 -32.92
N LEU J 49 20.34 32.38 -34.21
CA LEU J 49 19.44 33.15 -35.06
C LEU J 49 18.13 32.39 -35.31
N LYS J 50 18.24 31.08 -35.53
CA LYS J 50 17.04 30.28 -35.79
C LYS J 50 16.18 30.17 -34.53
N ALA J 51 16.81 30.11 -33.36
CA ALA J 51 16.05 30.09 -32.11
C ALA J 51 15.38 31.43 -31.85
N LEU J 52 16.02 32.53 -32.24
CA LEU J 52 15.41 33.84 -32.06
C LEU J 52 14.23 34.04 -32.99
N TRP J 53 14.31 33.52 -34.22
CA TRP J 53 13.19 33.61 -35.14
C TRP J 53 12.00 32.80 -34.65
N GLU J 54 12.26 31.63 -34.06
CA GLU J 54 11.19 30.83 -33.47
C GLU J 54 10.69 31.42 -32.16
N ALA J 55 11.48 32.31 -31.53
CA ALA J 55 11.07 32.91 -30.27
C ALA J 55 10.12 34.08 -30.48
N LEU J 56 10.42 34.94 -31.46
CA LEU J 56 9.55 36.08 -31.74
C LEU J 56 8.19 35.63 -32.27
N LYS J 57 8.15 34.51 -32.99
CA LYS J 57 6.89 34.05 -33.57
C LYS J 57 5.97 33.47 -32.49
N SER J 58 6.50 32.56 -31.67
CA SER J 58 5.69 31.95 -30.63
C SER J 58 5.26 32.99 -29.61
N LYS J 59 4.02 32.87 -29.14
CA LYS J 59 3.47 33.78 -28.14
C LYS J 59 3.10 33.05 -26.86
N ASN J 60 3.86 32.01 -26.51
CA ASN J 60 3.67 31.32 -25.24
C ASN J 60 4.45 31.97 -24.11
N GLU J 61 5.51 32.73 -24.44
CA GLU J 61 6.38 33.44 -23.51
C GLU J 61 7.29 32.46 -22.76
N GLU J 62 6.70 31.44 -22.13
CA GLU J 62 7.52 30.40 -21.50
C GLU J 62 8.31 29.62 -22.55
N LYS J 63 7.69 29.36 -23.71
CA LYS J 63 8.42 28.73 -24.81
C LYS J 63 9.51 29.65 -25.34
N ILE J 64 9.31 30.96 -25.24
CA ILE J 64 10.37 31.91 -25.60
C ILE J 64 11.51 31.83 -24.59
N GLU J 65 11.19 31.54 -23.32
CA GLU J 65 12.23 31.42 -22.30
C GLU J 65 13.13 30.23 -22.58
N LEU J 66 12.55 29.05 -22.80
CA LEU J 66 13.36 27.86 -23.05
C LEU J 66 14.17 27.99 -24.33
N LEU J 67 13.59 28.63 -25.35
CA LEU J 67 14.33 28.86 -26.59
C LEU J 67 15.50 29.81 -26.35
N LEU J 68 15.27 30.89 -25.61
CA LEU J 68 16.36 31.80 -25.27
C LEU J 68 17.41 31.12 -24.42
N LEU J 69 17.03 30.08 -23.67
CA LEU J 69 18.02 29.33 -22.90
C LEU J 69 18.90 28.48 -23.82
N VAL J 70 18.32 27.89 -24.87
CA VAL J 70 19.12 27.19 -25.86
C VAL J 70 19.99 28.19 -26.62
N ALA J 71 19.51 29.42 -26.79
CA ALA J 71 20.32 30.44 -27.45
C ALA J 71 21.54 30.83 -26.63
N VAL J 72 21.38 30.92 -25.30
CA VAL J 72 22.49 31.30 -24.44
C VAL J 72 23.51 30.16 -24.35
N LEU J 73 23.03 28.93 -24.20
CA LEU J 73 23.93 27.81 -23.97
C LEU J 73 24.83 27.55 -25.18
N VAL J 74 24.25 27.50 -26.37
CA VAL J 74 25.05 27.19 -27.55
C VAL J 74 25.95 28.37 -27.91
N ALA J 75 25.55 29.60 -27.55
CA ALA J 75 26.36 30.76 -27.85
C ALA J 75 27.63 30.78 -27.00
N GLU J 76 27.49 30.57 -25.69
CA GLU J 76 28.66 30.54 -24.82
C GLU J 76 29.54 29.34 -25.11
N ALA J 77 28.95 28.22 -25.54
CA ALA J 77 29.72 27.03 -25.88
C ALA J 77 30.51 27.19 -27.16
N GLY J 78 30.21 28.23 -27.95
CA GLY J 78 30.94 28.47 -29.19
C GLY J 78 32.28 29.14 -28.97
N SER J 79 32.80 29.03 -27.75
CA SER J 79 34.12 29.58 -27.44
C SER J 79 35.20 28.79 -28.15
N VAL J 80 36.15 29.52 -28.75
CA VAL J 80 37.30 28.87 -29.37
C VAL J 80 38.12 28.13 -28.31
N ASP J 81 38.06 28.58 -27.05
CA ASP J 81 38.69 27.91 -25.93
C ASP J 81 37.60 27.05 -25.27
N ALA J 82 37.42 25.83 -25.78
CA ALA J 82 36.40 24.92 -25.30
C ALA J 82 37.03 23.58 -24.95
N VAL J 83 36.66 23.05 -23.78
CA VAL J 83 37.14 21.74 -23.35
C VAL J 83 36.16 20.67 -23.81
N GLU J 84 36.64 19.43 -23.91
CA GLU J 84 35.81 18.35 -24.43
C GLU J 84 34.57 18.12 -23.56
N GLU J 85 34.68 18.37 -22.25
CA GLU J 85 33.54 18.24 -21.36
C GLU J 85 32.57 19.42 -21.47
N LYS J 86 33.05 20.58 -21.94
CA LYS J 86 32.16 21.72 -22.17
C LYS J 86 31.14 21.40 -23.25
N LEU J 87 31.59 20.82 -24.36
CA LEU J 87 30.67 20.40 -25.41
C LEU J 87 29.81 19.22 -24.94
N GLU J 88 30.37 18.33 -24.12
CA GLU J 88 29.60 17.19 -23.65
C GLU J 88 28.51 17.60 -22.68
N ILE J 89 28.78 18.63 -21.86
CA ILE J 89 27.74 19.14 -20.96
C ILE J 89 26.61 19.76 -21.75
N ALA J 90 26.94 20.58 -22.76
CA ALA J 90 25.91 21.14 -23.62
C ALA J 90 25.20 20.04 -24.42
N LEU J 91 25.95 19.01 -24.83
CA LEU J 91 25.35 17.90 -25.55
C LEU J 91 24.32 17.17 -24.70
N LEU J 92 24.70 16.80 -23.47
CA LEU J 92 23.78 16.10 -22.59
C LEU J 92 22.64 16.99 -22.14
N ALA J 93 22.84 18.31 -22.13
CA ALA J 93 21.77 19.23 -21.76
C ALA J 93 20.75 19.35 -22.90
N LEU J 94 21.23 19.54 -24.13
CA LEU J 94 20.33 19.58 -25.27
C LEU J 94 19.68 18.22 -25.51
N LYS J 95 20.33 17.14 -25.08
CA LYS J 95 19.77 15.81 -25.29
C LYS J 95 18.74 15.46 -24.23
N LEU J 96 18.99 15.85 -22.98
CA LEU J 96 18.01 15.59 -21.92
C LEU J 96 16.79 16.50 -22.09
N ALA J 97 17.01 17.76 -22.49
CA ALA J 97 15.89 18.67 -22.71
C ALA J 97 15.00 18.16 -23.84
N GLU J 98 15.60 17.56 -24.87
CA GLU J 98 14.83 16.96 -25.95
C GLU J 98 14.21 15.63 -25.55
N GLU J 99 14.79 14.95 -24.56
CA GLU J 99 14.24 13.69 -24.06
C GLU J 99 13.09 13.90 -23.08
N SER J 100 12.96 15.09 -22.51
CA SER J 100 11.94 15.38 -21.51
C SER J 100 10.82 16.21 -22.09
N LYS J 101 9.62 16.02 -21.55
CA LYS J 101 8.47 16.84 -21.89
C LYS J 101 8.13 17.86 -20.80
N ASP J 102 8.64 17.66 -19.60
CA ASP J 102 8.47 18.64 -18.52
C ASP J 102 9.30 19.87 -18.82
N PRO J 103 8.70 21.05 -18.95
CA PRO J 103 9.50 22.26 -19.22
C PRO J 103 10.44 22.63 -18.08
N ARG J 104 10.17 22.15 -16.86
CA ARG J 104 11.09 22.41 -15.76
C ARG J 104 12.36 21.59 -15.87
N ILE J 105 12.27 20.41 -16.49
CA ILE J 105 13.47 19.61 -16.75
C ILE J 105 14.24 20.20 -17.93
N ILE J 106 13.53 20.68 -18.94
CA ILE J 106 14.18 21.38 -20.04
C ILE J 106 14.91 22.61 -19.52
N ARG J 107 14.30 23.33 -18.58
CA ARG J 107 14.94 24.51 -18.01
C ARG J 107 16.07 24.12 -17.07
N GLY J 108 15.88 23.09 -16.25
CA GLY J 108 16.89 22.71 -15.29
C GLY J 108 18.19 22.26 -15.94
N ALA J 109 18.09 21.52 -17.04
CA ALA J 109 19.29 21.06 -17.72
C ALA J 109 20.03 22.22 -18.38
N LEU J 110 19.29 23.12 -19.03
CA LEU J 110 19.92 24.25 -19.71
C LEU J 110 20.50 25.25 -18.73
N ARG J 111 19.75 25.57 -17.66
CA ARG J 111 20.24 26.51 -16.67
C ARG J 111 21.51 26.00 -15.99
N ALA J 112 21.54 24.71 -15.66
CA ALA J 112 22.72 24.13 -15.03
C ALA J 112 23.90 24.07 -15.99
N ALA J 113 23.63 23.83 -17.28
CA ALA J 113 24.71 23.78 -18.26
C ALA J 113 25.30 25.17 -18.52
N ILE J 114 24.45 26.20 -18.50
CA ILE J 114 24.93 27.56 -18.72
C ILE J 114 25.81 28.00 -17.55
N ALA J 115 25.39 27.69 -16.32
CA ALA J 115 26.18 28.08 -15.15
C ALA J 115 27.45 27.26 -15.03
N ALA J 116 27.44 26.00 -15.48
CA ALA J 116 28.62 25.16 -15.39
C ALA J 116 29.66 25.52 -16.44
N LEU J 117 29.23 25.94 -17.63
CA LEU J 117 30.19 26.27 -18.68
C LEU J 117 30.93 27.57 -18.39
N ARG J 118 30.26 28.54 -17.75
CA ARG J 118 30.93 29.78 -17.41
C ARG J 118 31.97 29.59 -16.31
N SER J 119 31.92 28.48 -15.58
CA SER J 119 32.96 28.13 -14.62
C SER J 119 33.98 27.22 -15.30
N ASP J 120 35.25 27.56 -15.16
CA ASP J 120 36.33 26.86 -15.84
C ASP J 120 37.04 25.84 -14.97
N ASP J 121 36.54 25.59 -13.76
CA ASP J 121 37.17 24.62 -12.86
C ASP J 121 36.91 23.21 -13.35
N PRO J 122 37.95 22.43 -13.65
CA PRO J 122 37.72 21.03 -14.07
C PRO J 122 37.11 20.18 -12.97
N LEU J 123 37.35 20.53 -11.70
CA LEU J 123 36.70 19.83 -10.61
C LEU J 123 35.18 19.93 -10.71
N ALA J 124 34.67 21.02 -11.30
CA ALA J 124 33.22 21.17 -11.45
C ALA J 124 32.74 20.52 -12.75
N LEU J 125 33.46 20.75 -13.85
CA LEU J 125 33.02 20.23 -15.14
C LEU J 125 32.97 18.71 -15.15
N LYS J 126 33.80 18.05 -14.33
CA LYS J 126 33.74 16.59 -14.24
C LYS J 126 32.45 16.14 -13.58
N THR J 127 32.11 16.70 -12.42
CA THR J 127 30.90 16.32 -11.71
C THR J 127 29.64 16.76 -12.44
N VAL J 128 29.71 17.79 -13.28
CA VAL J 128 28.56 18.17 -14.08
C VAL J 128 28.35 17.16 -15.20
N LYS J 129 29.43 16.70 -15.82
CA LYS J 129 29.32 15.65 -16.84
C LYS J 129 28.80 14.35 -16.23
N GLU J 130 29.29 14.01 -15.04
CA GLU J 130 28.82 12.80 -14.37
C GLU J 130 27.35 12.91 -13.99
N ALA J 131 26.92 14.08 -13.53
CA ALA J 131 25.52 14.27 -13.16
C ALA J 131 24.60 14.25 -14.37
N LEU J 132 25.07 14.76 -15.52
CA LEU J 132 24.25 14.73 -16.72
C LEU J 132 24.16 13.32 -17.29
N GLU J 133 25.25 12.56 -17.22
CA GLU J 133 25.19 11.15 -17.57
C GLU J 133 24.30 10.37 -16.59
N ARG J 134 24.12 10.89 -15.38
CA ARG J 134 23.29 10.24 -14.38
C ARG J 134 21.81 10.55 -14.59
N ALA J 135 21.47 11.81 -14.85
CA ALA J 135 20.07 12.20 -14.99
C ALA J 135 19.46 11.63 -16.25
N ARG J 136 20.18 11.70 -17.37
CA ARG J 136 19.65 11.17 -18.63
C ARG J 136 19.51 9.66 -18.60
N ALA J 137 20.21 8.98 -17.68
CA ALA J 137 20.13 7.53 -17.58
C ALA J 137 18.93 7.06 -16.78
N SER J 138 18.37 7.90 -15.92
CA SER J 138 17.21 7.53 -15.11
C SER J 138 15.95 8.21 -15.66
N LYS J 139 14.82 7.53 -15.46
CA LYS J 139 13.53 8.02 -15.94
C LYS J 139 12.59 8.37 -14.78
N ASP J 140 13.16 8.81 -13.67
CA ASP J 140 12.37 9.23 -12.51
C ASP J 140 12.12 10.73 -12.60
N GLU J 141 10.84 11.12 -12.57
CA GLU J 141 10.48 12.51 -12.83
C GLU J 141 11.01 13.44 -11.74
N ARG J 142 11.02 12.99 -10.49
CA ARG J 142 11.50 13.83 -9.40
C ARG J 142 13.01 13.71 -9.19
N LEU J 143 13.62 12.59 -9.59
CA LEU J 143 15.06 12.41 -9.40
C LEU J 143 15.85 13.25 -10.39
N ILE J 144 15.39 13.32 -11.64
CA ILE J 144 16.09 14.14 -12.63
C ILE J 144 16.11 15.60 -12.20
N ARG J 145 14.99 16.11 -11.69
CA ARG J 145 14.94 17.48 -11.22
C ARG J 145 15.86 17.70 -10.02
N ALA J 146 16.08 16.66 -9.22
CA ALA J 146 16.99 16.76 -8.08
C ALA J 146 18.44 16.75 -8.51
N ILE J 147 18.78 16.00 -9.56
CA ILE J 147 20.15 15.98 -10.06
C ILE J 147 20.50 17.29 -10.75
N LEU J 148 19.53 17.92 -11.43
CA LEU J 148 19.80 19.16 -12.12
C LEU J 148 19.90 20.33 -11.14
N ALA J 149 19.08 20.33 -10.08
CA ALA J 149 19.11 21.40 -9.10
C ALA J 149 20.40 21.39 -8.29
N ALA J 150 20.96 20.21 -8.03
CA ALA J 150 22.20 20.13 -7.28
C ALA J 150 23.38 20.63 -8.10
N ALA J 151 23.38 20.34 -9.41
CA ALA J 151 24.48 20.78 -10.26
C ALA J 151 24.50 22.30 -10.41
N TYR J 152 23.33 22.95 -10.38
CA TYR J 152 23.29 24.40 -10.53
C TYR J 152 23.92 25.09 -9.33
N ALA J 153 23.60 24.65 -8.12
CA ALA J 153 24.18 25.27 -6.93
C ALA J 153 25.69 25.06 -6.88
N PHE J 154 26.16 23.88 -7.30
CA PHE J 154 27.59 23.62 -7.29
C PHE J 154 28.32 24.49 -8.30
N ALA J 155 27.67 24.85 -9.41
CA ALA J 155 28.30 25.73 -10.38
C ALA J 155 28.34 27.18 -9.88
N LEU J 156 27.38 27.57 -9.04
CA LEU J 156 27.36 28.93 -8.51
C LEU J 156 28.51 29.16 -7.54
N LEU J 157 28.70 28.23 -6.59
CA LEU J 157 29.78 28.38 -5.62
C LEU J 157 31.15 28.26 -6.25
N ALA J 158 31.25 27.65 -7.44
CA ALA J 158 32.52 27.60 -8.16
C ALA J 158 32.85 28.93 -8.83
N VAL J 159 31.86 29.79 -9.05
CA VAL J 159 32.10 31.08 -9.68
C VAL J 159 32.70 32.07 -8.67
N ALA J 160 32.16 32.12 -7.46
CA ALA J 160 32.65 33.07 -6.46
C ALA J 160 34.08 32.75 -6.04
N GLY J 161 34.46 31.48 -6.01
CA GLY J 161 35.82 31.11 -5.66
C GLY J 161 35.95 30.62 -4.24
N ALA J 162 36.43 29.39 -4.07
CA ALA J 162 36.67 28.81 -2.76
C ALA J 162 37.75 27.76 -2.88
N SER J 163 38.35 27.40 -1.75
CA SER J 163 39.37 26.36 -1.74
C SER J 163 38.78 25.05 -2.23
N ALA J 164 39.65 24.18 -2.76
CA ALA J 164 39.20 22.88 -3.24
C ALA J 164 38.53 22.07 -2.14
N GLU J 165 38.83 22.36 -0.88
CA GLU J 165 38.14 21.70 0.23
C GLU J 165 36.65 22.01 0.20
N ARG J 166 36.30 23.28 0.06
CA ARG J 166 34.89 23.67 0.06
C ARG J 166 34.16 23.05 -1.14
N LEU J 167 34.84 22.93 -2.27
CA LEU J 167 34.22 22.33 -3.45
C LEU J 167 34.17 20.81 -3.36
N LYS J 168 35.13 20.19 -2.67
CA LYS J 168 35.13 18.74 -2.53
C LYS J 168 34.14 18.28 -1.47
N GLU J 169 34.04 19.00 -0.36
CA GLU J 169 32.97 18.74 0.60
C GLU J 169 31.61 18.95 -0.03
N ALA J 170 31.52 19.90 -0.96
CA ALA J 170 30.28 20.06 -1.72
C ALA J 170 30.08 18.92 -2.73
N GLU J 171 31.17 18.39 -3.28
CA GLU J 171 31.05 17.24 -4.17
C GLU J 171 30.59 16.00 -3.41
N ALA J 172 31.06 15.83 -2.17
CA ALA J 172 30.53 14.76 -1.33
C ALA J 172 29.04 14.95 -1.11
N ILE J 173 28.58 16.19 -0.95
CA ILE J 173 27.16 16.46 -0.83
C ILE J 173 26.46 16.27 -2.17
N VAL J 174 27.18 16.42 -3.28
CA VAL J 174 26.59 16.19 -4.59
C VAL J 174 26.28 14.71 -4.77
N TRP J 175 27.27 13.84 -4.52
CA TRP J 175 27.05 12.41 -4.63
C TRP J 175 26.08 11.91 -3.57
N TYR J 176 26.14 12.51 -2.38
CA TYR J 176 25.17 12.18 -1.33
C TYR J 176 23.77 12.58 -1.73
N LEU J 177 23.63 13.73 -2.40
CA LEU J 177 22.31 14.18 -2.85
C LEU J 177 21.72 13.23 -3.88
N ILE J 178 22.57 12.64 -4.72
CA ILE J 178 22.09 11.63 -5.66
C ILE J 178 21.61 10.39 -4.91
N ALA J 179 22.32 10.02 -3.84
CA ALA J 179 21.93 8.84 -3.07
C ALA J 179 20.61 9.04 -2.35
N ALA J 180 20.30 10.27 -1.94
CA ALA J 180 19.05 10.51 -1.22
C ALA J 180 17.86 10.43 -2.16
N ALA J 181 17.92 11.15 -3.29
CA ALA J 181 16.79 11.17 -4.21
C ALA J 181 16.52 9.81 -4.83
N GLU J 182 17.55 8.97 -4.96
CA GLU J 182 17.35 7.62 -5.48
C GLU J 182 16.46 6.79 -4.57
N LYS J 183 16.53 7.03 -3.26
CA LYS J 183 15.72 6.30 -2.30
C LYS J 183 14.29 6.84 -2.21
N GLY J 184 13.89 7.70 -3.14
CA GLY J 184 12.56 8.29 -3.09
C GLY J 184 12.43 9.38 -2.06
N ALA J 185 13.45 10.22 -1.90
CA ALA J 185 13.42 11.25 -0.88
C ALA J 185 12.39 12.32 -1.21
N SER J 186 11.83 12.92 -0.15
CA SER J 186 10.85 13.97 -0.33
C SER J 186 11.50 15.18 -1.01
N PRO J 187 10.73 15.93 -1.81
CA PRO J 187 11.31 17.11 -2.45
C PRO J 187 11.81 18.15 -1.46
N GLN J 188 11.24 18.20 -0.25
CA GLN J 188 11.74 19.13 0.76
C GLN J 188 13.03 18.65 1.40
N GLU J 189 13.21 17.33 1.53
CA GLU J 189 14.45 16.78 2.07
C GLU J 189 15.61 16.97 1.11
N LEU J 190 15.33 16.97 -0.20
CA LEU J 190 16.38 17.18 -1.19
C LEU J 190 16.84 18.63 -1.23
N VAL J 191 15.92 19.58 -0.96
CA VAL J 191 16.29 20.99 -0.93
C VAL J 191 17.21 21.28 0.24
N LEU J 192 16.96 20.65 1.39
CA LEU J 192 17.83 20.84 2.55
C LEU J 192 19.26 20.43 2.26
N LEU J 193 19.45 19.40 1.43
CA LEU J 193 20.80 19.01 1.05
C LEU J 193 21.45 20.06 0.16
N VAL J 194 20.67 20.71 -0.70
CA VAL J 194 21.20 21.79 -1.51
C VAL J 194 21.58 22.98 -0.63
N ILE J 195 20.77 23.27 0.38
CA ILE J 195 21.10 24.34 1.32
C ILE J 195 22.40 24.02 2.04
N GLU J 196 22.53 22.77 2.50
CA GLU J 196 23.77 22.34 3.16
C GLU J 196 24.95 22.41 2.21
N MET J 197 24.72 22.21 0.91
CA MET J 197 25.80 22.30 -0.06
C MET J 197 26.36 23.72 -0.14
N MET J 198 25.52 24.73 0.09
CA MET J 198 26.00 26.11 0.11
C MET J 198 26.59 26.48 1.46
N VAL J 199 26.00 25.98 2.55
CA VAL J 199 26.54 26.27 3.88
C VAL J 199 27.89 25.60 4.07
N LYS J 200 28.09 24.42 3.47
CA LYS J 200 29.36 23.72 3.60
C LYS J 200 30.39 24.23 2.62
N GLY J 201 29.97 24.52 1.38
CA GLY J 201 30.84 25.09 0.38
C GLY J 201 31.37 26.48 0.66
N MET J 202 30.97 27.09 1.77
CA MET J 202 31.47 28.40 2.18
C MET J 202 32.06 28.41 3.58
N GLY J 203 32.20 27.25 4.22
CA GLY J 203 32.82 27.15 5.52
C GLY J 203 32.04 27.82 6.64
N VAL J 204 30.72 27.59 6.67
CA VAL J 204 29.84 28.21 7.65
C VAL J 204 29.04 27.12 8.36
N THR J 205 28.61 27.44 9.57
CA THR J 205 27.75 26.58 10.37
C THR J 205 26.28 26.97 10.18
N MET J 206 25.40 26.06 10.57
CA MET J 206 23.97 26.29 10.43
C MET J 206 23.21 25.46 11.46
N GLU J 207 21.97 25.86 11.70
CA GLU J 207 21.04 25.13 12.55
C GLU J 207 19.90 24.58 11.70
N THR J 208 19.03 23.80 12.33
CA THR J 208 17.90 23.20 11.64
C THR J 208 16.76 23.02 12.63
N HIS J 209 15.69 23.78 12.46
CA HIS J 209 14.53 23.72 13.35
C HIS J 209 13.36 23.12 12.57
N ARG J 210 13.14 21.82 12.75
CA ARG J 210 12.07 21.10 12.07
C ARG J 210 10.79 21.12 12.92
N SER J 211 10.28 22.34 13.13
CA SER J 211 9.13 22.57 13.98
C SER J 211 7.86 22.23 13.20
N GLY J 212 7.52 20.95 13.22
CA GLY J 212 6.31 20.47 12.54
C GLY J 212 6.59 20.13 11.09
N ASN J 213 5.83 20.75 10.17
CA ASN J 213 5.94 20.49 8.74
C ASN J 213 6.77 21.54 8.02
N GLU J 214 7.64 22.24 8.73
CA GLU J 214 8.55 23.22 8.15
C GLU J 214 9.96 22.95 8.66
N VAL J 215 10.94 23.57 8.03
CA VAL J 215 12.34 23.34 8.37
C VAL J 215 13.14 24.64 8.32
N LYS J 216 13.03 25.45 9.38
CA LYS J 216 13.77 26.71 9.46
C LYS J 216 15.27 26.42 9.51
N VAL J 217 15.96 26.64 8.40
CA VAL J 217 17.40 26.44 8.34
C VAL J 217 18.04 27.80 8.61
N VAL J 218 18.36 28.06 9.87
CA VAL J 218 18.96 29.33 10.27
C VAL J 218 20.44 29.29 9.96
N ILE J 219 20.92 30.31 9.25
CA ILE J 219 22.32 30.39 8.81
C ILE J 219 22.86 31.76 9.20
N LYS J 220 23.86 31.79 10.07
CA LYS J 220 24.49 33.03 10.51
C LYS J 220 25.95 33.05 10.07
N GLY J 221 26.45 34.25 9.78
CA GLY J 221 27.83 34.46 9.39
C GLY J 221 28.00 34.88 7.93
N LEU J 222 27.08 34.47 7.06
CA LEU J 222 27.16 34.82 5.65
C LEU J 222 27.07 36.32 5.46
N HIS J 223 28.06 36.90 4.80
CA HIS J 223 28.03 38.33 4.48
C HIS J 223 27.17 38.57 3.26
N GLU J 224 27.30 39.76 2.65
CA GLU J 224 26.42 40.13 1.55
C GLU J 224 26.64 39.26 0.32
N SER J 225 27.91 38.98 -0.02
CA SER J 225 28.20 38.26 -1.25
C SER J 225 27.75 36.81 -1.20
N GLN J 226 27.91 36.15 -0.04
CA GLN J 226 27.55 34.75 0.06
C GLN J 226 26.03 34.55 0.03
N GLN J 227 25.28 35.49 0.61
CA GLN J 227 23.83 35.35 0.67
C GLN J 227 23.20 35.39 -0.72
N GLU J 228 23.84 36.09 -1.66
CA GLU J 228 23.32 36.10 -3.03
C GLU J 228 23.48 34.74 -3.69
N VAL J 229 24.67 34.14 -3.57
CA VAL J 229 24.93 32.85 -4.20
C VAL J 229 24.01 31.77 -3.62
N LEU J 230 23.72 31.86 -2.32
CA LEU J 230 22.81 30.91 -1.71
C LEU J 230 21.36 31.20 -2.09
N LEU J 231 21.01 32.48 -2.26
CA LEU J 231 19.63 32.84 -2.56
C LEU J 231 19.19 32.26 -3.91
N GLU J 232 20.00 32.47 -4.94
CA GLU J 232 19.62 32.00 -6.28
C GLU J 232 19.66 30.49 -6.37
N ALA J 233 20.45 29.83 -5.53
CA ALA J 233 20.51 28.37 -5.56
C ALA J 233 19.28 27.75 -4.89
N VAL J 234 18.88 28.29 -3.74
CA VAL J 234 17.71 27.76 -3.04
C VAL J 234 16.43 28.08 -3.81
N LEU J 235 16.36 29.28 -4.39
CA LEU J 235 15.17 29.65 -5.15
C LEU J 235 15.05 28.86 -6.44
N PHE J 236 16.19 28.51 -7.06
CA PHE J 236 16.14 27.72 -8.29
C PHE J 236 15.74 26.28 -7.99
N ALA J 237 16.29 25.70 -6.93
CA ALA J 237 15.88 24.36 -6.53
C ALA J 237 14.42 24.33 -6.09
N ALA J 238 13.93 25.44 -5.54
CA ALA J 238 12.51 25.53 -5.20
C ALA J 238 11.63 25.47 -6.44
N GLU J 239 12.11 26.03 -7.56
CA GLU J 239 11.33 26.01 -8.79
C GLU J 239 11.28 24.61 -9.40
N LEU J 240 12.39 23.87 -9.33
CA LEU J 240 12.46 22.56 -9.95
C LEU J 240 11.68 21.53 -9.13
N MET J 241 12.00 21.40 -7.84
CA MET J 241 11.34 20.41 -7.00
C MET J 241 9.87 20.72 -6.73
N GLY J 242 9.38 21.88 -7.18
CA GLY J 242 8.01 22.25 -6.91
C GLY J 242 7.71 22.56 -5.46
N VAL J 243 8.73 22.94 -4.69
CA VAL J 243 8.58 23.24 -3.27
C VAL J 243 8.52 24.74 -3.08
N ARG J 244 7.58 25.18 -2.24
CA ARG J 244 7.41 26.60 -1.94
C ARG J 244 8.31 26.97 -0.75
N VAL J 245 9.21 27.92 -0.97
CA VAL J 245 10.15 28.33 0.05
C VAL J 245 10.00 29.82 0.32
N ARG J 246 10.35 30.22 1.54
CA ARG J 246 10.44 31.63 1.93
C ARG J 246 11.81 31.85 2.56
N ILE J 247 12.55 32.82 2.03
CA ILE J 247 13.92 33.10 2.47
C ILE J 247 13.92 34.47 3.12
N ARG J 248 13.96 34.49 4.45
CA ARG J 248 13.92 35.73 5.21
C ARG J 248 15.34 36.22 5.50
N PHE J 249 15.50 37.54 5.52
CA PHE J 249 16.79 38.18 5.74
C PHE J 249 16.66 39.27 6.80
N LYS J 250 17.52 39.22 7.81
CA LYS J 250 17.53 40.25 8.86
C LYS J 250 18.88 40.15 9.58
N GLY J 251 19.87 40.89 9.09
CA GLY J 251 21.16 40.96 9.74
C GLY J 251 21.91 39.65 9.81
N ASP J 252 22.24 39.09 8.64
CA ASP J 252 23.08 37.89 8.54
C ASP J 252 22.46 36.69 9.27
N THR J 253 21.14 36.53 9.15
CA THR J 253 20.43 35.36 9.68
C THR J 253 19.47 34.88 8.59
N VAL J 254 20.02 34.18 7.61
CA VAL J 254 19.22 33.65 6.50
C VAL J 254 18.37 32.49 7.02
N THR J 255 17.06 32.69 7.08
CA THR J 255 16.13 31.68 7.55
C THR J 255 15.37 31.14 6.34
N ILE J 256 15.56 29.86 6.04
CA ILE J 256 14.99 29.23 4.86
C ILE J 256 13.95 28.21 5.35
N VAL J 257 12.67 28.54 5.15
CA VAL J 257 11.57 27.63 5.49
C VAL J 257 11.21 26.83 4.25
N VAL J 258 11.31 25.51 4.33
CA VAL J 258 11.02 24.65 3.19
C VAL J 258 9.90 23.67 3.54
N ARG J 259 8.66 24.15 3.54
CA ARG J 259 7.50 23.31 3.80
C ARG J 259 7.11 22.50 2.56
N GLU K 1 16.01 69.16 4.53
CA GLU K 1 15.00 68.27 3.97
C GLU K 1 14.74 68.57 2.50
N GLU K 2 14.72 69.87 2.16
CA GLU K 2 14.55 70.26 0.76
C GLU K 2 15.72 69.79 -0.10
N ALA K 3 16.93 69.83 0.45
CA ALA K 3 18.11 69.49 -0.34
C ALA K 3 18.21 67.99 -0.62
N VAL K 4 17.75 67.15 0.32
CA VAL K 4 17.86 65.71 0.12
C VAL K 4 16.77 65.20 -0.80
N ARG K 5 15.54 65.72 -0.66
CA ARG K 5 14.47 65.35 -1.59
C ARG K 5 14.77 65.86 -3.00
N ARG K 6 15.51 66.95 -3.11
CA ARG K 6 15.90 67.46 -4.42
C ARG K 6 16.87 66.53 -5.12
N ARG K 7 17.67 65.78 -4.36
CA ARG K 7 18.60 64.83 -4.97
C ARG K 7 17.89 63.55 -5.40
N PHE K 8 16.86 63.13 -4.67
CA PHE K 8 16.16 61.89 -5.02
C PHE K 8 15.52 61.99 -6.40
N GLU K 9 15.01 63.16 -6.76
CA GLU K 9 14.37 63.32 -8.06
C GLU K 9 15.39 63.28 -9.19
N GLU K 10 16.62 63.75 -8.95
CA GLU K 10 17.67 63.58 -9.94
C GLU K 10 17.97 62.11 -10.16
N LEU K 11 18.00 61.32 -9.08
CA LEU K 11 18.23 59.88 -9.21
C LEU K 11 17.04 59.19 -9.88
N LEU K 12 15.82 59.68 -9.65
CA LEU K 12 14.65 59.08 -10.28
C LEU K 12 14.67 59.30 -11.78
N ARG K 13 15.09 60.49 -12.22
CA ARG K 13 15.22 60.74 -13.65
C ARG K 13 16.27 59.83 -14.29
N GLU K 14 17.33 59.50 -13.56
CA GLU K 14 18.31 58.55 -14.08
C GLU K 14 17.74 57.13 -14.12
N ALA K 15 16.89 56.78 -13.14
CA ALA K 15 16.37 55.42 -13.09
C ALA K 15 15.37 55.16 -14.20
N LEU K 16 14.71 56.20 -14.70
CA LEU K 16 13.70 56.05 -15.74
C LEU K 16 14.23 56.33 -17.14
N ALA K 17 15.25 57.19 -17.27
CA ALA K 17 15.95 57.34 -18.54
C ALA K 17 16.88 56.17 -18.84
N PHE K 18 16.97 55.22 -17.92
CA PHE K 18 17.74 53.99 -18.10
C PHE K 18 16.86 52.75 -17.97
N ARG K 19 15.55 52.93 -17.83
CA ARG K 19 14.63 51.82 -17.61
C ARG K 19 14.13 51.24 -18.92
N GLU K 20 14.17 52.02 -20.00
CA GLU K 20 13.55 51.64 -21.27
C GLU K 20 14.34 50.55 -21.99
N ARG K 21 14.05 50.39 -23.29
CA ARG K 21 14.62 49.28 -24.05
C ARG K 21 16.14 49.40 -24.19
N THR K 22 16.64 50.61 -24.48
CA THR K 22 18.07 50.78 -24.68
C THR K 22 18.84 50.54 -23.39
N GLY K 23 18.24 50.82 -22.24
CA GLY K 23 18.86 50.48 -20.98
C GLY K 23 18.82 48.98 -20.68
N GLY K 24 17.81 48.28 -21.19
CA GLY K 24 17.67 46.85 -21.06
C GLY K 24 17.62 46.37 -19.62
N ARG K 25 17.90 45.08 -19.45
CA ARG K 25 17.97 44.47 -18.12
C ARG K 25 19.36 43.93 -17.82
N ARG K 26 20.38 44.37 -18.58
CA ARG K 26 21.76 44.01 -18.33
C ARG K 26 22.57 45.27 -18.06
N GLU K 27 23.47 45.18 -17.07
CA GLU K 27 24.28 46.30 -16.59
C GLU K 27 23.45 47.36 -15.89
N THR K 28 22.12 47.27 -16.01
CA THR K 28 21.24 48.19 -15.30
C THR K 28 20.86 47.70 -13.92
N LEU K 29 21.03 46.40 -13.64
CA LEU K 29 20.78 45.89 -12.29
C LEU K 29 21.87 46.27 -11.31
N GLU K 30 23.04 46.66 -11.81
CA GLU K 30 24.07 47.26 -10.95
C GLU K 30 23.93 48.77 -10.90
N HIS K 31 23.63 49.40 -12.04
CA HIS K 31 23.38 50.84 -12.04
C HIS K 31 22.19 51.20 -11.17
N ALA K 32 21.20 50.32 -11.06
CA ALA K 32 20.04 50.59 -10.23
C ALA K 32 20.42 50.54 -8.75
N VAL K 33 21.13 49.49 -8.34
CA VAL K 33 21.64 49.42 -6.97
C VAL K 33 22.56 50.59 -6.69
N ARG K 34 23.29 51.06 -7.71
CA ARG K 34 24.14 52.23 -7.55
C ARG K 34 23.32 53.47 -7.22
N LEU K 35 22.22 53.69 -7.95
CA LEU K 35 21.42 54.89 -7.71
C LEU K 35 20.74 54.82 -6.36
N ALA K 36 20.30 53.63 -5.94
CA ALA K 36 19.70 53.50 -4.62
C ALA K 36 20.72 53.72 -3.52
N ARG K 37 21.95 53.25 -3.72
CA ARG K 37 23.01 53.46 -2.74
C ARG K 37 23.43 54.92 -2.71
N GLU K 38 23.50 55.58 -3.87
CA GLU K 38 23.81 57.00 -3.92
C GLU K 38 22.82 57.81 -3.11
N LEU K 39 21.55 57.41 -3.13
CA LEU K 39 20.54 58.14 -2.36
C LEU K 39 20.73 57.92 -0.87
N ALA K 40 21.06 56.70 -0.46
CA ALA K 40 21.27 56.43 0.96
C ALA K 40 22.53 57.13 1.47
N GLU K 41 23.61 57.12 0.68
CA GLU K 41 24.82 57.83 1.06
C GLU K 41 24.56 59.32 1.17
N PHE K 42 23.77 59.88 0.26
CA PHE K 42 23.46 61.30 0.31
C PHE K 42 22.57 61.63 1.50
N ALA K 43 21.65 60.72 1.84
CA ALA K 43 20.77 60.96 2.98
C ALA K 43 21.52 60.83 4.30
N ALA K 44 22.49 59.93 4.38
CA ALA K 44 23.34 59.85 5.56
C ALA K 44 24.17 61.10 5.74
N SER K 45 24.43 61.85 4.67
CA SER K 45 25.13 63.12 4.80
C SER K 45 24.26 64.22 5.39
N HIS K 46 22.94 64.08 5.29
CA HIS K 46 22.00 65.00 5.92
C HIS K 46 21.33 64.29 7.08
N PRO K 47 21.82 64.46 8.32
CA PRO K 47 21.38 63.56 9.40
C PRO K 47 19.96 63.82 9.87
N GLU K 48 19.45 65.04 9.73
CA GLU K 48 18.12 65.35 10.24
C GLU K 48 17.01 64.87 9.31
N PHE K 49 17.35 64.43 8.10
CA PHE K 49 16.33 63.85 7.23
C PHE K 49 15.88 62.50 7.78
N ASN K 50 14.59 62.21 7.64
CA ASN K 50 14.02 60.99 8.19
C ASN K 50 14.71 59.76 7.61
N ARG K 51 15.46 59.03 8.44
CA ARG K 51 16.24 57.90 7.97
C ARG K 51 15.35 56.78 7.44
N GLN K 52 14.12 56.68 7.93
CA GLN K 52 13.17 55.71 7.38
C GLN K 52 12.73 56.13 5.98
N GLU K 53 12.51 57.43 5.77
CA GLU K 53 12.12 57.92 4.45
C GLU K 53 13.18 57.61 3.41
N ALA K 54 14.46 57.63 3.79
CA ALA K 54 15.52 57.40 2.81
C ALA K 54 15.53 55.95 2.33
N VAL K 55 15.20 55.00 3.20
CA VAL K 55 15.15 53.60 2.79
C VAL K 55 13.94 53.36 1.89
N LEU K 56 12.82 54.03 2.17
CA LEU K 56 11.65 53.92 1.31
C LEU K 56 11.94 54.48 -0.07
N LEU K 57 12.55 55.67 -0.13
CA LEU K 57 12.85 56.28 -1.42
C LEU K 57 13.90 55.49 -2.19
N ALA K 58 14.85 54.85 -1.48
CA ALA K 58 15.84 54.03 -2.15
C ALA K 58 15.21 52.77 -2.73
N ILE K 59 14.27 52.16 -1.98
CA ILE K 59 13.53 51.02 -2.52
C ILE K 59 12.70 51.45 -3.72
N GLU K 60 12.13 52.66 -3.65
CA GLU K 60 11.34 53.18 -4.77
C GLU K 60 12.21 53.37 -6.01
N LEU K 61 13.47 53.73 -5.84
CA LEU K 61 14.37 53.84 -6.98
C LEU K 61 14.56 52.51 -7.67
N MET K 62 14.64 51.42 -6.89
CA MET K 62 14.83 50.10 -7.48
C MET K 62 13.59 49.66 -8.25
N VAL K 63 12.40 49.93 -7.69
CA VAL K 63 11.17 49.54 -8.37
C VAL K 63 11.00 50.29 -9.67
N ARG K 64 11.46 51.54 -9.74
CA ARG K 64 11.35 52.31 -10.97
C ARG K 64 12.39 51.89 -11.99
N ALA K 65 13.65 51.72 -11.57
CA ALA K 65 14.70 51.34 -12.50
C ALA K 65 14.48 49.94 -13.06
N MET K 66 13.86 49.05 -12.27
CA MET K 66 13.54 47.72 -12.76
C MET K 66 12.24 47.70 -13.55
N GLY K 67 11.27 48.51 -13.15
CA GLY K 67 10.00 48.59 -13.86
C GLY K 67 8.97 47.59 -13.37
N VAL K 68 8.89 47.42 -12.06
CA VAL K 68 7.91 46.50 -11.47
C VAL K 68 6.91 47.32 -10.66
N THR K 69 6.06 46.63 -9.90
CA THR K 69 5.01 47.27 -9.12
C THR K 69 5.40 47.32 -7.65
N MET K 70 4.89 48.33 -6.96
CA MET K 70 5.19 48.57 -5.55
C MET K 70 3.90 48.94 -4.83
N GLU K 71 3.76 48.44 -3.60
CA GLU K 71 2.62 48.75 -2.76
C GLU K 71 3.11 49.12 -1.37
N THR K 72 2.61 50.24 -0.83
CA THR K 72 3.00 50.74 0.48
C THR K 72 1.82 50.59 1.43
N HIS K 73 1.93 49.64 2.35
CA HIS K 73 0.91 49.42 3.39
C HIS K 73 1.57 49.69 4.74
N ARG K 74 1.18 50.79 5.37
CA ARG K 74 1.81 51.25 6.60
C ARG K 74 0.97 50.87 7.82
N SER K 75 1.65 50.62 8.93
CA SER K 75 0.97 50.24 10.18
C SER K 75 1.81 50.75 11.34
N GLY K 76 1.27 51.70 12.09
CA GLY K 76 1.97 52.21 13.26
C GLY K 76 3.21 53.00 12.86
N ASN K 77 4.37 52.54 13.34
CA ASN K 77 5.65 53.13 12.96
C ASN K 77 6.45 52.22 12.05
N GLU K 78 5.78 51.30 11.36
CA GLU K 78 6.43 50.40 10.42
C GLU K 78 5.70 50.45 9.09
N VAL K 79 6.41 50.13 8.01
CA VAL K 79 5.86 50.09 6.66
C VAL K 79 6.23 48.77 6.02
N LYS K 80 5.27 48.15 5.35
CA LYS K 80 5.45 46.85 4.69
C LYS K 80 5.28 47.07 3.19
N VAL K 81 6.40 47.16 2.49
CA VAL K 81 6.41 47.34 1.04
C VAL K 81 6.36 45.97 0.38
N VAL K 82 5.56 45.86 -0.68
CA VAL K 82 5.38 44.61 -1.40
C VAL K 82 5.78 44.85 -2.84
N ILE K 83 6.98 44.42 -3.21
CA ILE K 83 7.46 44.47 -4.58
C ILE K 83 7.24 43.09 -5.17
N LYS K 84 6.34 42.99 -6.15
CA LYS K 84 5.95 41.72 -6.72
C LYS K 84 6.24 41.69 -8.22
N GLY K 85 6.42 40.48 -8.75
CA GLY K 85 6.68 40.30 -10.15
C GLY K 85 8.14 40.47 -10.54
N LEU K 86 9.03 39.78 -9.82
CA LEU K 86 10.46 39.84 -10.09
C LEU K 86 10.99 38.43 -10.33
N ASN K 87 11.93 38.31 -11.26
CA ASN K 87 12.60 37.05 -11.50
C ASN K 87 13.75 36.88 -10.51
N ILE K 88 14.47 35.76 -10.63
CA ILE K 88 15.57 35.48 -9.70
C ILE K 88 16.65 36.54 -9.83
N ASP K 89 16.93 36.99 -11.05
CA ASP K 89 17.98 37.98 -11.24
C ASP K 89 17.62 39.32 -10.59
N GLU K 90 16.33 39.62 -10.45
CA GLU K 90 15.92 40.86 -9.78
C GLU K 90 15.73 40.68 -8.29
N GLN K 91 15.41 39.47 -7.83
CA GLN K 91 15.34 39.22 -6.39
C GLN K 91 16.70 39.44 -5.74
N VAL K 92 17.78 39.07 -6.44
CA VAL K 92 19.12 39.26 -5.89
C VAL K 92 19.51 40.73 -5.93
N ALA K 93 19.19 41.42 -7.03
CA ALA K 93 19.59 42.82 -7.16
C ALA K 93 18.82 43.71 -6.20
N LEU K 94 17.53 43.44 -6.00
CA LEU K 94 16.75 44.24 -5.06
C LEU K 94 17.20 44.00 -3.62
N TYR K 95 17.49 42.74 -3.27
CA TYR K 95 17.97 42.44 -1.93
C TYR K 95 19.30 43.12 -1.65
N ARG K 96 20.23 43.05 -2.61
CA ARG K 96 21.53 43.70 -2.44
C ARG K 96 21.38 45.19 -2.21
N ALA K 97 20.44 45.83 -2.91
CA ALA K 97 20.26 47.27 -2.77
C ALA K 97 19.63 47.61 -1.42
N VAL K 98 18.63 46.83 -1.00
CA VAL K 98 17.97 47.12 0.27
C VAL K 98 18.94 46.98 1.43
N ARG K 99 19.76 45.94 1.41
CA ARG K 99 20.73 45.74 2.49
C ARG K 99 21.75 46.86 2.52
N GLU K 100 22.33 47.19 1.36
CA GLU K 100 23.38 48.20 1.33
C GLU K 100 22.86 49.58 1.72
N THR K 101 21.61 49.89 1.39
CA THR K 101 21.05 51.18 1.81
C THR K 101 20.62 51.18 3.27
N SER K 102 20.30 50.01 3.82
CA SER K 102 19.84 49.95 5.20
C SER K 102 20.99 50.00 6.20
N LYS K 103 22.17 49.49 5.81
CA LYS K 103 23.33 49.67 6.67
C LYS K 103 23.91 51.07 6.55
N ILE K 104 23.76 51.70 5.38
CA ILE K 104 24.20 53.09 5.23
C ILE K 104 23.30 54.02 6.02
N MET K 105 21.99 53.78 5.99
CA MET K 105 21.05 54.58 6.76
C MET K 105 20.86 54.08 8.19
N GLY K 106 21.46 52.95 8.54
CA GLY K 106 21.36 52.44 9.90
C GLY K 106 19.95 52.13 10.34
N VAL K 107 19.16 51.49 9.48
CA VAL K 107 17.77 51.17 9.76
C VAL K 107 17.59 49.67 9.72
N GLU K 108 16.86 49.13 10.70
CA GLU K 108 16.54 47.71 10.73
C GLU K 108 15.47 47.42 9.69
N THR K 109 15.82 46.63 8.67
CA THR K 109 14.89 46.25 7.61
C THR K 109 14.85 44.74 7.50
N GLU K 110 13.64 44.19 7.42
CA GLU K 110 13.43 42.74 7.36
C GLU K 110 12.84 42.38 6.01
N ILE K 111 13.46 41.42 5.33
CA ILE K 111 13.09 41.05 3.97
C ILE K 111 12.58 39.62 3.96
N GLU K 112 11.67 39.34 3.03
CA GLU K 112 11.15 37.99 2.83
C GLU K 112 10.97 37.75 1.34
N VAL K 113 11.43 36.59 0.87
CA VAL K 113 11.41 36.24 -0.54
C VAL K 113 10.65 34.93 -0.68
N GLU K 114 9.42 34.99 -1.17
CA GLU K 114 8.58 33.82 -1.40
C GLU K 114 8.22 33.77 -2.88
N GLY K 115 9.05 33.09 -3.66
CA GLY K 115 8.79 32.89 -5.07
C GLY K 115 9.08 34.09 -5.94
N ASP K 116 8.04 34.85 -6.28
CA ASP K 116 8.14 35.97 -7.22
C ASP K 116 7.94 37.32 -6.56
N THR K 117 7.67 37.37 -5.26
CA THR K 117 7.46 38.62 -4.55
C THR K 117 8.50 38.77 -3.45
N GLN K 118 8.80 40.02 -3.11
CA GLN K 118 9.74 40.35 -2.04
C GLN K 118 9.08 41.37 -1.12
N THR K 119 8.71 40.95 0.08
CA THR K 119 8.08 41.82 1.07
C THR K 119 9.15 42.35 2.01
N ILE K 120 9.23 43.68 2.14
CA ILE K 120 10.23 44.35 2.95
C ILE K 120 9.51 45.18 4.01
N VAL K 121 9.95 45.04 5.25
CA VAL K 121 9.38 45.78 6.38
C VAL K 121 10.45 46.70 6.94
N VAL K 122 10.20 48.00 6.90
CA VAL K 122 11.13 49.00 7.41
C VAL K 122 10.56 49.53 8.72
N ARG K 123 11.19 49.16 9.83
CA ARG K 123 10.74 49.54 11.16
C ARG K 123 11.78 50.42 11.83
N GLU K 124 11.31 51.34 12.67
CA GLU K 124 12.20 52.21 13.43
C GLU K 124 11.79 52.26 14.90
N LEU L 7 31.88 16.43 -31.81
CA LEU L 7 31.74 17.22 -30.60
C LEU L 7 31.33 18.65 -30.93
N ALA L 8 31.94 19.21 -31.98
CA ALA L 8 31.67 20.59 -32.38
C ALA L 8 30.48 20.69 -33.32
N LYS L 9 30.32 19.73 -34.23
CA LYS L 9 29.20 19.74 -35.16
C LYS L 9 27.94 19.11 -34.56
N GLU L 10 28.07 18.40 -33.44
CA GLU L 10 26.92 17.74 -32.84
C GLU L 10 26.13 18.67 -31.94
N VAL L 11 26.78 19.63 -31.29
CA VAL L 11 26.08 20.54 -30.40
C VAL L 11 25.13 21.43 -31.19
N ILE L 12 25.56 21.90 -32.35
CA ILE L 12 24.69 22.71 -33.20
C ILE L 12 23.62 21.83 -33.85
N GLU L 13 23.96 20.58 -34.16
CA GLU L 13 22.99 19.67 -34.75
C GLU L 13 21.85 19.38 -33.80
N THR L 14 22.16 18.85 -32.62
CA THR L 14 21.13 18.49 -31.66
C THR L 14 20.35 19.71 -31.19
N ALA L 15 21.02 20.86 -31.04
CA ALA L 15 20.31 22.08 -30.71
C ALA L 15 19.36 22.49 -31.83
N LYS L 16 19.79 22.33 -33.08
CA LYS L 16 18.92 22.63 -34.21
C LYS L 16 17.67 21.75 -34.19
N LYS L 17 17.78 20.52 -33.69
CA LYS L 17 16.62 19.65 -33.57
C LYS L 17 15.80 20.00 -32.33
N LEU L 18 16.46 20.40 -31.24
CA LEU L 18 15.74 20.79 -30.04
C LEU L 18 14.95 22.08 -30.25
N ILE L 19 15.47 22.99 -31.07
CA ILE L 19 14.75 24.23 -31.36
C ILE L 19 13.42 23.92 -32.05
N GLU L 20 13.46 23.06 -33.08
CA GLU L 20 12.25 22.70 -33.78
C GLU L 20 11.42 21.67 -33.03
N LYS L 21 12.00 21.01 -32.02
CA LYS L 21 11.22 20.13 -31.16
C LYS L 21 10.42 20.92 -30.14
N LEU L 22 10.96 22.05 -29.68
CA LEU L 22 10.31 22.87 -28.67
C LEU L 22 9.52 24.03 -29.25
N ALA L 23 9.82 24.45 -30.48
CA ALA L 23 8.95 25.40 -31.18
C ALA L 23 7.71 24.73 -31.75
N LYS L 24 7.69 23.40 -31.81
CA LYS L 24 6.55 22.63 -32.26
C LYS L 24 5.48 22.48 -31.19
N GLU L 25 5.62 23.17 -30.06
CA GLU L 25 4.58 23.17 -29.04
C GLU L 25 3.50 24.17 -29.39
N GLU L 26 2.28 23.88 -28.95
CA GLU L 26 1.15 24.76 -29.22
C GLU L 26 0.49 25.22 -27.92
N ILE M 9 10.66 -3.73 -44.43
CA ILE M 9 10.10 -5.07 -44.54
C ILE M 9 10.18 -5.77 -43.18
N LYS M 10 11.28 -5.53 -42.47
CA LYS M 10 11.45 -6.14 -41.15
C LYS M 10 10.39 -5.64 -40.17
N ARG M 11 10.00 -4.37 -40.28
CA ARG M 11 9.04 -3.80 -39.35
C ARG M 11 7.64 -4.35 -39.54
N LEU M 12 7.31 -4.83 -40.74
CA LEU M 12 6.00 -5.43 -40.97
C LEU M 12 5.85 -6.79 -40.29
N ALA M 13 6.96 -7.46 -39.97
CA ALA M 13 6.87 -8.76 -39.34
C ALA M 13 6.46 -8.64 -37.87
N GLU M 14 6.99 -7.66 -37.15
CA GLU M 14 6.63 -7.47 -35.75
C GLU M 14 5.16 -7.06 -35.62
N GLU M 15 4.67 -6.24 -36.55
CA GLU M 15 3.27 -5.83 -36.50
C GLU M 15 2.34 -7.00 -36.76
N LEU M 16 2.69 -7.85 -37.72
CA LEU M 16 1.87 -9.04 -38.00
C LEU M 16 1.93 -10.02 -36.83
N LYS M 17 3.11 -10.18 -36.22
CA LYS M 17 3.25 -11.04 -35.06
C LYS M 17 2.61 -10.46 -33.80
N GLU M 18 2.21 -9.18 -33.83
CA GLU M 18 1.56 -8.55 -32.69
C GLU M 18 0.03 -8.57 -32.77
N LYS M 19 -0.54 -8.87 -33.94
CA LYS M 19 -1.98 -9.02 -34.05
C LYS M 19 -2.38 -10.46 -33.76
N THR M 20 -3.61 -10.63 -33.26
CA THR M 20 -4.07 -11.91 -32.73
C THR M 20 -4.23 -12.92 -33.85
N LYS M 21 -3.25 -13.81 -34.00
CA LYS M 21 -3.32 -14.91 -34.96
C LYS M 21 -2.84 -16.18 -34.27
N ASN M 22 -2.86 -17.29 -35.02
CA ASN M 22 -2.47 -18.58 -34.49
C ASN M 22 -0.97 -18.80 -34.66
N GLU M 23 -0.50 -20.00 -34.28
CA GLU M 23 0.94 -20.28 -34.31
C GLU M 23 1.44 -20.47 -35.74
N GLU M 24 0.61 -21.00 -36.64
CA GLU M 24 0.99 -21.11 -38.05
C GLU M 24 1.33 -19.75 -38.64
N ILE M 25 0.79 -18.68 -38.08
CA ILE M 25 1.08 -17.33 -38.56
C ILE M 25 2.38 -16.80 -37.97
N LYS M 26 2.63 -17.10 -36.69
CA LYS M 26 3.76 -16.51 -35.99
C LYS M 26 5.09 -17.01 -36.54
N ARG M 27 5.25 -18.32 -36.67
CA ARG M 27 6.55 -18.86 -37.10
C ARG M 27 6.87 -18.51 -38.53
N LEU M 28 5.85 -18.39 -39.39
CA LEU M 28 6.11 -18.09 -40.81
C LEU M 28 6.48 -16.63 -41.01
N ALA M 29 5.99 -15.74 -40.15
CA ALA M 29 6.31 -14.32 -40.29
C ALA M 29 7.78 -14.04 -40.01
N GLU M 30 8.33 -14.65 -38.96
CA GLU M 30 9.75 -14.44 -38.67
C GLU M 30 10.62 -15.26 -39.63
N GLU M 31 10.09 -16.35 -40.19
CA GLU M 31 10.88 -17.17 -41.11
C GLU M 31 11.12 -16.47 -42.43
N ALA M 32 10.17 -15.66 -42.90
CA ALA M 32 10.35 -14.89 -44.12
C ALA M 32 11.36 -13.76 -43.95
N ALA M 33 11.54 -13.26 -42.74
CA ALA M 33 12.48 -12.17 -42.50
C ALA M 33 13.91 -12.68 -42.39
N GLU M 34 14.12 -13.81 -41.73
CA GLU M 34 15.47 -14.36 -41.60
C GLU M 34 16.00 -14.89 -42.92
N LEU M 35 15.13 -15.45 -43.76
CA LEU M 35 15.57 -15.94 -45.05
C LEU M 35 15.94 -14.80 -45.99
N ALA M 36 15.15 -13.72 -45.98
CA ALA M 36 15.41 -12.58 -46.85
C ALA M 36 16.58 -11.73 -46.39
N GLU M 37 17.21 -12.05 -45.26
CA GLU M 37 18.36 -11.26 -44.80
C GLU M 37 19.58 -11.48 -45.68
N ARG M 38 19.83 -12.74 -46.09
CA ARG M 38 21.01 -13.05 -46.88
C ARG M 38 20.83 -12.73 -48.35
N SER M 39 19.59 -12.60 -48.83
CA SER M 39 19.35 -12.30 -50.23
C SER M 39 19.56 -10.81 -50.50
N ASP M 40 20.36 -10.51 -51.52
CA ASP M 40 20.64 -9.13 -51.93
C ASP M 40 19.90 -8.75 -53.20
N ASP M 41 18.69 -9.30 -53.40
CA ASP M 41 17.92 -9.07 -54.60
C ASP M 41 16.70 -8.21 -54.30
N PRO M 42 16.51 -7.09 -54.99
CA PRO M 42 15.31 -6.27 -54.75
C PRO M 42 14.04 -6.86 -55.33
N GLU M 43 14.13 -7.74 -56.34
CA GLU M 43 12.95 -8.40 -56.87
C GLU M 43 12.37 -9.42 -55.91
N VAL M 44 13.13 -9.82 -54.89
CA VAL M 44 12.58 -10.63 -53.81
C VAL M 44 12.09 -9.74 -52.67
N LEU M 45 12.75 -8.61 -52.42
CA LEU M 45 12.30 -7.67 -51.42
C LEU M 45 10.93 -7.06 -51.75
N GLU M 46 10.56 -7.06 -53.04
CA GLU M 46 9.27 -6.51 -53.44
C GLU M 46 8.13 -7.48 -53.22
N VAL M 47 8.40 -8.79 -53.24
CA VAL M 47 7.35 -9.77 -53.07
C VAL M 47 7.10 -10.08 -51.59
N VAL M 48 8.14 -10.02 -50.76
CA VAL M 48 7.95 -10.24 -49.33
C VAL M 48 7.12 -9.12 -48.72
N LEU M 49 7.41 -7.88 -49.09
CA LEU M 49 6.60 -6.75 -48.61
C LEU M 49 5.19 -6.80 -49.19
N LYS M 50 5.04 -7.34 -50.40
CA LYS M 50 3.73 -7.41 -51.02
C LYS M 50 2.82 -8.40 -50.31
N ALA M 51 3.33 -9.59 -50.00
CA ALA M 51 2.54 -10.59 -49.29
C ALA M 51 2.30 -10.16 -47.85
N LEU M 52 3.29 -9.54 -47.21
CA LEU M 52 3.13 -9.10 -45.83
C LEU M 52 2.13 -7.97 -45.71
N TRP M 53 2.05 -7.10 -46.72
CA TRP M 53 1.14 -5.96 -46.65
C TRP M 53 -0.31 -6.40 -46.83
N GLU M 54 -0.58 -7.26 -47.82
CA GLU M 54 -1.94 -7.74 -48.04
C GLU M 54 -2.41 -8.60 -46.87
N ALA M 55 -1.50 -9.38 -46.28
CA ALA M 55 -1.86 -10.17 -45.11
C ALA M 55 -2.02 -9.30 -43.86
N LEU M 56 -1.32 -8.16 -43.81
CA LEU M 56 -1.40 -7.29 -42.64
C LEU M 56 -2.81 -6.75 -42.43
N LYS M 57 -3.63 -6.72 -43.48
CA LYS M 57 -5.00 -6.24 -43.40
C LYS M 57 -6.03 -7.35 -43.56
N SER M 58 -5.59 -8.58 -43.80
CA SER M 58 -6.49 -9.70 -44.04
C SER M 58 -7.12 -10.20 -42.75
N LYS M 59 -8.25 -10.88 -42.89
CA LYS M 59 -9.03 -11.42 -41.79
C LYS M 59 -9.06 -12.94 -41.74
N ASN M 60 -9.25 -13.59 -42.89
CA ASN M 60 -9.27 -15.05 -42.92
C ASN M 60 -7.91 -15.61 -42.53
N GLU M 61 -7.90 -16.53 -41.56
CA GLU M 61 -6.65 -17.01 -41.00
C GLU M 61 -5.78 -17.71 -42.04
N GLU M 62 -6.40 -18.42 -43.00
CA GLU M 62 -5.63 -19.12 -44.00
C GLU M 62 -4.93 -18.18 -44.98
N LYS M 63 -5.43 -16.95 -45.12
CA LYS M 63 -4.80 -15.99 -46.02
C LYS M 63 -3.41 -15.61 -45.53
N ILE M 64 -3.25 -15.41 -44.23
CA ILE M 64 -1.95 -15.03 -43.70
C ILE M 64 -0.96 -16.19 -43.81
N GLU M 65 -1.39 -17.39 -43.43
CA GLU M 65 -0.50 -18.54 -43.49
C GLU M 65 -0.12 -18.88 -44.92
N LEU M 66 -1.03 -18.68 -45.88
CA LEU M 66 -0.72 -19.00 -47.27
C LEU M 66 0.15 -17.93 -47.92
N LEU M 67 -0.12 -16.65 -47.62
CA LEU M 67 0.71 -15.58 -48.16
C LEU M 67 2.12 -15.62 -47.56
N LEU M 68 2.23 -15.93 -46.27
CA LEU M 68 3.53 -16.06 -45.64
C LEU M 68 4.28 -17.29 -46.16
N LEU M 69 3.56 -18.33 -46.57
CA LEU M 69 4.21 -19.49 -47.18
C LEU M 69 4.84 -19.12 -48.52
N VAL M 70 4.15 -18.29 -49.30
CA VAL M 70 4.73 -17.81 -50.56
C VAL M 70 5.92 -16.90 -50.29
N ALA M 71 5.89 -16.18 -49.17
CA ALA M 71 6.99 -15.25 -48.86
C ALA M 71 8.28 -15.99 -48.57
N VAL M 72 8.21 -17.14 -47.88
CA VAL M 72 9.42 -17.89 -47.57
C VAL M 72 9.86 -18.78 -48.72
N LEU M 73 8.97 -19.08 -49.67
CA LEU M 73 9.34 -19.90 -50.82
C LEU M 73 10.11 -19.09 -51.86
N VAL M 74 9.65 -17.87 -52.16
CA VAL M 74 10.34 -17.03 -53.12
C VAL M 74 11.65 -16.50 -52.53
N ALA M 75 11.68 -16.25 -51.23
CA ALA M 75 12.88 -15.74 -50.55
C ALA M 75 14.05 -16.71 -50.68
N ALA M 82 21.46 -19.09 -56.42
CA ALA M 82 20.38 -20.04 -56.63
C ALA M 82 20.60 -20.86 -57.90
N VAL M 83 20.44 -22.18 -57.79
CA VAL M 83 20.61 -23.07 -58.94
C VAL M 83 19.30 -23.14 -59.70
N GLU M 84 19.31 -23.81 -60.87
CA GLU M 84 18.10 -23.92 -61.67
C GLU M 84 17.08 -24.85 -61.04
N GLU M 85 17.49 -25.72 -60.12
CA GLU M 85 16.53 -26.58 -59.41
C GLU M 85 15.80 -25.84 -58.30
N LYS M 86 16.32 -24.70 -57.84
CA LYS M 86 15.60 -23.89 -56.86
C LYS M 86 14.45 -23.14 -57.51
N LEU M 87 14.70 -22.53 -58.67
CA LEU M 87 13.68 -21.72 -59.33
C LEU M 87 12.63 -22.58 -60.03
N GLU M 88 13.03 -23.72 -60.59
CA GLU M 88 12.08 -24.54 -61.34
C GLU M 88 11.12 -25.29 -60.41
N ILE M 89 11.61 -25.78 -59.28
CA ILE M 89 10.72 -26.43 -58.32
C ILE M 89 9.78 -25.41 -57.70
N ALA M 90 10.29 -24.21 -57.39
CA ALA M 90 9.43 -23.16 -56.85
C ALA M 90 8.42 -22.66 -57.88
N LEU M 91 8.79 -22.68 -59.16
CA LEU M 91 7.87 -22.25 -60.21
C LEU M 91 6.69 -23.21 -60.34
N LEU M 92 6.94 -24.52 -60.22
CA LEU M 92 5.87 -25.50 -60.31
C LEU M 92 4.90 -25.39 -59.14
N ALA M 93 5.39 -24.92 -57.98
CA ALA M 93 4.52 -24.74 -56.82
C ALA M 93 3.78 -23.40 -56.88
N LEU M 94 4.40 -22.37 -57.44
CA LEU M 94 3.75 -21.06 -57.52
C LEU M 94 2.71 -21.02 -58.63
N LYS M 95 2.91 -21.78 -59.71
CA LYS M 95 1.89 -21.88 -60.75
C LYS M 95 0.76 -22.82 -60.34
N LEU M 96 1.07 -23.85 -59.54
CA LEU M 96 0.03 -24.79 -59.13
C LEU M 96 -0.99 -24.13 -58.21
N ALA M 97 -0.53 -23.25 -57.31
CA ALA M 97 -1.45 -22.54 -56.45
C ALA M 97 -2.25 -21.49 -57.22
N GLU M 98 -1.69 -20.96 -58.31
CA GLU M 98 -2.44 -20.06 -59.18
C GLU M 98 -3.47 -20.81 -60.01
N GLU M 99 -3.17 -22.05 -60.38
CA GLU M 99 -4.07 -22.89 -61.16
C GLU M 99 -4.90 -23.83 -60.28
N SER M 100 -5.21 -23.41 -59.05
CA SER M 100 -6.01 -24.21 -58.15
C SER M 100 -6.77 -23.30 -57.19
N LYS M 101 -8.09 -23.47 -57.14
CA LYS M 101 -8.92 -22.75 -56.19
C LYS M 101 -8.97 -23.44 -54.83
N ASP M 102 -8.93 -24.77 -54.82
CA ASP M 102 -8.95 -25.53 -53.58
C ASP M 102 -7.75 -25.18 -52.72
N PRO M 103 -7.94 -24.63 -51.52
CA PRO M 103 -6.78 -24.31 -50.66
C PRO M 103 -6.02 -25.52 -50.19
N ARG M 104 -6.61 -26.72 -50.27
CA ARG M 104 -5.88 -27.93 -49.91
C ARG M 104 -4.73 -28.18 -50.86
N ILE M 105 -4.91 -27.84 -52.14
CA ILE M 105 -3.84 -27.98 -53.12
C ILE M 105 -2.85 -26.82 -53.00
N ILE M 106 -3.35 -25.63 -52.68
CA ILE M 106 -2.47 -24.47 -52.50
C ILE M 106 -1.54 -24.71 -51.31
N ARG M 107 -2.04 -25.35 -50.25
CA ARG M 107 -1.21 -25.66 -49.10
C ARG M 107 -0.16 -26.72 -49.45
N GLY M 108 -0.60 -27.85 -49.99
CA GLY M 108 0.33 -28.94 -50.27
C GLY M 108 1.38 -28.58 -51.30
N ALA M 109 1.06 -27.67 -52.21
CA ALA M 109 2.03 -27.27 -53.24
C ALA M 109 3.10 -26.34 -52.66
N LEU M 110 2.69 -25.37 -51.84
CA LEU M 110 3.67 -24.47 -51.24
C LEU M 110 4.50 -25.18 -50.19
N ARG M 111 3.87 -26.01 -49.36
CA ARG M 111 4.57 -26.67 -48.26
C ARG M 111 5.64 -27.63 -48.77
N ALA M 112 5.32 -28.40 -49.81
CA ALA M 112 6.25 -29.41 -50.30
C ALA M 112 7.48 -28.80 -50.95
N ALA M 113 7.34 -27.63 -51.58
CA ALA M 113 8.47 -26.97 -52.22
C ALA M 113 9.41 -26.35 -51.20
N ILE M 114 8.85 -25.72 -50.16
CA ILE M 114 9.69 -25.11 -49.13
C ILE M 114 10.46 -26.19 -48.37
N ALA M 115 9.83 -27.34 -48.13
CA ALA M 115 10.52 -28.44 -47.48
C ALA M 115 11.60 -29.03 -48.36
N ALA M 116 11.40 -29.03 -49.68
CA ALA M 116 12.44 -29.50 -50.59
C ALA M 116 13.62 -28.53 -50.65
N LEU M 117 13.35 -27.23 -50.51
CA LEU M 117 14.43 -26.23 -50.47
C LEU M 117 15.31 -26.40 -49.24
N ARG M 118 14.82 -27.06 -48.19
CA ARG M 118 15.60 -27.25 -46.98
C ARG M 118 16.51 -28.48 -47.10
N PRO M 122 20.33 -33.12 -53.03
CA PRO M 122 20.05 -32.92 -54.45
C PRO M 122 19.39 -34.12 -55.11
N LEU M 123 19.50 -35.30 -54.49
CA LEU M 123 18.83 -36.48 -55.02
C LEU M 123 17.32 -36.41 -54.88
N ALA M 124 16.83 -35.60 -53.94
CA ALA M 124 15.40 -35.39 -53.76
C ALA M 124 14.82 -34.35 -54.70
N LEU M 125 15.62 -33.34 -55.08
CA LEU M 125 15.14 -32.27 -55.94
C LEU M 125 14.79 -32.76 -57.33
N LYS M 126 15.29 -33.92 -57.76
CA LYS M 126 15.01 -34.42 -59.10
C LYS M 126 13.61 -35.01 -59.20
N THR M 127 13.16 -35.74 -58.17
CA THR M 127 11.86 -36.39 -58.22
C THR M 127 10.72 -35.47 -57.80
N VAL M 128 11.03 -34.35 -57.14
CA VAL M 128 9.98 -33.39 -56.79
C VAL M 128 9.55 -32.61 -58.04
N LYS M 129 10.51 -32.21 -58.87
CA LYS M 129 10.18 -31.54 -60.12
C LYS M 129 9.44 -32.48 -61.07
N GLU M 130 9.77 -33.77 -61.07
CA GLU M 130 9.08 -34.72 -61.93
C GLU M 130 7.68 -35.01 -61.41
N ALA M 131 7.52 -35.05 -60.09
CA ALA M 131 6.20 -35.31 -59.52
C ALA M 131 5.28 -34.11 -59.66
N LEU M 132 5.84 -32.90 -59.56
CA LEU M 132 5.03 -31.69 -59.73
C LEU M 132 4.54 -31.53 -61.16
N GLU M 133 5.30 -32.01 -62.13
CA GLU M 133 4.85 -31.97 -63.52
C GLU M 133 3.76 -33.02 -63.77
N ARG M 134 3.78 -34.12 -63.02
CA ARG M 134 2.72 -35.12 -63.13
C ARG M 134 1.44 -34.70 -62.42
N ALA M 135 1.56 -33.92 -61.35
CA ALA M 135 0.39 -33.57 -60.55
C ALA M 135 -0.51 -32.57 -61.28
N ARG M 136 0.07 -31.50 -61.82
CA ARG M 136 -0.70 -30.48 -62.53
C ARG M 136 -1.11 -30.93 -63.92
N ALA M 137 -0.59 -32.06 -64.40
CA ALA M 137 -0.92 -32.55 -65.73
C ALA M 137 -2.22 -33.35 -65.77
N SER M 138 -2.85 -33.59 -64.61
CA SER M 138 -4.08 -34.37 -64.53
C SER M 138 -5.15 -33.57 -63.81
N LYS M 139 -6.33 -33.48 -64.41
CA LYS M 139 -7.49 -32.85 -63.78
C LYS M 139 -8.22 -33.84 -62.88
N ASP M 140 -7.47 -34.49 -62.00
CA ASP M 140 -7.99 -35.44 -61.04
C ASP M 140 -7.73 -34.88 -59.65
N GLU M 141 -8.80 -34.43 -58.97
CA GLU M 141 -8.63 -33.72 -57.70
C GLU M 141 -8.03 -34.60 -56.61
N ARG M 142 -8.15 -35.93 -56.73
CA ARG M 142 -7.53 -36.81 -55.75
C ARG M 142 -6.06 -37.07 -56.06
N LEU M 143 -5.69 -37.01 -57.34
CA LEU M 143 -4.29 -37.23 -57.73
C LEU M 143 -3.43 -36.01 -57.45
N ILE M 144 -3.96 -34.81 -57.70
CA ILE M 144 -3.18 -33.59 -57.51
C ILE M 144 -2.81 -33.41 -56.05
N ARG M 145 -3.72 -33.79 -55.13
CA ARG M 145 -3.43 -33.70 -53.71
C ARG M 145 -2.66 -34.91 -53.20
N ALA M 146 -2.69 -36.03 -53.91
CA ALA M 146 -1.93 -37.20 -53.49
C ALA M 146 -0.46 -37.07 -53.84
N ILE M 147 -0.15 -36.53 -55.02
CA ILE M 147 1.24 -36.31 -55.40
C ILE M 147 1.88 -35.27 -54.50
N LEU M 148 1.11 -34.25 -54.11
CA LEU M 148 1.62 -33.26 -53.17
C LEU M 148 1.74 -33.83 -51.76
N ALA M 149 0.91 -34.82 -51.42
CA ALA M 149 1.02 -35.49 -50.13
C ALA M 149 2.25 -36.40 -50.07
N ALA M 150 2.63 -37.00 -51.20
CA ALA M 150 3.81 -37.85 -51.23
C ALA M 150 5.08 -37.04 -51.44
N ALA M 151 4.98 -35.86 -52.06
CA ALA M 151 6.13 -34.98 -52.21
C ALA M 151 6.50 -34.31 -50.90
N TYR M 152 5.52 -34.04 -50.04
CA TYR M 152 5.82 -33.48 -48.72
C TYR M 152 6.41 -34.53 -47.80
N ALA M 153 5.88 -35.76 -47.85
CA ALA M 153 6.39 -36.82 -46.99
C ALA M 153 7.82 -37.20 -47.32
N PHE M 154 8.21 -37.09 -48.59
CA PHE M 154 9.58 -37.40 -48.99
C PHE M 154 10.52 -36.22 -48.85
N ALA M 155 10.00 -34.98 -48.91
CA ALA M 155 10.85 -33.81 -48.73
C ALA M 155 11.38 -33.72 -47.30
N LEU M 156 10.58 -34.14 -46.32
CA LEU M 156 11.04 -34.14 -44.94
C LEU M 156 12.04 -35.27 -44.69
N LEU M 157 11.82 -36.43 -45.31
CA LEU M 157 12.75 -37.54 -45.15
C LEU M 157 14.10 -37.26 -45.78
N ALA M 158 14.14 -36.38 -46.78
CA ALA M 158 15.40 -36.03 -47.42
C ALA M 158 16.27 -35.20 -46.48
N VAL M 159 15.68 -34.23 -45.78
CA VAL M 159 16.45 -33.42 -44.85
C VAL M 159 16.99 -34.27 -43.70
N ALA M 160 16.30 -35.35 -43.36
CA ALA M 160 16.75 -36.24 -42.29
C ALA M 160 17.93 -37.09 -42.76
N ALA M 164 21.83 -41.08 -49.31
CA ALA M 164 21.75 -41.19 -50.77
C ALA M 164 21.09 -42.50 -51.20
N GLU M 165 21.24 -43.55 -50.37
CA GLU M 165 20.64 -44.84 -50.64
C GLU M 165 19.22 -44.94 -50.08
N ARG M 166 19.05 -44.64 -48.79
CA ARG M 166 17.72 -44.61 -48.21
C ARG M 166 16.84 -43.56 -48.87
N LEU M 167 17.45 -42.46 -49.34
CA LEU M 167 16.71 -41.46 -50.09
C LEU M 167 16.14 -42.04 -51.38
N LYS M 168 16.86 -42.98 -51.99
CA LYS M 168 16.41 -43.58 -53.25
C LYS M 168 15.29 -44.58 -53.05
N GLU M 169 15.25 -45.26 -51.90
CA GLU M 169 14.18 -46.22 -51.64
C GLU M 169 12.84 -45.49 -51.50
N ALA M 170 12.81 -44.40 -50.75
CA ALA M 170 11.59 -43.62 -50.64
C ALA M 170 11.31 -42.81 -51.90
N GLU M 171 12.35 -42.48 -52.66
CA GLU M 171 12.17 -41.76 -53.92
C GLU M 171 11.46 -42.62 -54.95
N ALA M 172 11.72 -43.92 -54.96
CA ALA M 172 10.98 -44.81 -55.84
C ALA M 172 9.49 -44.78 -55.53
N ILE M 173 9.14 -44.82 -54.24
CA ILE M 173 7.75 -44.86 -53.81
C ILE M 173 6.99 -43.57 -54.13
N VAL M 174 7.66 -42.52 -54.57
CA VAL M 174 6.98 -41.28 -54.93
C VAL M 174 6.72 -41.17 -56.43
N TRP M 175 7.32 -42.01 -57.26
CA TRP M 175 7.05 -41.98 -58.70
C TRP M 175 6.28 -43.18 -59.21
N TYR M 176 6.44 -44.38 -58.63
CA TYR M 176 5.67 -45.52 -59.11
C TYR M 176 4.34 -45.69 -58.40
N LEU M 177 4.16 -45.06 -57.23
CA LEU M 177 2.90 -45.15 -56.51
C LEU M 177 1.81 -44.28 -57.10
N ILE M 178 2.16 -43.34 -57.98
CA ILE M 178 1.15 -42.52 -58.63
C ILE M 178 0.24 -43.37 -59.50
N ALA M 179 0.75 -44.48 -60.04
CA ALA M 179 -0.10 -45.41 -60.79
C ALA M 179 -1.09 -46.12 -59.89
N ALA M 180 -0.75 -46.28 -58.60
CA ALA M 180 -1.70 -46.86 -57.65
C ALA M 180 -2.88 -45.93 -57.42
N ALA M 181 -2.64 -44.62 -57.40
CA ALA M 181 -3.72 -43.65 -57.31
C ALA M 181 -4.46 -43.51 -58.64
N GLU M 182 -3.77 -43.77 -59.76
CA GLU M 182 -4.43 -43.75 -61.06
C GLU M 182 -5.36 -44.95 -61.23
N LYS M 183 -5.05 -46.07 -60.56
CA LYS M 183 -5.89 -47.25 -60.66
C LYS M 183 -7.25 -47.04 -59.99
N GLY M 184 -7.28 -46.24 -58.93
CA GLY M 184 -8.51 -46.02 -58.19
C GLY M 184 -8.43 -46.53 -56.77
N ALA M 185 -7.30 -46.29 -56.11
CA ALA M 185 -7.10 -46.78 -54.76
C ALA M 185 -7.96 -46.02 -53.76
N SER M 186 -8.22 -46.67 -52.63
CA SER M 186 -9.04 -46.07 -51.59
C SER M 186 -8.27 -44.96 -50.88
N PRO M 187 -8.98 -43.94 -50.37
CA PRO M 187 -8.29 -42.92 -49.56
C PRO M 187 -7.58 -43.48 -48.34
N GLN M 188 -8.11 -44.56 -47.75
CA GLN M 188 -7.44 -45.22 -46.63
C GLN M 188 -6.26 -46.05 -47.07
N GLU M 189 -6.21 -46.48 -48.33
CA GLU M 189 -5.11 -47.30 -48.84
C GLU M 189 -3.97 -46.48 -49.40
N LEU M 190 -4.25 -45.28 -49.93
CA LEU M 190 -3.18 -44.41 -50.42
C LEU M 190 -2.32 -43.86 -49.29
N VAL M 191 -2.87 -43.77 -48.08
CA VAL M 191 -2.11 -43.30 -46.92
C VAL M 191 -1.32 -44.44 -46.29
N LEU M 192 -1.90 -45.64 -46.23
CA LEU M 192 -1.15 -46.82 -45.78
C LEU M 192 0.05 -47.10 -46.68
N LEU M 193 0.01 -46.62 -47.93
CA LEU M 193 1.15 -46.75 -48.82
C LEU M 193 2.21 -45.69 -48.55
N VAL M 194 1.80 -44.53 -48.02
CA VAL M 194 2.78 -43.52 -47.62
C VAL M 194 3.48 -43.91 -46.33
N ILE M 195 2.82 -44.71 -45.47
CA ILE M 195 3.50 -45.27 -44.31
C ILE M 195 4.67 -46.14 -44.76
N GLU M 196 4.47 -46.89 -45.85
CA GLU M 196 5.57 -47.68 -46.41
C GLU M 196 6.71 -46.80 -46.89
N MET M 197 6.41 -45.57 -47.30
CA MET M 197 7.45 -44.67 -47.82
C MET M 197 8.46 -44.32 -46.74
N MET M 198 7.99 -44.05 -45.52
CA MET M 198 8.87 -43.63 -44.44
C MET M 198 9.52 -44.80 -43.71
N VAL M 199 8.83 -45.94 -43.60
CA VAL M 199 9.41 -47.08 -42.90
C VAL M 199 10.43 -47.80 -43.76
N LYS M 200 10.30 -47.70 -45.09
CA LYS M 200 11.32 -48.24 -45.99
C LYS M 200 12.47 -47.28 -46.20
N GLY M 201 12.25 -45.98 -45.97
CA GLY M 201 13.29 -44.97 -46.11
C GLY M 201 14.11 -44.71 -44.87
N MET M 202 13.71 -45.27 -43.72
CA MET M 202 14.46 -45.13 -42.48
C MET M 202 15.16 -46.41 -42.07
N GLY M 203 14.95 -47.51 -42.79
CA GLY M 203 15.56 -48.77 -42.42
C GLY M 203 14.90 -49.46 -41.24
N VAL M 204 13.59 -49.28 -41.06
CA VAL M 204 12.87 -49.90 -39.96
C VAL M 204 11.83 -50.87 -40.53
N THR M 205 11.11 -51.56 -39.65
CA THR M 205 10.16 -52.59 -40.02
C THR M 205 8.73 -52.09 -39.89
N MET M 206 7.84 -52.72 -40.67
CA MET M 206 6.41 -52.42 -40.63
C MET M 206 5.63 -53.72 -40.49
N GLU M 207 4.39 -53.59 -40.04
CA GLU M 207 3.54 -54.74 -39.77
C GLU M 207 2.09 -54.28 -39.81
N THR M 208 1.24 -55.04 -40.50
CA THR M 208 -0.14 -54.63 -40.77
C THR M 208 -1.10 -55.69 -40.28
N HIS M 209 -1.86 -55.37 -39.23
CA HIS M 209 -2.99 -56.17 -38.76
C HIS M 209 -4.26 -55.46 -39.18
N ARG M 210 -4.98 -56.04 -40.14
CA ARG M 210 -6.17 -55.39 -40.68
C ARG M 210 -7.36 -55.52 -39.74
N SER M 211 -7.75 -56.75 -39.43
CA SER M 211 -8.84 -57.09 -38.51
C SER M 211 -10.22 -56.77 -39.08
N GLY M 212 -10.29 -55.87 -40.06
CA GLY M 212 -11.54 -55.46 -40.67
C GLY M 212 -11.96 -54.05 -40.33
N ASN M 213 -11.46 -53.49 -39.25
CA ASN M 213 -11.81 -52.13 -38.85
C ASN M 213 -10.73 -51.13 -39.27
N VAL M 218 1.36 -51.08 -37.29
CA VAL M 218 2.31 -51.36 -36.22
C VAL M 218 3.74 -51.35 -36.75
N ILE M 219 4.62 -50.64 -36.05
CA ILE M 219 6.02 -50.49 -36.44
C ILE M 219 6.86 -50.65 -35.18
N LYS M 220 7.88 -51.52 -35.24
CA LYS M 220 8.73 -51.78 -34.08
C LYS M 220 10.07 -51.09 -34.24
N GLY M 221 10.47 -50.33 -33.23
CA GLY M 221 11.77 -49.68 -33.21
C GLY M 221 11.82 -48.42 -34.04
N LEU M 222 12.15 -47.30 -33.39
CA LEU M 222 12.23 -46.02 -34.09
C LEU M 222 12.90 -45.00 -33.18
N HIS M 223 13.84 -44.23 -33.74
CA HIS M 223 14.49 -43.18 -32.99
C HIS M 223 13.55 -41.99 -32.81
N GLU M 224 13.73 -41.27 -31.70
CA GLU M 224 12.79 -40.21 -31.34
C GLU M 224 12.83 -39.05 -32.33
N SER M 225 14.03 -38.59 -32.69
CA SER M 225 14.14 -37.49 -33.64
C SER M 225 13.60 -37.87 -35.01
N GLN M 226 13.47 -39.17 -35.30
CA GLN M 226 12.82 -39.60 -36.53
C GLN M 226 11.30 -39.53 -36.40
N GLN M 227 10.77 -39.80 -35.20
CA GLN M 227 9.32 -39.78 -35.00
C GLN M 227 8.76 -38.36 -35.17
N GLU M 228 9.58 -37.34 -34.92
CA GLU M 228 9.14 -35.97 -35.15
C GLU M 228 9.01 -35.68 -36.64
N VAL M 229 9.86 -36.29 -37.46
CA VAL M 229 9.71 -36.16 -38.91
C VAL M 229 8.56 -37.03 -39.40
N LEU M 230 8.26 -38.13 -38.70
CA LEU M 230 7.19 -39.03 -39.13
C LEU M 230 5.83 -38.42 -38.87
N LEU M 231 5.56 -38.03 -37.62
CA LEU M 231 4.25 -37.46 -37.28
C LEU M 231 3.97 -36.19 -38.06
N GLU M 232 5.01 -35.46 -38.46
CA GLU M 232 4.81 -34.24 -39.23
C GLU M 232 4.40 -34.55 -40.67
N ALA M 233 4.76 -35.72 -41.18
CA ALA M 233 4.45 -36.08 -42.56
C ALA M 233 3.13 -36.85 -42.67
N VAL M 234 2.83 -37.73 -41.72
CA VAL M 234 1.60 -38.50 -41.80
C VAL M 234 0.39 -37.64 -41.44
N LEU M 235 0.56 -36.66 -40.54
CA LEU M 235 -0.55 -35.76 -40.22
C LEU M 235 -0.86 -34.83 -41.39
N PHE M 236 0.16 -34.38 -42.11
CA PHE M 236 -0.06 -33.49 -43.23
C PHE M 236 -0.70 -34.23 -44.41
N ALA M 237 -0.31 -35.48 -44.63
CA ALA M 237 -0.93 -36.26 -45.70
C ALA M 237 -2.32 -36.72 -45.32
N ALA M 238 -2.59 -36.90 -44.02
CA ALA M 238 -3.93 -37.28 -43.60
C ALA M 238 -4.93 -36.15 -43.82
N GLU M 239 -4.49 -34.90 -43.65
CA GLU M 239 -5.37 -33.77 -43.91
C GLU M 239 -5.49 -33.50 -45.41
N LEU M 240 -4.41 -33.70 -46.17
CA LEU M 240 -4.49 -33.53 -47.62
C LEU M 240 -5.42 -34.55 -48.25
N MET M 241 -5.17 -35.83 -47.98
CA MET M 241 -6.02 -36.89 -48.56
C MET M 241 -7.43 -36.82 -48.00
N GLY M 242 -7.58 -36.42 -46.74
CA GLY M 242 -8.88 -36.26 -46.12
C GLY M 242 -9.20 -37.28 -45.05
N VAL M 243 -8.47 -38.38 -45.00
CA VAL M 243 -8.73 -39.42 -44.00
C VAL M 243 -8.18 -38.97 -42.66
N ARG M 244 -8.99 -39.08 -41.61
CA ARG M 244 -8.55 -38.78 -40.25
C ARG M 244 -8.08 -40.09 -39.61
N VAL M 245 -6.78 -40.18 -39.36
CA VAL M 245 -6.18 -41.39 -38.82
C VAL M 245 -5.50 -41.05 -37.49
N ARG M 246 -5.35 -42.07 -36.66
CA ARG M 246 -4.73 -41.94 -35.34
C ARG M 246 -3.25 -42.32 -35.47
N ILE M 247 -2.39 -41.31 -35.62
CA ILE M 247 -0.97 -41.53 -35.81
C ILE M 247 -0.24 -41.36 -34.47
N ARG M 248 -0.25 -42.40 -33.65
CA ARG M 248 0.41 -42.33 -32.35
C ARG M 248 0.48 -43.73 -31.75
N PHE M 249 1.30 -43.87 -30.72
CA PHE M 249 1.61 -45.16 -30.13
C PHE M 249 2.09 -44.96 -28.70
N LYS M 250 2.61 -46.04 -28.12
CA LYS M 250 3.18 -45.98 -26.78
C LYS M 250 4.31 -46.98 -26.67
N GLY M 251 5.20 -46.73 -25.72
CA GLY M 251 6.44 -47.47 -25.64
C GLY M 251 7.37 -47.12 -26.77
N ASP M 252 7.78 -48.11 -27.55
CA ASP M 252 8.53 -47.90 -28.79
C ASP M 252 7.93 -48.69 -29.93
N THR M 253 6.62 -48.87 -29.92
CA THR M 253 5.88 -49.68 -30.89
C THR M 253 4.92 -48.78 -31.65
N VAL M 254 5.44 -48.10 -32.68
CA VAL M 254 4.67 -47.15 -33.50
C VAL M 254 3.39 -47.78 -34.01
N THR M 255 2.33 -46.97 -34.14
CA THR M 255 1.04 -47.45 -34.61
C THR M 255 0.32 -46.32 -35.33
N ILE M 256 -0.22 -46.62 -36.51
CA ILE M 256 -0.98 -45.63 -37.27
C ILE M 256 -2.38 -46.14 -37.56
N GLU N 1 8.92 -31.05 -2.20
CA GLU N 1 7.61 -30.77 -2.79
C GLU N 1 7.37 -29.27 -2.85
N GLU N 2 7.77 -28.57 -1.80
CA GLU N 2 7.54 -27.12 -1.76
C GLU N 2 8.44 -26.38 -2.73
N ALA N 3 9.72 -26.75 -2.78
CA ALA N 3 10.66 -26.04 -3.64
C ALA N 3 10.39 -26.29 -5.12
N VAL N 4 9.83 -27.44 -5.46
CA VAL N 4 9.55 -27.75 -6.86
C VAL N 4 8.20 -27.19 -7.31
N ARG N 5 7.21 -27.15 -6.41
CA ARG N 5 5.93 -26.54 -6.78
C ARG N 5 6.07 -25.05 -7.03
N ARG N 6 6.87 -24.37 -6.19
CA ARG N 6 7.16 -22.96 -6.46
C ARG N 6 8.02 -22.81 -7.70
N ARG N 7 8.87 -23.80 -7.99
CA ARG N 7 9.64 -23.77 -9.22
C ARG N 7 8.73 -23.83 -10.44
N PHE N 8 7.63 -24.58 -10.34
CA PHE N 8 6.65 -24.62 -11.43
C PHE N 8 6.08 -23.24 -11.70
N GLU N 9 5.75 -22.48 -10.65
CA GLU N 9 5.21 -21.15 -10.85
C GLU N 9 6.27 -20.19 -11.39
N GLU N 10 7.54 -20.43 -11.08
CA GLU N 10 8.61 -19.62 -11.66
C GLU N 10 8.71 -19.83 -13.17
N LEU N 11 8.57 -21.08 -13.61
CA LEU N 11 8.58 -21.38 -15.04
C LEU N 11 7.23 -21.12 -15.69
N LEU N 12 6.16 -21.04 -14.91
CA LEU N 12 4.86 -20.69 -15.47
C LEU N 12 4.76 -19.18 -15.72
N ARG N 13 5.31 -18.38 -14.83
CA ARG N 13 5.38 -16.94 -15.08
C ARG N 13 6.27 -16.62 -16.26
N GLU N 14 7.25 -17.48 -16.56
CA GLU N 14 8.02 -17.35 -17.78
C GLU N 14 7.24 -17.85 -18.99
N ALA N 15 6.50 -18.95 -18.82
CA ALA N 15 5.79 -19.54 -19.95
C ALA N 15 4.69 -18.63 -20.46
N LEU N 16 4.17 -17.74 -19.61
CA LEU N 16 3.17 -16.77 -20.02
C LEU N 16 3.76 -15.40 -20.31
N ALA N 17 4.97 -15.10 -19.82
CA ALA N 17 5.59 -13.82 -20.14
C ALA N 17 6.00 -13.77 -21.61
N PHE N 18 6.58 -14.86 -22.13
CA PHE N 18 6.90 -14.93 -23.55
C PHE N 18 5.71 -15.35 -24.39
N ARG N 19 4.56 -15.62 -23.76
CA ARG N 19 3.34 -15.89 -24.51
C ARG N 19 2.83 -14.63 -25.21
N GLU N 20 3.14 -13.45 -24.67
CA GLU N 20 2.76 -12.21 -25.32
C GLU N 20 3.53 -12.06 -26.64
N ARG N 21 3.06 -11.12 -27.46
CA ARG N 21 3.56 -10.95 -28.82
C ARG N 21 4.80 -10.07 -28.90
N THR N 22 5.72 -10.20 -27.94
CA THR N 22 6.97 -9.44 -27.96
C THR N 22 8.14 -10.34 -27.62
N GLY N 23 8.04 -11.08 -26.50
CA GLY N 23 9.10 -11.97 -26.08
C GLY N 23 8.75 -13.43 -26.24
N GLU N 27 11.14 -19.43 -32.49
CA GLU N 27 11.81 -20.14 -31.41
C GLU N 27 10.86 -20.40 -30.25
N THR N 28 9.59 -19.99 -30.42
CA THR N 28 8.61 -20.11 -29.35
C THR N 28 8.34 -21.58 -29.02
N LEU N 29 8.14 -22.40 -30.04
CA LEU N 29 7.94 -23.84 -29.82
C LEU N 29 9.20 -24.56 -29.40
N GLU N 30 10.35 -23.88 -29.41
CA GLU N 30 11.58 -24.42 -28.84
C GLU N 30 11.75 -23.98 -27.39
N HIS N 31 11.52 -22.70 -27.11
CA HIS N 31 11.60 -22.19 -25.75
C HIS N 31 10.55 -22.84 -24.85
N ALA N 32 9.39 -23.18 -25.40
CA ALA N 32 8.36 -23.85 -24.61
C ALA N 32 8.76 -25.28 -24.27
N VAL N 33 9.47 -25.95 -25.19
CA VAL N 33 9.97 -27.29 -24.88
C VAL N 33 11.03 -27.22 -23.79
N ARG N 34 11.90 -26.21 -23.85
CA ARG N 34 12.98 -26.10 -22.87
C ARG N 34 12.45 -25.79 -21.47
N LEU N 35 11.41 -24.96 -21.37
CA LEU N 35 10.85 -24.65 -20.07
C LEU N 35 10.28 -25.89 -19.40
N ALA N 36 9.63 -26.76 -20.18
CA ALA N 36 9.16 -28.02 -19.62
C ALA N 36 10.31 -28.95 -19.30
N ARG N 37 11.42 -28.84 -20.02
CA ARG N 37 12.61 -29.63 -19.72
C ARG N 37 13.27 -29.17 -18.42
N GLU N 38 13.26 -27.86 -18.17
CA GLU N 38 13.84 -27.34 -16.94
C GLU N 38 13.04 -27.79 -15.72
N LEU N 39 11.71 -27.85 -15.85
CA LEU N 39 10.90 -28.28 -14.73
C LEU N 39 11.06 -29.77 -14.45
N ALA N 40 11.06 -30.59 -15.50
CA ALA N 40 11.22 -32.02 -15.33
C ALA N 40 12.60 -32.39 -14.81
N GLU N 41 13.61 -31.56 -15.06
CA GLU N 41 14.92 -31.78 -14.46
C GLU N 41 14.91 -31.40 -12.97
N PHE N 42 14.24 -30.29 -12.63
CA PHE N 42 14.12 -29.89 -11.24
C PHE N 42 13.30 -30.90 -10.45
N ALA N 43 12.36 -31.58 -11.10
CA ALA N 43 11.54 -32.56 -10.40
C ALA N 43 12.34 -33.81 -10.04
N ALA N 44 13.15 -34.31 -10.98
CA ALA N 44 13.99 -35.46 -10.69
C ALA N 44 15.01 -35.14 -9.61
N SER N 45 15.36 -33.87 -9.45
CA SER N 45 16.27 -33.47 -8.38
C SER N 45 15.64 -33.69 -7.02
N HIS N 46 14.31 -33.54 -6.91
CA HIS N 46 13.59 -33.76 -5.67
C HIS N 46 12.83 -35.08 -5.76
N PRO N 47 13.38 -36.19 -5.27
CA PRO N 47 12.69 -37.47 -5.37
C PRO N 47 11.51 -37.64 -4.42
N GLU N 48 11.25 -36.65 -3.55
CA GLU N 48 10.09 -36.72 -2.68
C GLU N 48 8.82 -36.23 -3.35
N PHE N 49 8.92 -35.62 -4.53
CA PHE N 49 7.76 -35.16 -5.28
C PHE N 49 7.22 -36.28 -6.14
N ASN N 50 5.89 -36.35 -6.25
CA ASN N 50 5.24 -37.38 -7.05
C ASN N 50 5.70 -37.30 -8.50
N ARG N 51 6.48 -38.30 -8.92
CA ARG N 51 7.05 -38.28 -10.28
C ARG N 51 5.97 -38.22 -11.34
N GLN N 52 4.81 -38.84 -11.09
CA GLN N 52 3.71 -38.78 -12.05
C GLN N 52 3.18 -37.35 -12.17
N GLU N 53 2.87 -36.72 -11.04
CA GLU N 53 2.37 -35.35 -11.07
C GLU N 53 3.39 -34.39 -11.66
N ALA N 54 4.68 -34.69 -11.50
CA ALA N 54 5.72 -33.84 -12.06
C ALA N 54 5.60 -33.77 -13.58
N VAL N 55 5.21 -34.87 -14.21
CA VAL N 55 4.97 -34.84 -15.65
C VAL N 55 3.80 -33.93 -15.97
N LEU N 56 2.76 -33.97 -15.15
CA LEU N 56 1.57 -33.16 -15.40
C LEU N 56 1.89 -31.67 -15.37
N LEU N 57 2.73 -31.25 -14.42
CA LEU N 57 3.11 -29.84 -14.35
C LEU N 57 3.91 -29.42 -15.58
N ALA N 58 4.67 -30.34 -16.17
CA ALA N 58 5.40 -30.01 -17.39
C ALA N 58 4.46 -29.94 -18.59
N ILE N 59 3.46 -30.83 -18.65
CA ILE N 59 2.47 -30.79 -19.71
C ILE N 59 1.70 -29.47 -19.66
N GLU N 60 1.32 -29.03 -18.47
CA GLU N 60 0.60 -27.78 -18.32
C GLU N 60 1.50 -26.59 -18.67
N LEU N 61 2.79 -26.67 -18.34
CA LEU N 61 3.72 -25.64 -18.77
C LEU N 61 3.78 -25.54 -20.28
N MET N 62 3.65 -26.66 -20.98
CA MET N 62 3.65 -26.63 -22.44
C MET N 62 2.34 -26.07 -22.97
N VAL N 63 1.22 -26.38 -22.32
CA VAL N 63 -0.08 -25.93 -22.80
C VAL N 63 -0.20 -24.41 -22.68
N ARG N 64 0.17 -23.86 -21.52
CA ARG N 64 0.05 -22.41 -21.32
C ARG N 64 1.06 -21.64 -22.16
N ALA N 65 2.21 -22.22 -22.45
CA ALA N 65 3.18 -21.56 -23.32
C ALA N 65 2.73 -21.58 -24.78
N MET N 66 1.97 -22.59 -25.18
CA MET N 66 1.50 -22.68 -26.56
C MET N 66 0.22 -21.90 -26.79
N GLY N 67 -0.60 -21.75 -25.76
CA GLY N 67 -1.89 -21.08 -25.92
C GLY N 67 -2.99 -21.97 -26.44
N VAL N 68 -3.01 -23.24 -26.03
CA VAL N 68 -4.04 -24.17 -26.46
C VAL N 68 -4.88 -24.55 -25.25
N THR N 69 -5.93 -25.35 -25.47
CA THR N 69 -6.83 -25.74 -24.40
C THR N 69 -6.35 -27.03 -23.74
N MET N 70 -6.60 -27.13 -22.44
CA MET N 70 -6.20 -28.29 -21.66
C MET N 70 -7.38 -28.81 -20.86
N GLU N 71 -7.66 -30.10 -21.00
CA GLU N 71 -8.73 -30.78 -20.26
C GLU N 71 -8.17 -32.06 -19.68
N THR N 72 -8.23 -32.19 -18.36
CA THR N 72 -7.70 -33.35 -17.66
C THR N 72 -8.83 -34.14 -17.02
N HIS N 73 -8.63 -35.45 -16.90
CA HIS N 73 -9.61 -36.34 -16.30
C HIS N 73 -8.88 -37.49 -15.61
N ARG N 74 -9.40 -37.90 -14.46
CA ARG N 74 -8.76 -38.93 -13.65
C ARG N 74 -9.04 -40.32 -14.21
N SER N 75 -8.05 -41.20 -14.09
CA SER N 75 -8.14 -42.58 -14.56
C SER N 75 -7.72 -43.53 -13.44
N GLY N 76 -8.41 -43.45 -12.31
CA GLY N 76 -8.09 -44.27 -11.16
C GLY N 76 -6.79 -43.87 -10.49
N ASN N 77 -5.72 -44.59 -10.81
CA ASN N 77 -4.38 -44.25 -10.35
C ASN N 77 -3.54 -43.62 -11.46
N GLU N 78 -4.16 -43.27 -12.59
CA GLU N 78 -3.53 -42.61 -13.72
C GLU N 78 -4.26 -41.31 -14.01
N VAL N 79 -3.92 -40.68 -15.13
CA VAL N 79 -4.56 -39.41 -15.50
C VAL N 79 -4.58 -39.28 -17.02
N LYS N 80 -5.78 -39.10 -17.59
CA LYS N 80 -5.97 -38.91 -19.02
C LYS N 80 -6.23 -37.43 -19.29
N VAL N 81 -5.27 -36.76 -19.93
CA VAL N 81 -5.45 -35.37 -20.33
C VAL N 81 -5.56 -35.31 -21.84
N VAL N 82 -6.27 -34.30 -22.33
CA VAL N 82 -6.54 -34.10 -23.75
C VAL N 82 -6.22 -32.66 -24.11
N ILE N 83 -5.52 -32.46 -25.22
CA ILE N 83 -5.15 -31.13 -25.69
C ILE N 83 -5.80 -30.91 -27.04
N LYS N 84 -6.34 -29.71 -27.25
CA LYS N 84 -7.03 -29.37 -28.49
C LYS N 84 -6.41 -28.11 -29.08
N GLY N 85 -6.70 -27.88 -30.36
CA GLY N 85 -6.25 -26.67 -31.03
C GLY N 85 -4.80 -26.64 -31.42
N LEU N 86 -4.20 -27.79 -31.70
CA LEU N 86 -2.79 -27.86 -32.08
C LEU N 86 -2.65 -28.02 -33.58
N ASN N 87 -1.82 -27.18 -34.18
CA ASN N 87 -1.42 -27.39 -35.57
C ASN N 87 -0.36 -28.50 -35.61
N ILE N 88 0.08 -28.83 -36.83
CA ILE N 88 1.04 -29.93 -36.97
C ILE N 88 2.38 -29.56 -36.33
N ASP N 89 2.72 -28.28 -36.29
CA ASP N 89 3.96 -27.86 -35.65
C ASP N 89 3.87 -28.00 -34.12
N GLU N 90 2.68 -27.76 -33.55
CA GLU N 90 2.51 -27.93 -32.11
C GLU N 90 2.34 -29.39 -31.72
N GLN N 91 1.76 -30.22 -32.61
CA GLN N 91 1.64 -31.64 -32.30
C GLN N 91 3.00 -32.29 -32.12
N VAL N 92 4.02 -31.79 -32.82
CA VAL N 92 5.37 -32.29 -32.66
C VAL N 92 6.10 -31.60 -31.53
N ALA N 93 5.87 -30.30 -31.35
CA ALA N 93 6.52 -29.55 -30.27
C ALA N 93 6.04 -30.03 -28.90
N LEU N 94 4.72 -30.15 -28.74
CA LEU N 94 4.19 -30.72 -27.50
C LEU N 94 4.66 -32.15 -27.31
N TYR N 95 4.70 -32.93 -28.40
CA TYR N 95 5.17 -34.31 -28.30
C TYR N 95 6.61 -34.38 -27.80
N ARG N 96 7.47 -33.48 -28.27
CA ARG N 96 8.86 -33.49 -27.82
C ARG N 96 8.95 -33.21 -26.33
N ALA N 97 8.16 -32.25 -25.83
CA ALA N 97 8.16 -31.94 -24.42
C ALA N 97 7.61 -33.10 -23.59
N VAL N 98 6.56 -33.75 -24.09
CA VAL N 98 5.95 -34.85 -23.35
C VAL N 98 6.89 -36.04 -23.29
N ARG N 99 7.63 -36.30 -24.37
CA ARG N 99 8.54 -37.44 -24.38
C ARG N 99 9.77 -37.19 -23.53
N GLU N 100 10.37 -36.00 -23.64
CA GLU N 100 11.54 -35.68 -22.82
C GLU N 100 11.20 -35.73 -21.34
N THR N 101 10.08 -35.12 -20.96
CA THR N 101 9.64 -35.19 -19.57
C THR N 101 9.32 -36.62 -19.16
N SER N 102 8.79 -37.41 -20.09
CA SER N 102 8.47 -38.80 -19.78
C SER N 102 9.73 -39.60 -19.47
N LYS N 103 10.80 -39.38 -20.22
CA LYS N 103 12.01 -40.20 -20.06
C LYS N 103 12.80 -39.81 -18.82
N ILE N 104 13.13 -38.52 -18.67
CA ILE N 104 14.00 -38.10 -17.58
C ILE N 104 13.33 -38.18 -16.22
N MET N 105 12.01 -38.43 -16.18
CA MET N 105 11.32 -38.68 -14.92
C MET N 105 11.12 -40.16 -14.65
N GLY N 106 11.44 -41.04 -15.60
CA GLY N 106 11.22 -42.46 -15.42
C GLY N 106 9.75 -42.83 -15.33
N VAL N 107 8.90 -42.16 -16.09
CA VAL N 107 7.46 -42.38 -16.05
C VAL N 107 6.98 -42.73 -17.45
N GLU N 108 5.96 -43.59 -17.52
CA GLU N 108 5.36 -44.00 -18.78
C GLU N 108 4.08 -43.21 -19.00
N THR N 109 4.03 -42.46 -20.11
CA THR N 109 2.83 -41.74 -20.50
C THR N 109 2.01 -42.59 -21.47
N GLU N 110 0.91 -42.04 -21.99
CA GLU N 110 0.04 -42.74 -22.95
C GLU N 110 -0.58 -41.71 -23.89
N ILE N 111 0.23 -41.28 -24.88
CA ILE N 111 -0.15 -40.21 -25.80
C ILE N 111 -0.90 -40.81 -27.00
N GLU N 112 -1.72 -39.98 -27.65
CA GLU N 112 -2.49 -40.42 -28.81
C GLU N 112 -2.91 -39.21 -29.64
N VAL N 113 -2.32 -39.06 -30.81
CA VAL N 113 -2.58 -37.94 -31.71
C VAL N 113 -3.66 -38.33 -32.71
N GLU N 114 -4.61 -37.41 -32.94
CA GLU N 114 -5.68 -37.61 -33.92
C GLU N 114 -6.07 -36.22 -34.43
N GLY N 115 -5.33 -35.73 -35.42
CA GLY N 115 -5.59 -34.43 -35.99
C GLY N 115 -5.10 -33.28 -35.14
N ASP N 116 -6.02 -32.42 -34.71
CA ASP N 116 -5.71 -31.28 -33.85
C ASP N 116 -5.69 -31.65 -32.38
N THR N 117 -5.77 -32.93 -32.04
CA THR N 117 -5.93 -33.38 -30.67
C THR N 117 -4.83 -34.37 -30.32
N GLN N 118 -4.22 -34.18 -29.15
CA GLN N 118 -3.26 -35.12 -28.59
C GLN N 118 -3.72 -35.50 -27.19
N THR N 119 -4.01 -36.77 -26.99
CA THR N 119 -4.54 -37.28 -25.72
C THR N 119 -3.46 -38.12 -25.04
N ILE N 120 -2.78 -37.53 -24.06
CA ILE N 120 -1.67 -38.17 -23.37
C ILE N 120 -2.12 -38.56 -21.97
N VAL N 121 -1.64 -39.71 -21.51
CA VAL N 121 -2.12 -40.31 -20.26
C VAL N 121 -0.95 -40.76 -19.39
N VAL N 122 -0.57 -39.94 -18.42
CA VAL N 122 0.54 -40.27 -17.53
C VAL N 122 0.09 -41.36 -16.57
N ARG N 123 0.68 -42.55 -16.69
CA ARG N 123 0.31 -43.69 -15.86
C ARG N 123 1.44 -44.03 -14.90
N GLU N 124 1.07 -44.69 -13.81
CA GLU N 124 2.02 -45.09 -12.78
C GLU N 124 2.54 -46.51 -13.03
N LYS O 4 19.57 -18.90 -67.34
CA LYS O 4 19.02 -19.11 -66.00
C LYS O 4 18.47 -17.80 -65.45
N LYS O 5 18.87 -16.69 -66.07
CA LYS O 5 18.36 -15.39 -65.66
C LYS O 5 16.87 -15.25 -65.95
N GLU O 6 16.39 -15.88 -67.04
CA GLU O 6 14.97 -15.85 -67.37
C GLU O 6 14.17 -16.80 -66.48
N LEU O 7 14.77 -17.89 -66.04
CA LEU O 7 14.08 -18.82 -65.13
C LEU O 7 13.90 -18.24 -63.74
N ALA O 8 14.67 -17.21 -63.37
CA ALA O 8 14.50 -16.54 -62.09
C ALA O 8 13.48 -15.42 -62.13
N LYS O 9 13.12 -14.93 -63.32
CA LYS O 9 12.11 -13.90 -63.45
C LYS O 9 10.70 -14.46 -63.53
N GLU O 10 10.52 -15.63 -64.15
CA GLU O 10 9.21 -16.26 -64.19
C GLU O 10 8.75 -16.72 -62.81
N VAL O 11 9.70 -16.98 -61.89
CA VAL O 11 9.33 -17.35 -60.52
C VAL O 11 8.70 -16.15 -59.81
N ILE O 12 9.19 -14.95 -60.08
CA ILE O 12 8.62 -13.75 -59.46
C ILE O 12 7.29 -13.38 -60.11
N GLU O 13 7.09 -13.73 -61.39
CA GLU O 13 5.86 -13.37 -62.09
C GLU O 13 4.66 -14.13 -61.53
N THR O 14 4.73 -15.47 -61.55
CA THR O 14 3.60 -16.27 -61.07
C THR O 14 3.44 -16.20 -59.55
N ALA O 15 4.46 -15.71 -58.84
CA ALA O 15 4.34 -15.54 -57.39
C ALA O 15 3.57 -14.26 -57.05
N LYS O 16 3.93 -13.14 -57.69
CA LYS O 16 3.23 -11.89 -57.43
C LYS O 16 1.80 -11.93 -57.95
N LYS O 17 1.53 -12.74 -58.99
CA LYS O 17 0.16 -12.98 -59.40
C LYS O 17 -0.61 -13.80 -58.37
N LEU O 18 0.10 -14.68 -57.65
CA LEU O 18 -0.52 -15.42 -56.55
C LEU O 18 -0.74 -14.52 -55.34
N ILE O 19 0.05 -13.46 -55.19
CA ILE O 19 -0.16 -12.52 -54.10
C ILE O 19 -1.47 -11.77 -54.31
N GLU O 20 -1.78 -11.41 -55.56
CA GLU O 20 -3.01 -10.70 -55.86
C GLU O 20 -4.22 -11.63 -55.92
N LYS O 21 -4.03 -12.87 -56.38
CA LYS O 21 -5.14 -13.82 -56.44
C LYS O 21 -5.55 -14.28 -55.05
N LEU O 22 -4.58 -14.44 -54.14
CA LEU O 22 -4.91 -14.79 -52.77
C LEU O 22 -5.45 -13.61 -51.98
N ALA O 23 -5.00 -12.38 -52.32
CA ALA O 23 -5.53 -11.20 -51.66
C ALA O 23 -6.98 -10.94 -52.06
N LYS O 24 -7.37 -11.36 -53.26
CA LYS O 24 -8.76 -11.24 -53.69
C LYS O 24 -9.55 -12.47 -53.26
N GLU O 25 -10.62 -12.80 -53.99
CA GLU O 25 -11.47 -13.94 -53.68
C GLU O 25 -12.00 -13.90 -52.25
#